data_1NKL
#
_entry.id   1NKL
#
_cell.length_a   1.000
_cell.length_b   1.000
_cell.length_c   1.000
_cell.angle_alpha   90.00
_cell.angle_beta   90.00
_cell.angle_gamma   90.00
#
_symmetry.space_group_name_H-M   'P 1'
#
_entity_poly.entity_id   1
_entity_poly.type   'polypeptide(L)'
_entity_poly.pdbx_seq_one_letter_code
;GYFCESCRKIIQKLEDMVGPQPNEDTVTQAASQVCDKLKILRGLCKKIMRSFLRRISWDILTGKKPQAICVDIKICKE
;
_entity_poly.pdbx_strand_id   A
#
# COMPACT_ATOMS: atom_id res chain seq x y z
N GLY A 1 -7.46 3.55 13.08
CA GLY A 1 -8.81 3.01 13.33
C GLY A 1 -9.54 2.76 12.02
N TYR A 2 -10.21 1.62 11.82
CA TYR A 2 -10.68 1.04 10.53
C TYR A 2 -9.53 0.84 9.56
N PHE A 3 -8.83 1.91 9.23
CA PHE A 3 -7.62 2.02 8.43
C PHE A 3 -6.69 0.82 8.50
N CYS A 4 -6.49 0.16 9.65
CA CYS A 4 -5.58 -0.98 9.71
C CYS A 4 -6.05 -2.10 8.77
N GLU A 5 -7.34 -2.41 8.76
CA GLU A 5 -7.96 -3.36 7.84
C GLU A 5 -7.72 -2.84 6.43
N SER A 6 -8.10 -1.58 6.21
CA SER A 6 -8.05 -0.98 4.89
C SER A 6 -6.65 -1.05 4.30
N CYS A 7 -5.66 -0.57 5.04
CA CYS A 7 -4.25 -0.53 4.75
C CYS A 7 -3.73 -1.94 4.51
N ARG A 8 -4.05 -2.92 5.37
CA ARG A 8 -3.63 -4.30 5.15
C ARG A 8 -4.18 -4.82 3.82
N LYS A 9 -5.47 -4.65 3.55
CA LYS A 9 -6.10 -5.08 2.31
C LYS A 9 -5.44 -4.41 1.11
N ILE A 10 -5.25 -3.09 1.17
CA ILE A 10 -4.64 -2.26 0.14
C ILE A 10 -3.23 -2.79 -0.16
N ILE A 11 -2.35 -2.82 0.83
CA ILE A 11 -0.98 -3.29 0.68
C ILE A 11 -0.94 -4.73 0.17
N GLN A 12 -1.71 -5.64 0.75
CA GLN A 12 -1.65 -7.04 0.33
C GLN A 12 -2.05 -7.21 -1.13
N LYS A 13 -3.08 -6.51 -1.64
CA LYS A 13 -3.40 -6.61 -3.06
C LYS A 13 -2.26 -6.06 -3.92
N LEU A 14 -1.53 -5.06 -3.42
CA LEU A 14 -0.42 -4.41 -4.11
C LEU A 14 0.75 -5.40 -4.20
N GLU A 15 1.11 -5.98 -3.06
CA GLU A 15 2.15 -6.97 -2.85
C GLU A 15 1.91 -8.15 -3.80
N ASP A 16 0.71 -8.72 -3.77
CA ASP A 16 0.23 -9.77 -4.67
C ASP A 16 0.35 -9.35 -6.14
N MET A 17 -0.06 -8.12 -6.50
CA MET A 17 0.03 -7.63 -7.87
C MET A 17 1.47 -7.48 -8.35
N VAL A 18 2.28 -6.65 -7.67
CA VAL A 18 3.62 -6.36 -8.14
C VAL A 18 4.48 -7.64 -8.17
N GLY A 19 4.21 -8.57 -7.25
CA GLY A 19 4.95 -9.81 -7.11
C GLY A 19 6.27 -9.61 -6.35
N PRO A 20 7.19 -10.58 -6.42
CA PRO A 20 8.45 -10.52 -5.70
C PRO A 20 9.39 -9.49 -6.33
N GLN A 21 10.41 -9.16 -5.56
CA GLN A 21 11.52 -8.22 -5.78
C GLN A 21 11.20 -7.16 -6.87
N PRO A 22 10.23 -6.25 -6.63
CA PRO A 22 9.84 -5.24 -7.59
C PRO A 22 10.85 -4.07 -7.58
N ASN A 23 10.55 -2.99 -8.31
CA ASN A 23 11.40 -1.80 -8.44
C ASN A 23 10.51 -0.56 -8.38
N GLU A 24 11.11 0.56 -7.98
CA GLU A 24 10.51 1.87 -7.70
C GLU A 24 9.41 2.30 -8.68
N ASP A 25 9.59 2.09 -9.99
CA ASP A 25 8.56 2.46 -10.97
C ASP A 25 7.40 1.49 -10.86
N THR A 26 7.66 0.18 -11.03
CA THR A 26 6.63 -0.83 -11.07
C THR A 26 5.79 -0.77 -9.79
N VAL A 27 6.39 -0.49 -8.62
CA VAL A 27 5.62 -0.30 -7.40
C VAL A 27 4.77 0.97 -7.52
N THR A 28 5.32 2.09 -7.98
CA THR A 28 4.60 3.35 -8.18
C THR A 28 3.37 3.14 -9.08
N GLN A 29 3.53 2.53 -10.27
CA GLN A 29 2.41 2.30 -11.17
C GLN A 29 1.46 1.26 -10.58
N ALA A 30 1.98 0.11 -10.12
CA ALA A 30 1.15 -0.97 -9.60
C ALA A 30 0.35 -0.51 -8.40
N ALA A 31 0.85 0.40 -7.56
CA ALA A 31 0.16 0.94 -6.40
C ALA A 31 -0.81 2.04 -6.77
N SER A 32 -0.42 3.05 -7.56
CA SER A 32 -1.38 4.08 -7.96
C SER A 32 -2.59 3.46 -8.64
N GLN A 33 -2.38 2.34 -9.33
CA GLN A 33 -3.41 1.53 -9.95
C GLN A 33 -3.93 0.41 -9.04
N VAL A 34 -3.23 0.00 -7.96
CA VAL A 34 -3.74 -1.00 -7.00
C VAL A 34 -5.05 -0.40 -6.48
N CYS A 35 -4.97 0.90 -6.17
CA CYS A 35 -6.03 1.68 -5.61
C CYS A 35 -7.12 1.86 -6.64
N ASP A 36 -6.73 2.27 -7.84
CA ASP A 36 -7.64 2.51 -8.94
C ASP A 36 -8.54 1.27 -9.14
N LYS A 37 -7.91 0.09 -9.13
CA LYS A 37 -8.49 -1.24 -9.36
C LYS A 37 -9.33 -1.69 -8.17
N LEU A 38 -8.90 -1.41 -6.93
CA LEU A 38 -9.60 -1.80 -5.72
C LEU A 38 -10.84 -0.91 -5.60
N LYS A 39 -12.00 -1.40 -6.05
CA LYS A 39 -13.20 -0.56 -6.06
C LYS A 39 -13.75 -0.51 -4.64
N ILE A 40 -14.61 0.47 -4.36
CA ILE A 40 -15.15 0.82 -3.04
C ILE A 40 -14.03 1.53 -2.28
N LEU A 41 -12.94 0.83 -1.98
CA LEU A 41 -11.84 1.34 -1.15
C LEU A 41 -10.85 2.19 -1.97
N ARG A 42 -11.23 2.56 -3.19
CA ARG A 42 -10.45 3.26 -4.21
C ARG A 42 -9.97 4.59 -3.64
N GLY A 43 -10.89 5.40 -3.12
CA GLY A 43 -10.56 6.71 -2.59
C GLY A 43 -9.55 6.66 -1.45
N LEU A 44 -9.70 5.68 -0.54
CA LEU A 44 -8.87 5.56 0.66
C LEU A 44 -7.44 5.29 0.21
N CYS A 45 -7.25 4.24 -0.61
CA CYS A 45 -6.00 3.90 -1.23
C CYS A 45 -5.40 5.07 -2.01
N LYS A 46 -6.11 5.67 -3.00
CA LYS A 46 -5.52 6.76 -3.79
C LYS A 46 -5.05 7.89 -2.86
N LYS A 47 -5.79 8.21 -1.78
CA LYS A 47 -5.33 9.21 -0.81
C LYS A 47 -4.05 8.76 -0.09
N ILE A 48 -3.97 7.52 0.42
CA ILE A 48 -2.75 7.00 1.07
C ILE A 48 -1.59 7.17 0.09
N MET A 49 -1.72 6.67 -1.13
CA MET A 49 -0.67 6.73 -2.14
C MET A 49 -0.28 8.19 -2.42
N ARG A 50 -1.22 9.13 -2.57
CA ARG A 50 -0.84 10.54 -2.75
C ARG A 50 -0.03 11.05 -1.57
N SER A 51 -0.44 10.71 -0.35
CA SER A 51 0.15 11.22 0.88
C SER A 51 1.47 10.53 1.27
N PHE A 52 1.72 9.31 0.81
CA PHE A 52 2.88 8.50 1.24
C PHE A 52 3.41 7.67 0.06
N LEU A 53 3.46 8.19 -1.17
CA LEU A 53 3.81 7.39 -2.34
C LEU A 53 5.18 6.72 -2.21
N ARG A 54 6.27 7.50 -2.09
CA ARG A 54 7.58 6.89 -2.11
C ARG A 54 7.80 6.06 -0.82
N ARG A 55 7.01 6.29 0.26
CA ARG A 55 7.06 5.44 1.43
C ARG A 55 6.47 4.09 1.02
N ILE A 56 5.26 4.03 0.44
CA ILE A 56 4.68 2.73 0.05
C ILE A 56 5.60 2.00 -0.92
N SER A 57 6.43 2.73 -1.68
CA SER A 57 7.43 2.10 -2.54
C SER A 57 8.49 1.43 -1.65
N TRP A 58 9.15 2.16 -0.74
CA TRP A 58 10.12 1.58 0.21
C TRP A 58 9.54 0.36 0.91
N ASP A 59 8.32 0.48 1.44
CA ASP A 59 7.63 -0.57 2.16
C ASP A 59 7.61 -1.88 1.38
N ILE A 60 7.04 -1.85 0.17
CA ILE A 60 7.01 -2.97 -0.75
C ILE A 60 8.42 -3.41 -1.17
N LEU A 61 9.33 -2.48 -1.49
CA LEU A 61 10.71 -2.80 -1.92
C LEU A 61 11.46 -3.57 -0.83
N THR A 62 11.22 -3.26 0.45
CA THR A 62 11.79 -3.98 1.59
C THR A 62 10.97 -5.22 1.97
N GLY A 63 9.99 -5.60 1.14
CA GLY A 63 9.02 -6.66 1.35
C GLY A 63 8.52 -6.69 2.79
N LYS A 64 8.14 -5.55 3.35
CA LYS A 64 7.78 -5.46 4.76
C LYS A 64 6.32 -5.81 4.84
N LYS A 65 5.94 -6.52 5.91
CA LYS A 65 4.57 -7.02 6.02
C LYS A 65 3.58 -5.89 6.28
N PRO A 66 2.28 -6.08 5.98
CA PRO A 66 1.25 -5.05 6.05
C PRO A 66 1.03 -4.53 7.46
N GLN A 67 0.87 -5.42 8.45
CA GLN A 67 0.71 -5.02 9.84
C GLN A 67 1.84 -4.08 10.25
N ALA A 68 3.07 -4.37 9.81
CA ALA A 68 4.22 -3.59 10.22
C ALA A 68 4.24 -2.29 9.42
N ILE A 69 3.88 -2.29 8.13
CA ILE A 69 3.81 -1.07 7.34
C ILE A 69 2.78 -0.09 7.93
N CYS A 70 1.55 -0.54 8.14
CA CYS A 70 0.46 0.27 8.67
C CYS A 70 0.77 0.79 10.06
N VAL A 71 1.43 0.01 10.93
CA VAL A 71 1.86 0.54 12.22
C VAL A 71 2.94 1.60 11.96
N ASP A 72 3.99 1.28 11.18
CA ASP A 72 5.18 2.13 10.93
C ASP A 72 4.81 3.53 10.48
N ILE A 73 4.06 3.65 9.37
CA ILE A 73 3.71 4.96 8.82
C ILE A 73 2.51 5.59 9.55
N LYS A 74 2.00 4.92 10.58
CA LYS A 74 0.98 5.30 11.53
C LYS A 74 -0.39 5.48 10.88
N ILE A 75 -0.98 4.34 10.55
CA ILE A 75 -2.29 4.17 9.92
C ILE A 75 -3.11 3.12 10.69
N CYS A 76 -2.50 2.23 11.47
CA CYS A 76 -3.23 1.14 12.09
C CYS A 76 -3.95 1.55 13.39
N LYS A 77 -3.26 1.33 14.51
CA LYS A 77 -3.59 1.45 15.92
C LYS A 77 -2.33 0.83 16.50
N GLU A 78 -1.26 1.62 16.55
CA GLU A 78 0.04 1.22 17.07
C GLU A 78 -0.19 0.61 18.45
N GLY A 1 -7.74 1.46 14.47
CA GLY A 1 -8.91 2.00 13.74
C GLY A 1 -9.27 1.10 12.57
N TYR A 2 -10.43 1.34 11.92
CA TYR A 2 -10.80 0.79 10.60
C TYR A 2 -9.64 0.81 9.62
N PHE A 3 -8.88 1.91 9.64
CA PHE A 3 -7.66 2.08 8.87
C PHE A 3 -6.76 0.85 8.87
N CYS A 4 -6.59 0.12 9.98
CA CYS A 4 -5.68 -1.03 10.02
C CYS A 4 -6.08 -2.11 9.01
N GLU A 5 -7.38 -2.49 8.99
CA GLU A 5 -7.93 -3.47 8.07
C GLU A 5 -7.65 -3.02 6.64
N SER A 6 -8.15 -1.84 6.29
CA SER A 6 -8.07 -1.36 4.94
C SER A 6 -6.62 -1.12 4.52
N CYS A 7 -5.75 -0.62 5.40
CA CYS A 7 -4.32 -0.49 5.14
C CYS A 7 -3.74 -1.86 4.81
N ARG A 8 -3.97 -2.89 5.64
CA ARG A 8 -3.51 -4.24 5.38
C ARG A 8 -4.02 -4.71 4.03
N LYS A 9 -5.30 -4.50 3.72
CA LYS A 9 -5.89 -4.85 2.43
C LYS A 9 -5.21 -4.11 1.29
N ILE A 10 -4.99 -2.79 1.40
CA ILE A 10 -4.38 -1.96 0.36
C ILE A 10 -2.96 -2.46 0.08
N ILE A 11 -2.13 -2.63 1.11
CA ILE A 11 -0.78 -3.15 0.98
C ILE A 11 -0.81 -4.55 0.37
N GLN A 12 -1.57 -5.49 0.93
CA GLN A 12 -1.59 -6.86 0.44
C GLN A 12 -2.04 -6.93 -1.01
N LYS A 13 -3.01 -6.10 -1.42
CA LYS A 13 -3.47 -6.13 -2.79
C LYS A 13 -2.36 -5.52 -3.68
N LEU A 14 -1.51 -4.60 -3.19
CA LEU A 14 -0.36 -4.11 -3.99
C LEU A 14 0.66 -5.23 -4.12
N GLU A 15 0.88 -5.98 -3.03
CA GLU A 15 1.79 -7.12 -2.95
C GLU A 15 1.33 -8.11 -4.05
N ASP A 16 0.02 -8.43 -4.11
CA ASP A 16 -0.65 -9.23 -5.16
C ASP A 16 -0.34 -8.76 -6.57
N MET A 17 -0.26 -7.46 -6.78
CA MET A 17 -0.05 -6.90 -8.10
C MET A 17 1.41 -6.91 -8.51
N VAL A 18 2.26 -6.23 -7.74
CA VAL A 18 3.67 -6.13 -8.13
C VAL A 18 4.28 -7.55 -8.15
N GLY A 19 3.89 -8.38 -7.18
CA GLY A 19 4.36 -9.75 -7.05
C GLY A 19 5.76 -9.74 -6.41
N PRO A 20 6.70 -10.58 -6.88
CA PRO A 20 8.03 -10.71 -6.30
C PRO A 20 8.91 -9.48 -6.59
N GLN A 21 10.09 -9.51 -5.97
CA GLN A 21 11.25 -8.59 -6.03
C GLN A 21 11.04 -7.40 -6.99
N PRO A 22 10.31 -6.35 -6.57
CA PRO A 22 9.95 -5.24 -7.43
C PRO A 22 11.02 -4.14 -7.41
N ASN A 23 10.76 -3.05 -8.14
CA ASN A 23 11.57 -1.83 -8.16
C ASN A 23 10.63 -0.63 -8.17
N GLU A 24 11.14 0.55 -7.78
CA GLU A 24 10.42 1.80 -7.59
C GLU A 24 9.37 2.12 -8.67
N ASP A 25 9.67 1.88 -9.95
CA ASP A 25 8.70 2.11 -11.03
C ASP A 25 7.58 1.09 -10.91
N THR A 26 7.93 -0.19 -10.96
CA THR A 26 6.96 -1.26 -10.99
C THR A 26 6.03 -1.17 -9.77
N VAL A 27 6.54 -0.79 -8.60
CA VAL A 27 5.69 -0.54 -7.45
C VAL A 27 4.78 0.66 -7.74
N THR A 28 5.30 1.78 -8.24
CA THR A 28 4.53 2.99 -8.54
C THR A 28 3.40 2.72 -9.55
N GLN A 29 3.65 1.99 -10.65
CA GLN A 29 2.60 1.65 -11.59
C GLN A 29 1.61 0.67 -10.93
N ALA A 30 2.09 -0.41 -10.31
CA ALA A 30 1.24 -1.39 -9.65
C ALA A 30 0.37 -0.75 -8.56
N ALA A 31 0.86 0.30 -7.87
CA ALA A 31 0.21 1.04 -6.80
C ALA A 31 -0.78 2.07 -7.35
N SER A 32 -0.41 2.89 -8.33
CA SER A 32 -1.38 3.79 -8.95
C SER A 32 -2.58 2.99 -9.49
N GLN A 33 -2.34 1.74 -9.90
CA GLN A 33 -3.36 0.79 -10.30
C GLN A 33 -3.87 -0.02 -9.11
N VAL A 34 -3.16 -0.11 -7.97
CA VAL A 34 -3.64 -0.91 -6.83
C VAL A 34 -4.95 -0.30 -6.39
N CYS A 35 -4.95 1.02 -6.32
CA CYS A 35 -6.12 1.77 -5.98
C CYS A 35 -7.13 1.65 -7.12
N ASP A 36 -6.71 1.86 -8.37
CA ASP A 36 -7.64 1.77 -9.51
C ASP A 36 -8.44 0.44 -9.51
N LYS A 37 -7.74 -0.70 -9.35
CA LYS A 37 -8.24 -2.08 -9.39
C LYS A 37 -9.03 -2.33 -8.09
N LEU A 38 -8.61 -1.79 -6.94
CA LEU A 38 -9.40 -1.88 -5.70
C LEU A 38 -10.60 -0.93 -5.85
N LYS A 39 -11.74 -1.44 -6.32
CA LYS A 39 -12.94 -0.61 -6.36
C LYS A 39 -13.51 -0.57 -4.94
N ILE A 40 -14.35 0.42 -4.64
CA ILE A 40 -14.90 0.74 -3.32
C ILE A 40 -13.76 1.40 -2.52
N LEU A 41 -12.65 0.69 -2.29
CA LEU A 41 -11.54 1.15 -1.45
C LEU A 41 -10.57 2.06 -2.24
N ARG A 42 -11.03 2.54 -3.41
CA ARG A 42 -10.35 3.41 -4.34
C ARG A 42 -9.98 4.71 -3.62
N GLY A 43 -10.94 5.30 -2.90
CA GLY A 43 -10.80 6.59 -2.24
C GLY A 43 -9.64 6.61 -1.26
N LEU A 44 -9.66 5.73 -0.25
CA LEU A 44 -8.66 5.74 0.81
C LEU A 44 -7.27 5.50 0.20
N CYS A 45 -7.16 4.49 -0.67
CA CYS A 45 -5.93 4.16 -1.38
C CYS A 45 -5.32 5.38 -2.08
N LYS A 46 -6.02 6.04 -3.02
CA LYS A 46 -5.41 7.19 -3.72
C LYS A 46 -5.03 8.29 -2.70
N LYS A 47 -5.86 8.54 -1.67
CA LYS A 47 -5.57 9.54 -0.63
C LYS A 47 -4.28 9.21 0.12
N ILE A 48 -4.09 7.96 0.58
CA ILE A 48 -2.85 7.52 1.21
C ILE A 48 -1.72 7.82 0.23
N MET A 49 -1.77 7.28 -0.97
CA MET A 49 -0.68 7.39 -1.95
C MET A 49 -0.36 8.84 -2.31
N ARG A 50 -1.26 9.82 -2.19
CA ARG A 50 -0.87 11.21 -2.42
C ARG A 50 0.19 11.63 -1.40
N SER A 51 -0.09 11.41 -0.12
CA SER A 51 0.81 11.82 0.97
C SER A 51 1.91 10.77 1.25
N PHE A 52 1.77 9.55 0.75
CA PHE A 52 2.67 8.43 1.05
C PHE A 52 3.09 7.71 -0.23
N LEU A 53 3.35 8.43 -1.34
CA LEU A 53 3.64 7.78 -2.63
C LEU A 53 4.90 6.92 -2.51
N ARG A 54 6.07 7.56 -2.39
CA ARG A 54 7.34 6.85 -2.27
C ARG A 54 7.41 6.08 -0.96
N ARG A 55 6.58 6.44 0.03
CA ARG A 55 6.50 5.68 1.26
C ARG A 55 5.97 4.27 0.97
N ILE A 56 4.82 4.12 0.33
CA ILE A 56 4.31 2.79 0.03
C ILE A 56 5.31 2.04 -0.88
N SER A 57 6.12 2.75 -1.67
CA SER A 57 7.15 2.13 -2.46
C SER A 57 8.22 1.56 -1.52
N TRP A 58 8.86 2.36 -0.66
CA TRP A 58 9.82 1.86 0.35
C TRP A 58 9.24 0.66 1.09
N ASP A 59 7.99 0.77 1.56
CA ASP A 59 7.31 -0.29 2.28
C ASP A 59 7.37 -1.62 1.53
N ILE A 60 6.88 -1.67 0.29
CA ILE A 60 7.00 -2.84 -0.59
C ILE A 60 8.45 -3.21 -0.91
N LEU A 61 9.32 -2.25 -1.25
CA LEU A 61 10.71 -2.49 -1.65
C LEU A 61 11.50 -3.16 -0.53
N THR A 62 11.26 -2.79 0.72
CA THR A 62 11.86 -3.45 1.89
C THR A 62 11.14 -4.77 2.24
N GLY A 63 10.26 -5.25 1.35
CA GLY A 63 9.38 -6.40 1.50
C GLY A 63 8.83 -6.44 2.91
N LYS A 64 8.31 -5.31 3.40
CA LYS A 64 7.91 -5.24 4.80
C LYS A 64 6.47 -5.72 4.83
N LYS A 65 6.13 -6.45 5.89
CA LYS A 65 4.81 -7.08 5.96
C LYS A 65 3.73 -6.03 6.21
N PRO A 66 2.46 -6.32 5.88
CA PRO A 66 1.38 -5.35 5.95
C PRO A 66 1.08 -4.89 7.37
N GLN A 67 0.95 -5.83 8.32
CA GLN A 67 0.68 -5.49 9.71
C GLN A 67 1.79 -4.63 10.31
N ALA A 68 3.02 -4.76 9.80
CA ALA A 68 4.12 -3.90 10.21
C ALA A 68 3.96 -2.56 9.50
N ILE A 69 3.76 -2.54 8.17
CA ILE A 69 3.62 -1.30 7.38
C ILE A 69 2.58 -0.37 8.03
N CYS A 70 1.40 -0.88 8.37
CA CYS A 70 0.38 -0.03 8.97
C CYS A 70 0.84 0.59 10.28
N VAL A 71 1.56 -0.11 11.15
CA VAL A 71 2.11 0.50 12.37
C VAL A 71 3.28 1.47 12.04
N ASP A 72 4.18 1.06 11.13
CA ASP A 72 5.35 1.73 10.58
C ASP A 72 5.10 3.16 10.09
N ILE A 73 4.09 3.39 9.24
CA ILE A 73 3.68 4.74 8.80
C ILE A 73 2.60 5.39 9.68
N LYS A 74 2.18 4.63 10.69
CA LYS A 74 1.28 4.92 11.80
C LYS A 74 -0.17 5.14 11.35
N ILE A 75 -0.85 4.04 11.07
CA ILE A 75 -2.20 3.94 10.51
C ILE A 75 -3.05 2.88 11.23
N CYS A 76 -2.47 1.91 11.94
CA CYS A 76 -3.20 0.80 12.53
C CYS A 76 -3.84 1.15 13.89
N LYS A 77 -3.09 1.04 14.99
CA LYS A 77 -3.55 1.36 16.34
C LYS A 77 -2.43 1.86 17.24
N GLU A 78 -1.78 2.91 16.77
CA GLU A 78 -0.78 3.65 17.49
C GLU A 78 -1.66 4.72 18.13
N GLY A 1 -7.58 2.43 14.18
CA GLY A 1 -8.84 2.75 13.46
C GLY A 1 -9.08 1.75 12.32
N TYR A 2 -10.24 1.85 11.62
CA TYR A 2 -10.53 0.99 10.45
C TYR A 2 -9.37 1.01 9.45
N PHE A 3 -8.67 2.14 9.35
CA PHE A 3 -7.46 2.34 8.56
C PHE A 3 -6.51 1.14 8.58
N CYS A 4 -6.32 0.45 9.71
CA CYS A 4 -5.44 -0.72 9.76
C CYS A 4 -5.86 -1.76 8.71
N GLU A 5 -7.13 -2.13 8.70
CA GLU A 5 -7.70 -3.09 7.77
C GLU A 5 -7.57 -2.52 6.36
N SER A 6 -8.01 -1.27 6.16
CA SER A 6 -7.99 -0.61 4.87
C SER A 6 -6.59 -0.69 4.26
N CYS A 7 -5.59 -0.29 5.04
CA CYS A 7 -4.17 -0.30 4.72
C CYS A 7 -3.69 -1.72 4.42
N ARG A 8 -4.01 -2.69 5.28
CA ARG A 8 -3.60 -4.07 5.04
C ARG A 8 -4.16 -4.53 3.70
N LYS A 9 -5.45 -4.34 3.43
CA LYS A 9 -6.10 -4.69 2.17
C LYS A 9 -5.39 -4.02 0.99
N ILE A 10 -5.13 -2.71 1.09
CA ILE A 10 -4.46 -1.92 0.06
C ILE A 10 -3.08 -2.52 -0.25
N ILE A 11 -2.22 -2.65 0.76
CA ILE A 11 -0.88 -3.17 0.56
C ILE A 11 -0.96 -4.61 0.06
N GLN A 12 -1.79 -5.49 0.65
CA GLN A 12 -1.81 -6.91 0.26
C GLN A 12 -2.09 -7.06 -1.22
N LYS A 13 -3.06 -6.33 -1.80
CA LYS A 13 -3.31 -6.46 -3.23
C LYS A 13 -2.18 -5.83 -4.06
N LEU A 14 -1.49 -4.80 -3.55
CA LEU A 14 -0.32 -4.25 -4.24
C LEU A 14 0.82 -5.26 -4.27
N GLU A 15 1.09 -5.87 -3.12
CA GLU A 15 2.13 -6.85 -2.86
C GLU A 15 1.90 -8.07 -3.76
N ASP A 16 0.66 -8.55 -3.81
CA ASP A 16 0.17 -9.61 -4.70
C ASP A 16 0.40 -9.23 -6.16
N MET A 17 0.02 -8.02 -6.56
CA MET A 17 0.08 -7.60 -7.95
C MET A 17 1.50 -7.36 -8.43
N VAL A 18 2.27 -6.49 -7.76
CA VAL A 18 3.64 -6.24 -8.18
C VAL A 18 4.48 -7.52 -8.11
N GLY A 19 4.15 -8.41 -7.16
CA GLY A 19 4.87 -9.62 -6.86
C GLY A 19 6.03 -9.37 -5.89
N PRO A 20 6.82 -10.41 -5.55
CA PRO A 20 7.96 -10.28 -4.68
C PRO A 20 9.11 -9.59 -5.42
N GLN A 21 10.01 -9.08 -4.60
CA GLN A 21 11.22 -8.31 -4.95
C GLN A 21 11.03 -7.43 -6.21
N PRO A 22 10.08 -6.48 -6.19
CA PRO A 22 9.83 -5.60 -7.32
C PRO A 22 10.88 -4.47 -7.36
N ASN A 23 10.58 -3.40 -8.10
CA ASN A 23 11.43 -2.26 -8.36
C ASN A 23 10.54 -1.01 -8.26
N GLU A 24 11.11 0.07 -7.73
CA GLU A 24 10.45 1.32 -7.41
C GLU A 24 9.45 1.85 -8.44
N ASP A 25 9.78 1.74 -9.73
CA ASP A 25 8.85 2.16 -10.80
C ASP A 25 7.59 1.33 -10.74
N THR A 26 7.75 0.02 -10.91
CA THR A 26 6.64 -0.91 -11.03
C THR A 26 5.78 -0.87 -9.77
N VAL A 27 6.36 -0.65 -8.58
CA VAL A 27 5.56 -0.47 -7.37
C VAL A 27 4.74 0.81 -7.50
N THR A 28 5.37 1.92 -7.88
CA THR A 28 4.73 3.23 -8.00
C THR A 28 3.56 3.17 -9.00
N GLN A 29 3.78 2.64 -10.22
CA GLN A 29 2.73 2.56 -11.21
C GLN A 29 1.67 1.55 -10.76
N ALA A 30 2.06 0.34 -10.36
CA ALA A 30 1.11 -0.71 -10.01
C ALA A 30 0.22 -0.26 -8.87
N ALA A 31 0.72 0.53 -7.92
CA ALA A 31 -0.04 1.14 -6.84
C ALA A 31 -1.03 2.18 -7.37
N SER A 32 -0.63 3.09 -8.25
CA SER A 32 -1.58 4.05 -8.81
C SER A 32 -2.80 3.34 -9.43
N GLN A 33 -2.59 2.13 -9.97
CA GLN A 33 -3.67 1.30 -10.48
C GLN A 33 -4.25 0.42 -9.38
N VAL A 34 -3.50 0.02 -8.33
CA VAL A 34 -4.00 -0.92 -7.30
C VAL A 34 -5.20 -0.24 -6.67
N CYS A 35 -5.07 1.08 -6.46
CA CYS A 35 -6.08 1.91 -5.87
C CYS A 35 -7.25 2.02 -6.81
N ASP A 36 -7.00 2.47 -8.04
CA ASP A 36 -8.08 2.61 -9.01
C ASP A 36 -8.94 1.34 -9.15
N LYS A 37 -8.26 0.19 -9.18
CA LYS A 37 -8.74 -1.18 -9.42
C LYS A 37 -9.51 -1.72 -8.21
N LEU A 38 -9.07 -1.40 -6.99
CA LEU A 38 -9.74 -1.86 -5.76
C LEU A 38 -11.03 -1.07 -5.63
N LYS A 39 -12.17 -1.69 -5.94
CA LYS A 39 -13.46 -1.01 -5.87
C LYS A 39 -13.90 -0.94 -4.40
N ILE A 40 -14.91 -0.10 -4.12
CA ILE A 40 -15.42 0.25 -2.79
C ILE A 40 -14.35 1.07 -2.06
N LEU A 41 -13.23 0.46 -1.69
CA LEU A 41 -12.17 1.05 -0.86
C LEU A 41 -11.19 1.90 -1.72
N ARG A 42 -11.62 2.27 -2.94
CA ARG A 42 -10.87 2.95 -3.99
C ARG A 42 -10.33 4.28 -3.49
N GLY A 43 -11.20 5.10 -2.88
CA GLY A 43 -10.85 6.43 -2.41
C GLY A 43 -9.73 6.43 -1.37
N LEU A 44 -9.74 5.48 -0.43
CA LEU A 44 -8.80 5.49 0.67
C LEU A 44 -7.39 5.26 0.13
N CYS A 45 -7.22 4.29 -0.77
CA CYS A 45 -5.97 4.04 -1.46
C CYS A 45 -5.48 5.30 -2.19
N LYS A 46 -6.34 6.02 -2.94
CA LYS A 46 -5.92 7.31 -3.53
C LYS A 46 -5.28 8.23 -2.48
N LYS A 47 -5.86 8.40 -1.29
CA LYS A 47 -5.18 9.19 -0.25
C LYS A 47 -3.85 8.53 0.13
N ILE A 48 -3.80 7.24 0.41
CA ILE A 48 -2.57 6.59 0.91
C ILE A 48 -1.44 6.88 -0.06
N MET A 49 -1.66 6.72 -1.36
CA MET A 49 -0.63 7.00 -2.36
C MET A 49 -0.31 8.50 -2.38
N ARG A 50 -1.27 9.40 -2.61
CA ARG A 50 -0.95 10.83 -2.77
C ARG A 50 -0.24 11.36 -1.52
N SER A 51 -0.63 10.86 -0.34
CA SER A 51 -0.12 11.26 0.95
C SER A 51 1.23 10.62 1.30
N PHE A 52 1.53 9.38 0.84
CA PHE A 52 2.73 8.66 1.27
C PHE A 52 3.36 7.81 0.14
N LEU A 53 3.39 8.26 -1.12
CA LEU A 53 3.84 7.44 -2.26
C LEU A 53 5.27 6.94 -2.07
N ARG A 54 6.23 7.85 -1.91
CA ARG A 54 7.63 7.49 -1.66
C ARG A 54 7.78 6.46 -0.53
N ARG A 55 6.95 6.51 0.53
CA ARG A 55 7.01 5.50 1.57
C ARG A 55 6.50 4.17 1.00
N ILE A 56 5.36 4.11 0.33
CA ILE A 56 4.80 2.83 -0.12
C ILE A 56 5.79 2.06 -1.02
N SER A 57 6.68 2.73 -1.73
CA SER A 57 7.73 2.06 -2.50
C SER A 57 8.72 1.41 -1.54
N TRP A 58 9.35 2.18 -0.63
CA TRP A 58 10.24 1.65 0.42
C TRP A 58 9.61 0.43 1.09
N ASP A 59 8.33 0.55 1.46
CA ASP A 59 7.57 -0.50 2.11
C ASP A 59 7.68 -1.82 1.35
N ILE A 60 7.23 -1.85 0.09
CA ILE A 60 7.26 -3.08 -0.69
C ILE A 60 8.72 -3.54 -0.87
N LEU A 61 9.63 -2.63 -1.23
CA LEU A 61 11.03 -2.92 -1.54
C LEU A 61 11.77 -3.56 -0.37
N THR A 62 11.53 -3.09 0.86
CA THR A 62 12.12 -3.70 2.06
C THR A 62 11.36 -4.98 2.48
N GLY A 63 10.50 -5.51 1.60
CA GLY A 63 9.59 -6.62 1.81
C GLY A 63 8.93 -6.55 3.18
N LYS A 64 8.41 -5.38 3.56
CA LYS A 64 7.93 -5.28 4.93
C LYS A 64 6.49 -5.76 4.82
N LYS A 65 6.06 -6.49 5.84
CA LYS A 65 4.74 -7.11 5.76
C LYS A 65 3.68 -6.01 5.88
N PRO A 66 2.44 -6.23 5.41
CA PRO A 66 1.40 -5.20 5.36
C PRO A 66 1.04 -4.71 6.75
N GLN A 67 0.79 -5.62 7.68
CA GLN A 67 0.42 -5.30 9.05
C GLN A 67 1.49 -4.40 9.67
N ALA A 68 2.77 -4.66 9.39
CA ALA A 68 3.88 -3.88 9.92
C ALA A 68 4.04 -2.56 9.15
N ILE A 69 3.75 -2.52 7.84
CA ILE A 69 3.76 -1.28 7.06
C ILE A 69 2.83 -0.27 7.73
N CYS A 70 1.55 -0.61 7.86
CA CYS A 70 0.52 0.18 8.52
C CYS A 70 0.97 0.62 9.92
N VAL A 71 1.66 -0.20 10.72
CA VAL A 71 2.19 0.31 11.99
C VAL A 71 3.29 1.36 11.73
N ASP A 72 4.30 1.07 10.89
CA ASP A 72 5.48 1.88 10.61
C ASP A 72 5.14 3.30 10.09
N ILE A 73 4.26 3.40 9.10
CA ILE A 73 3.76 4.68 8.60
C ILE A 73 2.60 5.28 9.42
N LYS A 74 2.21 4.59 10.49
CA LYS A 74 1.26 4.93 11.52
C LYS A 74 -0.13 5.13 10.95
N ILE A 75 -0.81 4.00 10.74
CA ILE A 75 -2.09 3.88 10.09
C ILE A 75 -3.01 2.98 10.93
N CYS A 76 -2.44 2.07 11.71
CA CYS A 76 -3.16 1.05 12.45
C CYS A 76 -3.75 1.48 13.80
N LYS A 77 -3.08 1.04 14.85
CA LYS A 77 -3.29 1.08 16.28
C LYS A 77 -1.95 0.51 16.72
N GLU A 78 -0.93 1.34 16.79
CA GLU A 78 0.35 0.92 17.34
C GLU A 78 0.00 0.55 18.80
N GLY A 1 -7.80 4.13 13.41
CA GLY A 1 -9.05 3.36 13.50
C GLY A 1 -9.67 3.07 12.14
N TYR A 2 -10.19 1.85 11.89
CA TYR A 2 -10.62 1.27 10.58
C TYR A 2 -9.45 1.16 9.59
N PHE A 3 -8.69 2.24 9.46
CA PHE A 3 -7.47 2.39 8.71
C PHE A 3 -6.59 1.15 8.70
N CYS A 4 -6.37 0.46 9.83
CA CYS A 4 -5.48 -0.69 9.85
C CYS A 4 -5.92 -1.74 8.83
N GLU A 5 -7.18 -2.18 8.91
CA GLU A 5 -7.73 -3.25 8.08
C GLU A 5 -7.59 -2.82 6.63
N SER A 6 -8.18 -1.68 6.28
CA SER A 6 -8.21 -1.26 4.90
C SER A 6 -6.79 -0.99 4.36
N CYS A 7 -5.88 -0.42 5.15
CA CYS A 7 -4.49 -0.24 4.78
C CYS A 7 -3.83 -1.59 4.53
N ARG A 8 -4.01 -2.56 5.43
CA ARG A 8 -3.47 -3.89 5.25
C ARG A 8 -3.97 -4.44 3.92
N LYS A 9 -5.28 -4.43 3.69
CA LYS A 9 -5.94 -4.88 2.45
C LYS A 9 -5.34 -4.16 1.22
N ILE A 10 -5.11 -2.86 1.32
CA ILE A 10 -4.52 -2.04 0.26
C ILE A 10 -3.12 -2.59 -0.10
N ILE A 11 -2.19 -2.71 0.85
CA ILE A 11 -0.88 -3.27 0.53
C ILE A 11 -1.00 -4.76 0.13
N GLN A 12 -1.85 -5.56 0.77
CA GLN A 12 -1.97 -6.98 0.45
C GLN A 12 -2.17 -7.17 -1.06
N LYS A 13 -3.13 -6.46 -1.67
CA LYS A 13 -3.43 -6.68 -3.09
C LYS A 13 -2.27 -6.03 -3.91
N LEU A 14 -1.60 -5.00 -3.40
CA LEU A 14 -0.41 -4.42 -4.05
C LEU A 14 0.72 -5.45 -4.17
N GLU A 15 1.10 -6.08 -3.05
CA GLU A 15 2.18 -7.05 -2.99
C GLU A 15 1.88 -8.18 -3.98
N ASP A 16 0.63 -8.65 -3.96
CA ASP A 16 0.02 -9.62 -4.86
C ASP A 16 0.08 -9.18 -6.33
N MET A 17 -0.17 -7.89 -6.66
CA MET A 17 -0.02 -7.42 -8.04
C MET A 17 1.43 -7.33 -8.48
N VAL A 18 2.25 -6.55 -7.77
CA VAL A 18 3.63 -6.30 -8.22
C VAL A 18 4.42 -7.62 -8.28
N GLY A 19 4.09 -8.57 -7.38
CA GLY A 19 4.71 -9.87 -7.32
C GLY A 19 6.07 -9.81 -6.61
N PRO A 20 6.92 -10.84 -6.78
CA PRO A 20 8.24 -10.89 -6.17
C PRO A 20 9.16 -9.86 -6.82
N GLN A 21 10.30 -9.65 -6.15
CA GLN A 21 11.44 -8.81 -6.51
C GLN A 21 11.07 -7.68 -7.49
N PRO A 22 10.25 -6.71 -7.08
CA PRO A 22 9.84 -5.60 -7.93
C PRO A 22 10.98 -4.55 -7.98
N ASN A 23 10.68 -3.37 -8.51
CA ASN A 23 11.58 -2.21 -8.53
C ASN A 23 10.69 -1.01 -8.20
N GLU A 24 11.32 -0.02 -7.57
CA GLU A 24 10.71 1.18 -7.00
C GLU A 24 9.63 1.80 -7.90
N ASP A 25 9.85 1.87 -9.22
CA ASP A 25 8.84 2.45 -10.12
C ASP A 25 7.66 1.50 -10.20
N THR A 26 7.91 0.23 -10.53
CA THR A 26 6.86 -0.76 -10.70
C THR A 26 5.99 -0.84 -9.44
N VAL A 27 6.53 -0.69 -8.24
CA VAL A 27 5.71 -0.63 -7.03
C VAL A 27 4.89 0.66 -7.02
N THR A 28 5.50 1.80 -7.30
CA THR A 28 4.85 3.11 -7.37
C THR A 28 3.68 3.10 -8.37
N GLN A 29 3.86 2.60 -9.59
CA GLN A 29 2.76 2.51 -10.56
C GLN A 29 1.75 1.46 -10.11
N ALA A 30 2.19 0.26 -9.67
CA ALA A 30 1.30 -0.80 -9.24
C ALA A 30 0.41 -0.35 -8.08
N ALA A 31 0.90 0.49 -7.17
CA ALA A 31 0.16 1.05 -6.04
C ALA A 31 -0.77 2.17 -6.50
N SER A 32 -0.31 3.15 -7.28
CA SER A 32 -1.24 4.16 -7.84
C SER A 32 -2.39 3.50 -8.61
N GLN A 33 -2.17 2.26 -9.08
CA GLN A 33 -3.12 1.39 -9.73
C GLN A 33 -3.86 0.52 -8.71
N VAL A 34 -3.25 0.08 -7.60
CA VAL A 34 -3.85 -0.85 -6.66
C VAL A 34 -5.13 -0.16 -6.15
N CYS A 35 -5.01 1.14 -5.92
CA CYS A 35 -6.08 1.97 -5.45
C CYS A 35 -7.14 2.10 -6.52
N ASP A 36 -6.72 2.52 -7.71
CA ASP A 36 -7.61 2.80 -8.81
C ASP A 36 -8.54 1.58 -9.04
N LYS A 37 -7.91 0.40 -9.05
CA LYS A 37 -8.41 -0.93 -9.33
C LYS A 37 -9.28 -1.50 -8.19
N LEU A 38 -8.93 -1.25 -6.92
CA LEU A 38 -9.68 -1.79 -5.77
C LEU A 38 -11.00 -1.01 -5.69
N LYS A 39 -12.11 -1.66 -6.05
CA LYS A 39 -13.41 -0.97 -6.13
C LYS A 39 -13.95 -0.81 -4.71
N ILE A 40 -14.88 0.15 -4.52
CA ILE A 40 -15.45 0.59 -3.24
C ILE A 40 -14.38 1.34 -2.44
N LEU A 41 -13.29 0.66 -2.10
CA LEU A 41 -12.24 1.14 -1.23
C LEU A 41 -11.19 2.00 -1.99
N ARG A 42 -11.53 2.41 -3.23
CA ARG A 42 -10.69 3.16 -4.16
C ARG A 42 -10.26 4.47 -3.52
N GLY A 43 -11.22 5.22 -2.98
CA GLY A 43 -10.97 6.56 -2.44
C GLY A 43 -9.93 6.57 -1.33
N LEU A 44 -9.97 5.59 -0.42
CA LEU A 44 -9.10 5.55 0.74
C LEU A 44 -7.66 5.41 0.23
N CYS A 45 -7.40 4.34 -0.52
CA CYS A 45 -6.12 4.10 -1.16
C CYS A 45 -5.63 5.30 -1.98
N LYS A 46 -6.45 5.93 -2.85
CA LYS A 46 -5.95 7.06 -3.63
C LYS A 46 -5.46 8.18 -2.69
N LYS A 47 -6.17 8.45 -1.57
CA LYS A 47 -5.67 9.41 -0.58
C LYS A 47 -4.36 8.92 0.04
N ILE A 48 -4.26 7.63 0.42
CA ILE A 48 -3.08 7.04 1.04
C ILE A 48 -1.89 7.32 0.13
N MET A 49 -1.99 7.00 -1.16
CA MET A 49 -0.87 7.17 -2.08
C MET A 49 -0.58 8.66 -2.32
N ARG A 50 -1.59 9.53 -2.49
CA ARG A 50 -1.31 10.97 -2.65
C ARG A 50 -0.51 11.47 -1.44
N SER A 51 -0.80 10.93 -0.26
CA SER A 51 -0.17 11.30 0.99
C SER A 51 1.19 10.63 1.20
N PHE A 52 1.40 9.37 0.78
CA PHE A 52 2.63 8.62 1.07
C PHE A 52 3.03 7.62 -0.03
N LEU A 53 2.90 7.90 -1.33
CA LEU A 53 3.13 6.89 -2.37
C LEU A 53 4.54 6.31 -2.33
N ARG A 54 5.59 7.13 -2.46
CA ARG A 54 6.93 6.54 -2.54
C ARG A 54 7.33 5.86 -1.22
N ARG A 55 6.67 6.16 -0.08
CA ARG A 55 6.92 5.42 1.15
C ARG A 55 6.51 3.95 0.91
N ILE A 56 5.34 3.74 0.31
CA ILE A 56 4.81 2.39 0.09
C ILE A 56 5.81 1.59 -0.75
N SER A 57 6.56 2.25 -1.64
CA SER A 57 7.57 1.63 -2.46
C SER A 57 8.76 1.16 -1.62
N TRP A 58 9.36 2.03 -0.79
CA TRP A 58 10.44 1.68 0.15
C TRP A 58 10.09 0.39 0.87
N ASP A 59 8.87 0.34 1.39
CA ASP A 59 8.33 -0.81 2.08
C ASP A 59 8.46 -2.12 1.31
N ILE A 60 7.85 -2.23 0.12
CA ILE A 60 7.83 -3.50 -0.62
C ILE A 60 9.26 -3.92 -0.93
N LEU A 61 10.12 -2.97 -1.34
CA LEU A 61 11.52 -3.23 -1.64
C LEU A 61 12.25 -3.79 -0.42
N THR A 62 11.99 -3.25 0.76
CA THR A 62 12.52 -3.76 2.02
C THR A 62 11.60 -4.84 2.63
N GLY A 63 10.88 -5.58 1.76
CA GLY A 63 9.96 -6.67 2.02
C GLY A 63 9.16 -6.52 3.31
N LYS A 64 8.56 -5.34 3.55
CA LYS A 64 7.92 -5.14 4.85
C LYS A 64 6.50 -5.66 4.69
N LYS A 65 6.00 -6.28 5.76
CA LYS A 65 4.64 -6.82 5.72
C LYS A 65 3.59 -5.69 5.77
N PRO A 66 2.36 -5.93 5.31
CA PRO A 66 1.30 -4.91 5.19
C PRO A 66 0.89 -4.34 6.53
N GLN A 67 0.54 -5.20 7.48
CA GLN A 67 0.07 -4.74 8.78
C GLN A 67 1.13 -3.91 9.51
N ALA A 68 2.42 -4.23 9.30
CA ALA A 68 3.53 -3.50 9.90
C ALA A 68 3.79 -2.21 9.14
N ILE A 69 3.71 -2.20 7.80
CA ILE A 69 3.83 -0.99 7.00
C ILE A 69 2.86 0.07 7.54
N CYS A 70 1.61 -0.35 7.69
CA CYS A 70 0.57 0.52 8.16
C CYS A 70 0.88 1.04 9.56
N VAL A 71 1.43 0.27 10.50
CA VAL A 71 1.79 0.88 11.79
C VAL A 71 2.94 1.90 11.63
N ASP A 72 3.96 1.59 10.82
CA ASP A 72 5.14 2.48 10.64
C ASP A 72 4.71 3.88 10.26
N ILE A 73 3.95 3.99 9.17
CA ILE A 73 3.58 5.29 8.64
C ILE A 73 2.33 5.87 9.35
N LYS A 74 1.83 5.12 10.34
CA LYS A 74 0.76 5.37 11.31
C LYS A 74 -0.62 5.39 10.66
N ILE A 75 -1.10 4.20 10.36
CA ILE A 75 -2.37 3.85 9.77
C ILE A 75 -2.91 2.55 10.43
N CYS A 76 -2.06 1.67 10.95
CA CYS A 76 -2.49 0.49 11.71
C CYS A 76 -2.12 0.64 13.18
N LYS A 77 -2.61 -0.29 14.01
CA LYS A 77 -2.52 -0.30 15.47
C LYS A 77 -3.02 1.06 15.98
N GLU A 78 -3.86 1.70 15.17
CA GLU A 78 -4.51 2.91 15.53
C GLU A 78 -5.83 2.47 16.19
N GLY A 1 -8.04 2.40 13.89
CA GLY A 1 -9.27 2.74 13.15
C GLY A 1 -9.51 1.76 12.00
N TYR A 2 -10.60 1.91 11.22
CA TYR A 2 -10.84 1.08 10.02
C TYR A 2 -9.66 1.16 9.04
N PHE A 3 -8.89 2.24 9.11
CA PHE A 3 -7.65 2.42 8.37
C PHE A 3 -6.75 1.19 8.46
N CYS A 4 -6.66 0.51 9.61
CA CYS A 4 -5.84 -0.68 9.76
C CYS A 4 -6.23 -1.74 8.73
N GLU A 5 -7.49 -2.16 8.71
CA GLU A 5 -8.02 -3.17 7.80
C GLU A 5 -7.82 -2.68 6.37
N SER A 6 -8.23 -1.43 6.11
CA SER A 6 -8.09 -0.79 4.81
C SER A 6 -6.66 -0.93 4.28
N CYS A 7 -5.69 -0.47 5.07
CA CYS A 7 -4.27 -0.46 4.77
C CYS A 7 -3.78 -1.88 4.52
N ARG A 8 -4.12 -2.81 5.41
CA ARG A 8 -3.73 -4.21 5.28
C ARG A 8 -4.21 -4.74 3.94
N LYS A 9 -5.49 -4.54 3.60
CA LYS A 9 -6.07 -4.97 2.33
C LYS A 9 -5.33 -4.32 1.15
N ILE A 10 -5.13 -3.01 1.22
CA ILE A 10 -4.50 -2.20 0.18
C ILE A 10 -3.09 -2.73 -0.10
N ILE A 11 -2.25 -2.86 0.93
CA ILE A 11 -0.91 -3.39 0.75
C ILE A 11 -0.98 -4.84 0.27
N GLN A 12 -1.81 -5.71 0.85
CA GLN A 12 -1.84 -7.12 0.44
C GLN A 12 -2.13 -7.24 -1.06
N LYS A 13 -3.10 -6.49 -1.61
CA LYS A 13 -3.36 -6.55 -3.05
C LYS A 13 -2.18 -5.99 -3.86
N LEU A 14 -1.40 -5.04 -3.32
CA LEU A 14 -0.22 -4.51 -4.01
C LEU A 14 0.92 -5.53 -4.01
N GLU A 15 1.15 -6.14 -2.86
CA GLU A 15 2.16 -7.15 -2.60
C GLU A 15 1.93 -8.33 -3.55
N ASP A 16 0.68 -8.80 -3.61
CA ASP A 16 0.18 -9.82 -4.54
C ASP A 16 0.43 -9.41 -5.99
N MET A 17 0.05 -8.18 -6.37
CA MET A 17 0.16 -7.73 -7.75
C MET A 17 1.59 -7.56 -8.20
N VAL A 18 2.43 -6.82 -7.44
CA VAL A 18 3.79 -6.59 -7.90
C VAL A 18 4.52 -7.94 -8.00
N GLY A 19 4.19 -8.87 -7.09
CA GLY A 19 4.77 -10.21 -7.11
C GLY A 19 6.18 -10.18 -6.49
N PRO A 20 7.16 -10.90 -7.07
CA PRO A 20 8.50 -11.02 -6.54
C PRO A 20 9.26 -9.68 -6.60
N GLN A 21 10.50 -9.71 -6.11
CA GLN A 21 11.46 -8.61 -5.93
C GLN A 21 11.27 -7.47 -6.94
N PRO A 22 10.48 -6.44 -6.58
CA PRO A 22 10.10 -5.37 -7.47
C PRO A 22 11.16 -4.25 -7.50
N ASN A 23 10.87 -3.18 -8.24
CA ASN A 23 11.68 -1.97 -8.36
C ASN A 23 10.73 -0.77 -8.34
N GLU A 24 11.26 0.38 -7.95
CA GLU A 24 10.57 1.65 -7.70
C GLU A 24 9.49 2.01 -8.71
N ASP A 25 9.72 1.79 -10.01
CA ASP A 25 8.71 2.09 -11.02
C ASP A 25 7.57 1.09 -10.92
N THR A 26 7.87 -0.20 -11.02
CA THR A 26 6.87 -1.26 -11.01
C THR A 26 5.99 -1.17 -9.77
N VAL A 27 6.55 -0.83 -8.60
CA VAL A 27 5.74 -0.59 -7.41
C VAL A 27 4.82 0.61 -7.65
N THR A 28 5.36 1.74 -8.12
CA THR A 28 4.61 2.96 -8.39
C THR A 28 3.45 2.72 -9.37
N GLN A 29 3.69 2.06 -10.51
CA GLN A 29 2.64 1.79 -11.48
C GLN A 29 1.64 0.77 -10.92
N ALA A 30 2.13 -0.33 -10.33
CA ALA A 30 1.26 -1.35 -9.74
C ALA A 30 0.36 -0.76 -8.67
N ALA A 31 0.86 0.18 -7.85
CA ALA A 31 0.17 0.81 -6.74
C ALA A 31 -0.80 1.92 -7.20
N SER A 32 -0.36 2.83 -8.08
CA SER A 32 -1.28 3.83 -8.65
C SER A 32 -2.51 3.15 -9.29
N GLN A 33 -2.33 1.90 -9.71
CA GLN A 33 -3.35 1.01 -10.22
C GLN A 33 -4.01 0.23 -9.10
N VAL A 34 -3.29 -0.27 -8.08
CA VAL A 34 -3.83 -1.14 -7.04
C VAL A 34 -5.02 -0.42 -6.41
N CYS A 35 -4.84 0.88 -6.18
CA CYS A 35 -5.85 1.70 -5.59
C CYS A 35 -7.01 1.87 -6.53
N ASP A 36 -6.72 2.34 -7.75
CA ASP A 36 -7.76 2.66 -8.70
C ASP A 36 -8.71 1.45 -8.88
N LYS A 37 -8.08 0.27 -8.95
CA LYS A 37 -8.58 -1.07 -9.22
C LYS A 37 -9.34 -1.62 -8.02
N LEU A 38 -8.89 -1.35 -6.79
CA LEU A 38 -9.60 -1.74 -5.57
C LEU A 38 -10.81 -0.80 -5.49
N LYS A 39 -11.97 -1.28 -5.94
CA LYS A 39 -13.14 -0.42 -6.03
C LYS A 39 -13.71 -0.30 -4.62
N ILE A 40 -14.51 0.75 -4.38
CA ILE A 40 -15.05 1.16 -3.08
C ILE A 40 -13.89 1.82 -2.33
N LEU A 41 -12.81 1.08 -2.07
CA LEU A 41 -11.69 1.53 -1.26
C LEU A 41 -10.68 2.39 -2.05
N ARG A 42 -11.02 2.75 -3.30
CA ARG A 42 -10.22 3.63 -4.16
C ARG A 42 -10.04 4.97 -3.48
N GLY A 43 -11.11 5.52 -2.90
CA GLY A 43 -11.08 6.81 -2.22
C GLY A 43 -10.12 6.84 -1.02
N LEU A 44 -9.89 5.70 -0.36
CA LEU A 44 -8.93 5.59 0.73
C LEU A 44 -7.52 5.42 0.16
N CYS A 45 -7.26 4.36 -0.60
CA CYS A 45 -5.97 4.05 -1.20
C CYS A 45 -5.35 5.22 -1.98
N LYS A 46 -6.06 5.84 -2.93
CA LYS A 46 -5.49 6.97 -3.68
C LYS A 46 -5.08 8.08 -2.69
N LYS A 47 -5.88 8.33 -1.65
CA LYS A 47 -5.58 9.34 -0.63
C LYS A 47 -4.34 8.98 0.19
N ILE A 48 -4.15 7.70 0.55
CA ILE A 48 -2.93 7.22 1.22
C ILE A 48 -1.75 7.64 0.36
N MET A 49 -1.76 7.30 -0.93
CA MET A 49 -0.67 7.62 -1.84
C MET A 49 -0.48 9.12 -2.01
N ARG A 50 -1.52 9.95 -2.03
CA ARG A 50 -1.35 11.42 -2.07
C ARG A 50 -0.40 11.84 -0.94
N SER A 51 -0.58 11.30 0.26
CA SER A 51 0.18 11.69 1.42
C SER A 51 1.48 10.90 1.60
N PHE A 52 1.59 9.66 1.11
CA PHE A 52 2.73 8.80 1.36
C PHE A 52 3.13 7.91 0.17
N LEU A 53 3.09 8.38 -1.09
CA LEU A 53 3.31 7.50 -2.25
C LEU A 53 4.68 6.82 -2.18
N ARG A 54 5.79 7.57 -2.18
CA ARG A 54 7.10 6.91 -2.18
C ARG A 54 7.32 6.09 -0.91
N ARG A 55 6.60 6.35 0.20
CA ARG A 55 6.69 5.50 1.35
C ARG A 55 6.08 4.14 1.01
N ILE A 56 4.93 4.07 0.31
CA ILE A 56 4.40 2.78 -0.12
C ILE A 56 5.40 2.06 -1.05
N SER A 57 6.25 2.81 -1.76
CA SER A 57 7.31 2.22 -2.57
C SER A 57 8.34 1.59 -1.61
N TRP A 58 8.96 2.37 -0.71
CA TRP A 58 9.87 1.88 0.33
C TRP A 58 9.32 0.63 1.03
N ASP A 59 8.04 0.67 1.43
CA ASP A 59 7.36 -0.40 2.14
C ASP A 59 7.52 -1.74 1.43
N ILE A 60 7.05 -1.79 0.18
CA ILE A 60 7.17 -2.95 -0.69
C ILE A 60 8.64 -3.28 -0.98
N LEU A 61 9.47 -2.28 -1.32
CA LEU A 61 10.87 -2.48 -1.71
C LEU A 61 11.68 -3.13 -0.59
N THR A 62 11.46 -2.74 0.67
CA THR A 62 12.09 -3.35 1.83
C THR A 62 11.41 -4.66 2.25
N GLY A 63 10.50 -5.17 1.41
CA GLY A 63 9.63 -6.33 1.62
C GLY A 63 9.10 -6.41 3.05
N LYS A 64 8.58 -5.30 3.58
CA LYS A 64 8.11 -5.32 4.96
C LYS A 64 6.66 -5.77 4.86
N LYS A 65 6.20 -6.56 5.82
CA LYS A 65 4.87 -7.14 5.71
C LYS A 65 3.80 -6.06 5.93
N PRO A 66 2.56 -6.26 5.44
CA PRO A 66 1.48 -5.27 5.45
C PRO A 66 1.14 -4.79 6.86
N GLN A 67 0.94 -5.72 7.78
CA GLN A 67 0.57 -5.39 9.14
C GLN A 67 1.65 -4.55 9.82
N ALA A 68 2.92 -4.71 9.45
CA ALA A 68 4.00 -3.87 9.95
C ALA A 68 4.01 -2.53 9.21
N ILE A 69 3.81 -2.53 7.88
CA ILE A 69 3.79 -1.30 7.07
C ILE A 69 2.84 -0.26 7.68
N CYS A 70 1.59 -0.64 7.91
CA CYS A 70 0.55 0.23 8.44
C CYS A 70 0.96 0.74 9.83
N VAL A 71 1.56 -0.06 10.70
CA VAL A 71 1.99 0.47 12.00
C VAL A 71 3.17 1.43 11.84
N ASP A 72 4.11 1.18 10.91
CA ASP A 72 5.32 1.98 10.69
C ASP A 72 5.00 3.42 10.27
N ILE A 73 4.15 3.59 9.24
CA ILE A 73 3.73 4.93 8.79
C ILE A 73 2.54 5.51 9.55
N LYS A 74 2.03 4.73 10.51
CA LYS A 74 1.00 5.03 11.50
C LYS A 74 -0.38 5.10 10.85
N ILE A 75 -1.04 3.94 10.74
CA ILE A 75 -2.30 3.79 10.04
C ILE A 75 -3.27 2.89 10.84
N CYS A 76 -2.78 2.00 11.71
CA CYS A 76 -3.60 1.00 12.40
C CYS A 76 -4.17 1.51 13.73
N LYS A 77 -3.40 1.35 14.81
CA LYS A 77 -3.70 1.79 16.17
C LYS A 77 -2.39 1.94 16.95
N GLU A 78 -1.68 2.97 16.56
CA GLU A 78 -0.46 3.45 17.16
C GLU A 78 -0.89 4.44 18.24
N GLY A 1 -8.21 2.23 13.64
CA GLY A 1 -9.42 2.66 12.90
C GLY A 1 -9.74 1.71 11.75
N TYR A 2 -10.84 1.95 11.01
CA TYR A 2 -11.15 1.26 9.72
C TYR A 2 -9.94 1.27 8.79
N PHE A 3 -9.16 2.35 8.87
CA PHE A 3 -7.89 2.53 8.20
C PHE A 3 -6.97 1.32 8.30
N CYS A 4 -6.91 0.62 9.45
CA CYS A 4 -5.99 -0.50 9.62
C CYS A 4 -6.28 -1.59 8.60
N GLU A 5 -7.53 -2.09 8.57
CA GLU A 5 -7.92 -3.15 7.65
C GLU A 5 -7.74 -2.66 6.23
N SER A 6 -8.24 -1.45 5.94
CA SER A 6 -8.12 -0.82 4.63
C SER A 6 -6.66 -0.86 4.16
N CYS A 7 -5.74 -0.35 4.97
CA CYS A 7 -4.31 -0.31 4.70
C CYS A 7 -3.77 -1.73 4.50
N ARG A 8 -4.10 -2.67 5.38
CA ARG A 8 -3.65 -4.04 5.28
C ARG A 8 -4.04 -4.61 3.93
N LYS A 9 -5.31 -4.49 3.55
CA LYS A 9 -5.83 -4.96 2.27
C LYS A 9 -5.14 -4.26 1.10
N ILE A 10 -4.99 -2.93 1.18
CA ILE A 10 -4.37 -2.11 0.14
C ILE A 10 -2.93 -2.58 -0.11
N ILE A 11 -2.10 -2.69 0.93
CA ILE A 11 -0.75 -3.22 0.79
C ILE A 11 -0.80 -4.66 0.27
N GLN A 12 -1.60 -5.55 0.86
CA GLN A 12 -1.61 -6.97 0.50
C GLN A 12 -1.88 -7.16 -0.99
N LYS A 13 -2.91 -6.50 -1.56
CA LYS A 13 -3.16 -6.70 -2.98
C LYS A 13 -2.05 -6.07 -3.83
N LEU A 14 -1.39 -5.02 -3.37
CA LEU A 14 -0.28 -4.38 -4.10
C LEU A 14 0.87 -5.38 -4.16
N GLU A 15 1.24 -5.93 -3.00
CA GLU A 15 2.29 -6.90 -2.75
C GLU A 15 2.07 -8.13 -3.63
N ASP A 16 0.86 -8.69 -3.58
CA ASP A 16 0.38 -9.79 -4.44
C ASP A 16 0.56 -9.45 -5.91
N MET A 17 0.11 -8.26 -6.33
CA MET A 17 0.11 -7.90 -7.73
C MET A 17 1.51 -7.66 -8.26
N VAL A 18 2.30 -6.79 -7.61
CA VAL A 18 3.63 -6.49 -8.11
C VAL A 18 4.50 -7.77 -8.09
N GLY A 19 4.25 -8.65 -7.12
CA GLY A 19 4.99 -9.89 -6.92
C GLY A 19 6.32 -9.63 -6.19
N PRO A 20 7.23 -10.61 -6.17
CA PRO A 20 8.50 -10.47 -5.49
C PRO A 20 9.44 -9.56 -6.29
N GLN A 21 10.50 -9.17 -5.60
CA GLN A 21 11.60 -8.29 -6.01
C GLN A 21 11.21 -7.24 -7.07
N PRO A 22 10.23 -6.35 -6.78
CA PRO A 22 9.81 -5.33 -7.73
C PRO A 22 10.82 -4.16 -7.76
N ASN A 23 10.49 -3.10 -8.48
CA ASN A 23 11.31 -1.89 -8.61
C ASN A 23 10.39 -0.68 -8.55
N GLU A 24 10.96 0.45 -8.12
CA GLU A 24 10.33 1.73 -7.82
C GLU A 24 9.23 2.18 -8.78
N ASP A 25 9.39 2.00 -10.10
CA ASP A 25 8.34 2.39 -11.04
C ASP A 25 7.19 1.40 -10.94
N THR A 26 7.47 0.11 -11.12
CA THR A 26 6.48 -0.94 -11.14
C THR A 26 5.67 -0.91 -9.85
N VAL A 27 6.28 -0.64 -8.70
CA VAL A 27 5.56 -0.45 -7.45
C VAL A 27 4.61 0.75 -7.56
N THR A 28 5.09 1.90 -8.03
CA THR A 28 4.31 3.12 -8.19
C THR A 28 3.10 2.91 -9.12
N GLN A 29 3.29 2.31 -10.30
CA GLN A 29 2.18 2.04 -11.21
C GLN A 29 1.26 0.96 -10.63
N ALA A 30 1.81 -0.14 -10.11
CA ALA A 30 1.03 -1.21 -9.53
C ALA A 30 0.21 -0.72 -8.36
N ALA A 31 0.65 0.27 -7.59
CA ALA A 31 -0.06 0.87 -6.47
C ALA A 31 -1.11 1.89 -6.94
N SER A 32 -0.75 2.82 -7.82
CA SER A 32 -1.76 3.76 -8.33
C SER A 32 -2.93 3.00 -8.96
N GLN A 33 -2.66 1.82 -9.54
CA GLN A 33 -3.67 0.92 -10.05
C GLN A 33 -4.12 -0.10 -9.00
N VAL A 34 -3.38 -0.37 -7.90
CA VAL A 34 -3.86 -1.25 -6.82
C VAL A 34 -5.12 -0.59 -6.29
N CYS A 35 -5.10 0.75 -6.22
CA CYS A 35 -6.20 1.54 -5.73
C CYS A 35 -7.32 1.41 -6.73
N ASP A 36 -7.02 1.62 -8.02
CA ASP A 36 -8.02 1.48 -9.08
C ASP A 36 -8.78 0.16 -9.03
N LYS A 37 -8.01 -0.94 -8.89
CA LYS A 37 -8.52 -2.31 -8.95
C LYS A 37 -9.32 -2.59 -7.68
N LEU A 38 -8.84 -2.11 -6.51
CA LEU A 38 -9.58 -2.18 -5.27
C LEU A 38 -10.61 -1.06 -5.38
N LYS A 39 -11.70 -1.30 -6.12
CA LYS A 39 -12.64 -0.21 -6.39
C LYS A 39 -13.48 0.01 -5.14
N ILE A 40 -14.06 1.20 -5.03
CA ILE A 40 -14.80 1.72 -3.87
C ILE A 40 -13.71 2.18 -2.88
N LEU A 41 -12.71 1.34 -2.60
CA LEU A 41 -11.59 1.65 -1.72
C LEU A 41 -10.49 2.42 -2.49
N ARG A 42 -10.77 2.82 -3.74
CA ARG A 42 -9.96 3.65 -4.62
C ARG A 42 -9.70 4.99 -3.94
N GLY A 43 -10.69 5.54 -3.24
CA GLY A 43 -10.56 6.77 -2.45
C GLY A 43 -9.52 6.62 -1.34
N LEU A 44 -9.69 5.61 -0.48
CA LEU A 44 -8.87 5.41 0.71
C LEU A 44 -7.42 5.20 0.29
N CYS A 45 -7.20 4.29 -0.67
CA CYS A 45 -5.92 4.04 -1.28
C CYS A 45 -5.32 5.34 -1.86
N LYS A 46 -6.05 6.12 -2.67
CA LYS A 46 -5.52 7.39 -3.18
C LYS A 46 -5.06 8.31 -2.06
N LYS A 47 -5.77 8.39 -0.92
CA LYS A 47 -5.29 9.15 0.24
C LYS A 47 -3.91 8.63 0.64
N ILE A 48 -3.74 7.33 0.89
CA ILE A 48 -2.47 6.77 1.32
C ILE A 48 -1.38 7.15 0.30
N MET A 49 -1.61 6.87 -0.99
CA MET A 49 -0.63 7.12 -2.04
C MET A 49 -0.28 8.61 -2.15
N ARG A 50 -1.18 9.58 -1.95
CA ARG A 50 -0.70 10.98 -1.95
C ARG A 50 0.06 11.30 -0.67
N SER A 51 -0.47 10.84 0.45
CA SER A 51 0.03 11.15 1.78
C SER A 51 1.49 10.70 1.94
N PHE A 52 1.81 9.46 1.60
CA PHE A 52 3.13 8.88 1.83
C PHE A 52 3.53 8.06 0.61
N LEU A 53 3.59 8.68 -0.57
CA LEU A 53 3.82 7.96 -1.83
C LEU A 53 5.14 7.18 -1.79
N ARG A 54 6.27 7.88 -1.63
CA ARG A 54 7.58 7.21 -1.62
C ARG A 54 7.69 6.22 -0.46
N ARG A 55 6.94 6.38 0.65
CA ARG A 55 6.95 5.39 1.70
C ARG A 55 6.34 4.09 1.13
N ILE A 56 5.20 4.11 0.44
CA ILE A 56 4.61 2.85 -0.05
C ILE A 56 5.58 2.14 -1.00
N SER A 57 6.46 2.89 -1.68
CA SER A 57 7.49 2.29 -2.51
C SER A 57 8.50 1.56 -1.62
N TRP A 58 9.20 2.24 -0.71
CA TRP A 58 10.12 1.62 0.26
C TRP A 58 9.50 0.39 0.92
N ASP A 59 8.26 0.53 1.40
CA ASP A 59 7.51 -0.52 2.09
C ASP A 59 7.50 -1.82 1.28
N ILE A 60 6.96 -1.77 0.06
CA ILE A 60 6.97 -2.90 -0.87
C ILE A 60 8.40 -3.32 -1.24
N LEU A 61 9.29 -2.40 -1.59
CA LEU A 61 10.65 -2.69 -2.06
C LEU A 61 11.46 -3.47 -1.01
N THR A 62 11.25 -3.21 0.28
CA THR A 62 11.89 -3.95 1.37
C THR A 62 11.13 -5.24 1.71
N GLY A 63 10.15 -5.63 0.87
CA GLY A 63 9.21 -6.74 1.04
C GLY A 63 8.74 -6.81 2.49
N LYS A 64 8.35 -5.67 3.04
CA LYS A 64 8.01 -5.61 4.45
C LYS A 64 6.55 -5.96 4.54
N LYS A 65 6.18 -6.67 5.59
CA LYS A 65 4.81 -7.18 5.69
C LYS A 65 3.82 -6.04 5.97
N PRO A 66 2.53 -6.22 5.65
CA PRO A 66 1.48 -5.21 5.72
C PRO A 66 1.21 -4.73 7.13
N GLN A 67 1.04 -5.66 8.07
CA GLN A 67 0.67 -5.35 9.44
C GLN A 67 1.71 -4.43 10.08
N ALA A 68 2.98 -4.57 9.69
CA ALA A 68 4.05 -3.69 10.13
C ALA A 68 3.98 -2.39 9.33
N ILE A 69 3.77 -2.44 8.00
CA ILE A 69 3.74 -1.23 7.18
C ILE A 69 2.75 -0.19 7.73
N CYS A 70 1.50 -0.60 7.97
CA CYS A 70 0.43 0.28 8.43
C CYS A 70 0.76 0.90 9.79
N VAL A 71 1.37 0.14 10.71
CA VAL A 71 1.80 0.68 11.98
C VAL A 71 2.94 1.69 11.77
N ASP A 72 3.96 1.32 10.99
CA ASP A 72 5.16 2.14 10.73
C ASP A 72 4.81 3.53 10.20
N ILE A 73 3.93 3.60 9.20
CA ILE A 73 3.55 4.87 8.57
C ILE A 73 2.36 5.55 9.26
N LYS A 74 1.82 4.93 10.32
CA LYS A 74 0.79 5.40 11.23
C LYS A 74 -0.59 5.51 10.59
N ILE A 75 -1.26 4.36 10.50
CA ILE A 75 -2.58 4.21 9.90
C ILE A 75 -3.46 3.21 10.70
N CYS A 76 -2.89 2.28 11.46
CA CYS A 76 -3.65 1.23 12.13
C CYS A 76 -4.24 1.67 13.48
N LYS A 77 -3.43 1.58 14.54
CA LYS A 77 -3.69 1.97 15.92
C LYS A 77 -2.36 2.06 16.67
N GLU A 78 -1.60 3.07 16.28
CA GLU A 78 -0.36 3.47 16.91
C GLU A 78 -0.83 4.44 17.99
N GLY A 1 -7.60 2.96 13.33
CA GLY A 1 -8.98 2.48 13.58
C GLY A 1 -9.74 2.27 12.28
N TYR A 2 -10.30 1.08 11.99
CA TYR A 2 -10.77 0.62 10.65
C TYR A 2 -9.59 0.56 9.67
N PHE A 3 -8.96 1.70 9.45
CA PHE A 3 -7.76 1.96 8.68
C PHE A 3 -6.75 0.82 8.61
N CYS A 4 -6.52 0.06 9.69
CA CYS A 4 -5.54 -1.01 9.66
C CYS A 4 -5.88 -2.04 8.59
N GLU A 5 -7.09 -2.59 8.63
CA GLU A 5 -7.56 -3.53 7.60
C GLU A 5 -7.58 -2.82 6.25
N SER A 6 -8.14 -1.62 6.18
CA SER A 6 -8.18 -0.84 4.93
C SER A 6 -6.79 -0.78 4.27
N CYS A 7 -5.80 -0.33 5.03
CA CYS A 7 -4.39 -0.21 4.67
C CYS A 7 -3.80 -1.57 4.31
N ARG A 8 -4.01 -2.58 5.16
CA ARG A 8 -3.56 -3.93 4.94
C ARG A 8 -4.04 -4.40 3.58
N LYS A 9 -5.35 -4.31 3.30
CA LYS A 9 -5.93 -4.77 2.05
C LYS A 9 -5.31 -4.04 0.85
N ILE A 10 -5.08 -2.72 0.96
CA ILE A 10 -4.40 -1.93 -0.06
C ILE A 10 -3.02 -2.53 -0.34
N ILE A 11 -2.16 -2.65 0.68
CA ILE A 11 -0.81 -3.19 0.50
C ILE A 11 -0.86 -4.65 0.06
N GLN A 12 -1.77 -5.49 0.59
CA GLN A 12 -1.82 -6.90 0.28
C GLN A 12 -1.98 -7.10 -1.22
N LYS A 13 -2.97 -6.45 -1.84
CA LYS A 13 -3.15 -6.62 -3.28
C LYS A 13 -2.00 -5.98 -4.05
N LEU A 14 -1.35 -4.93 -3.52
CA LEU A 14 -0.17 -4.37 -4.15
C LEU A 14 0.90 -5.46 -4.23
N GLU A 15 1.32 -5.99 -3.09
CA GLU A 15 2.42 -6.94 -2.97
C GLU A 15 2.16 -8.19 -3.83
N ASP A 16 0.92 -8.69 -3.77
CA ASP A 16 0.41 -9.79 -4.60
C ASP A 16 0.60 -9.53 -6.10
N MET A 17 0.21 -8.35 -6.58
CA MET A 17 0.24 -8.07 -8.00
C MET A 17 1.63 -7.73 -8.50
N VAL A 18 2.33 -6.81 -7.81
CA VAL A 18 3.69 -6.44 -8.22
C VAL A 18 4.61 -7.66 -8.13
N GLY A 19 4.36 -8.55 -7.16
CA GLY A 19 5.09 -9.78 -6.95
C GLY A 19 6.43 -9.52 -6.23
N PRO A 20 7.32 -10.52 -6.17
CA PRO A 20 8.60 -10.39 -5.53
C PRO A 20 9.54 -9.54 -6.38
N GLN A 21 10.60 -9.11 -5.72
CA GLN A 21 11.67 -8.22 -6.20
C GLN A 21 11.16 -7.14 -7.18
N PRO A 22 10.21 -6.28 -6.77
CA PRO A 22 9.72 -5.20 -7.62
C PRO A 22 10.72 -4.03 -7.62
N ASN A 23 10.33 -2.91 -8.23
CA ASN A 23 11.09 -1.67 -8.23
C ASN A 23 10.10 -0.52 -8.04
N GLU A 24 10.61 0.58 -7.49
CA GLU A 24 9.89 1.81 -7.13
C GLU A 24 8.86 2.28 -8.16
N ASP A 25 9.17 2.23 -9.46
CA ASP A 25 8.20 2.64 -10.47
C ASP A 25 7.10 1.61 -10.55
N THR A 26 7.46 0.34 -10.70
CA THR A 26 6.50 -0.74 -10.86
C THR A 26 5.53 -0.75 -9.66
N VAL A 27 6.02 -0.46 -8.45
CA VAL A 27 5.18 -0.30 -7.26
C VAL A 27 4.23 0.88 -7.44
N THR A 28 4.74 2.03 -7.89
CA THR A 28 3.95 3.25 -8.13
C THR A 28 2.85 3.01 -9.16
N GLN A 29 3.16 2.43 -10.33
CA GLN A 29 2.16 2.18 -11.36
C GLN A 29 1.19 1.09 -10.86
N ALA A 30 1.69 -0.02 -10.31
CA ALA A 30 0.85 -1.09 -9.77
C ALA A 30 -0.10 -0.54 -8.72
N ALA A 31 0.32 0.42 -7.89
CA ALA A 31 -0.51 1.13 -6.93
C ALA A 31 -1.59 1.94 -7.64
N SER A 32 -1.26 2.72 -8.67
CA SER A 32 -2.29 3.46 -9.40
C SER A 32 -3.44 2.53 -9.84
N GLN A 33 -3.14 1.25 -10.14
CA GLN A 33 -4.13 0.23 -10.45
C GLN A 33 -4.61 -0.48 -9.19
N VAL A 34 -3.82 -0.59 -8.10
CA VAL A 34 -4.22 -1.33 -6.90
C VAL A 34 -5.48 -0.63 -6.40
N CYS A 35 -5.46 0.70 -6.44
CA CYS A 35 -6.54 1.55 -6.01
C CYS A 35 -7.73 1.40 -6.94
N ASP A 36 -7.56 1.59 -8.26
CA ASP A 36 -8.68 1.31 -9.17
C ASP A 36 -9.32 -0.07 -8.99
N LYS A 37 -8.51 -1.11 -8.83
CA LYS A 37 -8.96 -2.50 -8.79
C LYS A 37 -9.66 -2.73 -7.46
N LEU A 38 -9.11 -2.25 -6.35
CA LEU A 38 -9.77 -2.31 -5.05
C LEU A 38 -10.74 -1.12 -5.06
N LYS A 39 -11.90 -1.25 -5.72
CA LYS A 39 -12.79 -0.08 -5.81
C LYS A 39 -13.53 0.07 -4.49
N ILE A 40 -14.10 1.26 -4.27
CA ILE A 40 -14.74 1.73 -3.04
C ILE A 40 -13.56 2.17 -2.15
N LEU A 41 -12.57 1.30 -1.95
CA LEU A 41 -11.35 1.59 -1.20
C LEU A 41 -10.30 2.31 -2.08
N ARG A 42 -10.71 2.70 -3.30
CA ARG A 42 -10.01 3.49 -4.30
C ARG A 42 -9.64 4.85 -3.71
N GLY A 43 -10.58 5.48 -3.00
CA GLY A 43 -10.39 6.79 -2.41
C GLY A 43 -9.26 6.76 -1.39
N LEU A 44 -9.36 5.88 -0.38
CA LEU A 44 -8.39 5.83 0.70
C LEU A 44 -7.01 5.49 0.14
N CYS A 45 -6.94 4.51 -0.76
CA CYS A 45 -5.75 4.13 -1.48
C CYS A 45 -5.11 5.34 -2.15
N LYS A 46 -5.80 6.03 -3.08
CA LYS A 46 -5.19 7.18 -3.77
C LYS A 46 -4.75 8.25 -2.76
N LYS A 47 -5.52 8.51 -1.69
CA LYS A 47 -5.07 9.44 -0.64
C LYS A 47 -3.74 8.97 -0.08
N ILE A 48 -3.65 7.72 0.40
CA ILE A 48 -2.43 7.19 1.03
C ILE A 48 -1.26 7.36 0.07
N MET A 49 -1.41 6.99 -1.20
CA MET A 49 -0.34 7.13 -2.19
C MET A 49 0.06 8.61 -2.33
N ARG A 50 -0.85 9.55 -2.54
CA ARG A 50 -0.44 10.97 -2.68
C ARG A 50 0.21 11.48 -1.41
N SER A 51 -0.30 11.05 -0.26
CA SER A 51 0.12 11.49 1.06
C SER A 51 1.53 11.02 1.38
N PHE A 52 1.85 9.75 1.14
CA PHE A 52 3.11 9.12 1.53
C PHE A 52 3.63 8.22 0.40
N LEU A 53 3.83 8.77 -0.81
CA LEU A 53 4.17 7.98 -1.99
C LEU A 53 5.45 7.18 -1.76
N ARG A 54 6.59 7.83 -1.56
CA ARG A 54 7.85 7.10 -1.47
C ARG A 54 7.89 6.19 -0.23
N ARG A 55 7.07 6.43 0.81
CA ARG A 55 7.01 5.50 1.91
C ARG A 55 6.50 4.16 1.34
N ILE A 56 5.40 4.16 0.58
CA ILE A 56 4.83 2.90 0.10
C ILE A 56 5.83 2.15 -0.78
N SER A 57 6.73 2.85 -1.48
CA SER A 57 7.77 2.19 -2.25
C SER A 57 8.76 1.51 -1.30
N TRP A 58 9.39 2.24 -0.37
CA TRP A 58 10.26 1.68 0.66
C TRP A 58 9.61 0.44 1.29
N ASP A 59 8.35 0.55 1.67
CA ASP A 59 7.58 -0.50 2.29
C ASP A 59 7.68 -1.80 1.50
N ILE A 60 7.27 -1.78 0.22
CA ILE A 60 7.32 -2.97 -0.62
C ILE A 60 8.78 -3.43 -0.78
N LEU A 61 9.68 -2.52 -1.13
CA LEU A 61 11.08 -2.81 -1.44
C LEU A 61 11.80 -3.48 -0.26
N THR A 62 11.48 -3.13 0.98
CA THR A 62 12.03 -3.77 2.18
C THR A 62 11.27 -5.05 2.57
N GLY A 63 10.35 -5.51 1.71
CA GLY A 63 9.43 -6.61 1.90
C GLY A 63 8.86 -6.64 3.31
N LYS A 64 8.36 -5.50 3.81
CA LYS A 64 7.87 -5.48 5.18
C LYS A 64 6.42 -5.89 5.03
N LYS A 65 5.90 -6.66 5.98
CA LYS A 65 4.56 -7.19 5.81
C LYS A 65 3.52 -6.07 5.95
N PRO A 66 2.30 -6.22 5.41
CA PRO A 66 1.28 -5.19 5.38
C PRO A 66 0.89 -4.68 6.76
N GLN A 67 0.60 -5.59 7.69
CA GLN A 67 0.23 -5.23 9.06
C GLN A 67 1.31 -4.34 9.68
N ALA A 68 2.58 -4.64 9.40
CA ALA A 68 3.70 -3.89 9.95
C ALA A 68 3.89 -2.57 9.19
N ILE A 69 3.67 -2.55 7.87
CA ILE A 69 3.71 -1.33 7.07
C ILE A 69 2.75 -0.30 7.67
N CYS A 70 1.48 -0.68 7.85
CA CYS A 70 0.42 0.15 8.40
C CYS A 70 0.77 0.67 9.80
N VAL A 71 1.42 -0.12 10.66
CA VAL A 71 1.89 0.39 11.95
C VAL A 71 2.99 1.42 11.70
N ASP A 72 4.03 1.10 10.91
CA ASP A 72 5.21 1.95 10.68
C ASP A 72 4.84 3.34 10.17
N ILE A 73 3.98 3.41 9.15
CA ILE A 73 3.52 4.69 8.58
C ILE A 73 2.37 5.33 9.38
N LYS A 74 1.96 4.66 10.46
CA LYS A 74 1.00 5.01 11.50
C LYS A 74 -0.40 5.25 10.96
N ILE A 75 -1.05 4.13 10.66
CA ILE A 75 -2.38 4.00 10.09
C ILE A 75 -3.18 2.91 10.83
N CYS A 76 -2.53 2.00 11.56
CA CYS A 76 -3.23 0.86 12.15
C CYS A 76 -3.93 1.17 13.48
N LYS A 77 -3.32 0.77 14.60
CA LYS A 77 -3.78 0.81 15.97
C LYS A 77 -2.57 0.45 16.82
N GLU A 78 -1.64 1.38 16.88
CA GLU A 78 -0.48 1.27 17.76
C GLU A 78 -1.08 1.09 19.16
N GLY A 1 -8.85 3.30 14.08
CA GLY A 1 -8.89 2.05 13.31
C GLY A 1 -9.85 2.16 12.14
N TYR A 2 -10.48 1.05 11.68
CA TYR A 2 -10.99 0.82 10.31
C TYR A 2 -9.84 0.85 9.28
N PHE A 3 -9.01 1.87 9.36
CA PHE A 3 -7.80 2.06 8.61
C PHE A 3 -6.92 0.82 8.56
N CYS A 4 -6.76 0.03 9.64
CA CYS A 4 -5.82 -1.08 9.63
C CYS A 4 -6.10 -2.09 8.52
N GLU A 5 -7.28 -2.72 8.51
CA GLU A 5 -7.65 -3.69 7.49
C GLU A 5 -7.61 -3.00 6.12
N SER A 6 -8.22 -1.83 5.99
CA SER A 6 -8.24 -1.05 4.77
C SER A 6 -6.82 -0.85 4.18
N CYS A 7 -5.88 -0.38 4.99
CA CYS A 7 -4.47 -0.17 4.69
C CYS A 7 -3.81 -1.49 4.31
N ARG A 8 -3.97 -2.51 5.16
CA ARG A 8 -3.42 -3.83 4.93
C ARG A 8 -3.92 -4.35 3.59
N LYS A 9 -5.20 -4.23 3.25
CA LYS A 9 -5.76 -4.66 1.99
C LYS A 9 -5.11 -3.92 0.83
N ILE A 10 -4.97 -2.59 0.95
CA ILE A 10 -4.32 -1.74 -0.05
C ILE A 10 -2.90 -2.26 -0.30
N ILE A 11 -2.08 -2.45 0.75
CA ILE A 11 -0.74 -3.00 0.59
C ILE A 11 -0.82 -4.43 0.02
N GLN A 12 -1.69 -5.32 0.52
CA GLN A 12 -1.71 -6.71 0.11
C GLN A 12 -1.95 -6.87 -1.39
N LYS A 13 -2.90 -6.14 -1.97
CA LYS A 13 -3.09 -6.19 -3.42
C LYS A 13 -1.90 -5.56 -4.16
N LEU A 14 -1.18 -4.60 -3.55
CA LEU A 14 0.04 -4.06 -4.13
C LEU A 14 1.03 -5.21 -4.22
N GLU A 15 1.35 -5.79 -3.07
CA GLU A 15 2.32 -6.84 -2.79
C GLU A 15 2.09 -8.05 -3.70
N ASP A 16 0.86 -8.51 -3.78
CA ASP A 16 0.38 -9.57 -4.67
C ASP A 16 0.62 -9.27 -6.15
N MET A 17 0.35 -8.05 -6.62
CA MET A 17 0.52 -7.74 -8.03
C MET A 17 1.98 -7.46 -8.36
N VAL A 18 2.64 -6.60 -7.58
CA VAL A 18 4.03 -6.23 -7.86
C VAL A 18 4.94 -7.48 -7.76
N GLY A 19 4.54 -8.45 -6.92
CA GLY A 19 5.21 -9.69 -6.68
C GLY A 19 6.40 -9.54 -5.73
N PRO A 20 7.14 -10.63 -5.45
CA PRO A 20 8.21 -10.65 -4.46
C PRO A 20 9.55 -10.01 -4.84
N GLN A 21 9.69 -9.52 -6.07
CA GLN A 21 10.92 -8.90 -6.59
C GLN A 21 10.58 -7.68 -7.45
N PRO A 22 10.10 -6.58 -6.86
CA PRO A 22 9.68 -5.39 -7.59
C PRO A 22 10.80 -4.33 -7.66
N ASN A 23 10.49 -3.22 -8.33
CA ASN A 23 11.31 -2.01 -8.44
C ASN A 23 10.36 -0.82 -8.34
N GLU A 24 10.85 0.33 -7.84
CA GLU A 24 10.09 1.55 -7.54
C GLU A 24 9.02 1.96 -8.56
N ASP A 25 9.31 1.85 -9.86
CA ASP A 25 8.30 2.19 -10.88
C ASP A 25 7.15 1.22 -10.78
N THR A 26 7.43 -0.09 -10.83
CA THR A 26 6.43 -1.14 -10.75
C THR A 26 5.58 -0.98 -9.49
N VAL A 27 6.15 -0.55 -8.35
CA VAL A 27 5.35 -0.26 -7.16
C VAL A 27 4.38 0.88 -7.45
N THR A 28 4.87 1.96 -8.05
CA THR A 28 4.13 3.18 -8.37
C THR A 28 3.00 2.88 -9.37
N GLN A 29 3.28 2.21 -10.51
CA GLN A 29 2.25 1.89 -11.47
C GLN A 29 1.30 0.84 -10.89
N ALA A 30 1.79 -0.17 -10.16
CA ALA A 30 0.94 -1.15 -9.50
C ALA A 30 0.00 -0.44 -8.54
N ALA A 31 0.43 0.59 -7.81
CA ALA A 31 -0.41 1.41 -6.95
C ALA A 31 -1.53 2.10 -7.74
N SER A 32 -1.22 2.73 -8.89
CA SER A 32 -2.29 3.38 -9.67
C SER A 32 -3.45 2.43 -9.96
N GLN A 33 -3.13 1.14 -10.10
CA GLN A 33 -4.05 0.02 -10.26
C GLN A 33 -4.50 -0.58 -8.96
N VAL A 34 -3.72 -0.56 -7.87
CA VAL A 34 -4.08 -1.24 -6.63
C VAL A 34 -5.37 -0.58 -6.17
N CYS A 35 -5.39 0.76 -6.29
CA CYS A 35 -6.52 1.58 -5.94
C CYS A 35 -7.66 1.35 -6.90
N ASP A 36 -7.47 1.53 -8.23
CA ASP A 36 -8.59 1.23 -9.12
C ASP A 36 -9.21 -0.16 -8.94
N LYS A 37 -8.37 -1.18 -8.77
CA LYS A 37 -8.79 -2.57 -8.72
C LYS A 37 -9.50 -2.80 -7.40
N LEU A 38 -8.97 -2.29 -6.28
CA LEU A 38 -9.67 -2.33 -5.01
C LEU A 38 -10.67 -1.18 -5.07
N LYS A 39 -11.79 -1.37 -5.78
CA LYS A 39 -12.73 -0.28 -6.00
C LYS A 39 -13.54 -0.11 -4.71
N ILE A 40 -14.15 1.07 -4.55
CA ILE A 40 -14.86 1.55 -3.35
C ILE A 40 -13.73 2.05 -2.44
N LEU A 41 -12.72 1.23 -2.17
CA LEU A 41 -11.54 1.56 -1.37
C LEU A 41 -10.49 2.30 -2.22
N ARG A 42 -10.86 2.67 -3.45
CA ARG A 42 -10.09 3.46 -4.41
C ARG A 42 -9.76 4.83 -3.85
N GLY A 43 -10.73 5.45 -3.16
CA GLY A 43 -10.60 6.77 -2.57
C GLY A 43 -9.47 6.82 -1.54
N LEU A 44 -9.59 6.00 -0.49
CA LEU A 44 -8.62 5.99 0.61
C LEU A 44 -7.24 5.66 0.06
N CYS A 45 -7.13 4.69 -0.84
CA CYS A 45 -5.91 4.35 -1.54
C CYS A 45 -5.23 5.57 -2.18
N LYS A 46 -5.88 6.32 -3.08
CA LYS A 46 -5.26 7.55 -3.60
C LYS A 46 -4.86 8.53 -2.49
N LYS A 47 -5.64 8.72 -1.42
CA LYS A 47 -5.20 9.63 -0.36
C LYS A 47 -3.94 9.10 0.33
N ILE A 48 -3.85 7.80 0.60
CA ILE A 48 -2.65 7.17 1.17
C ILE A 48 -1.47 7.43 0.23
N MET A 49 -1.60 7.25 -1.09
CA MET A 49 -0.51 7.54 -2.02
C MET A 49 -0.11 9.01 -1.97
N ARG A 50 -1.05 9.96 -2.03
CA ARG A 50 -0.72 11.40 -1.91
C ARG A 50 0.08 11.66 -0.64
N SER A 51 -0.34 11.07 0.46
CA SER A 51 0.26 11.27 1.77
C SER A 51 1.61 10.56 1.92
N PHE A 52 1.80 9.36 1.35
CA PHE A 52 3.00 8.56 1.59
C PHE A 52 3.53 7.77 0.37
N LEU A 53 3.50 8.29 -0.87
CA LEU A 53 3.88 7.49 -2.05
C LEU A 53 5.30 6.93 -1.96
N ARG A 54 6.33 7.78 -1.83
CA ARG A 54 7.71 7.29 -1.74
C ARG A 54 7.88 6.33 -0.55
N ARG A 55 7.10 6.49 0.54
CA ARG A 55 7.11 5.53 1.63
C ARG A 55 6.52 4.20 1.12
N ILE A 56 5.39 4.17 0.40
CA ILE A 56 4.83 2.91 -0.10
C ILE A 56 5.85 2.19 -1.00
N SER A 57 6.74 2.92 -1.67
CA SER A 57 7.81 2.33 -2.47
C SER A 57 8.79 1.63 -1.53
N TRP A 58 9.42 2.36 -0.60
CA TRP A 58 10.30 1.78 0.43
C TRP A 58 9.66 0.55 1.08
N ASP A 59 8.40 0.67 1.51
CA ASP A 59 7.66 -0.37 2.19
C ASP A 59 7.69 -1.69 1.42
N ILE A 60 7.24 -1.66 0.17
CA ILE A 60 7.30 -2.80 -0.74
C ILE A 60 8.74 -3.25 -1.00
N LEU A 61 9.66 -2.33 -1.31
CA LEU A 61 11.05 -2.65 -1.66
C LEU A 61 11.78 -3.37 -0.51
N THR A 62 11.48 -3.03 0.74
CA THR A 62 12.03 -3.72 1.92
C THR A 62 11.27 -5.01 2.24
N GLY A 63 10.36 -5.44 1.35
CA GLY A 63 9.44 -6.56 1.48
C GLY A 63 8.85 -6.62 2.88
N LYS A 64 8.38 -5.48 3.39
CA LYS A 64 7.92 -5.41 4.77
C LYS A 64 6.45 -5.81 4.73
N LYS A 65 6.01 -6.53 5.76
CA LYS A 65 4.66 -7.08 5.72
C LYS A 65 3.63 -5.96 5.89
N PRO A 66 2.37 -6.16 5.45
CA PRO A 66 1.33 -5.13 5.42
C PRO A 66 0.95 -4.61 6.81
N GLN A 67 0.68 -5.51 7.76
CA GLN A 67 0.37 -5.11 9.14
C GLN A 67 1.49 -4.21 9.67
N ALA A 68 2.76 -4.55 9.37
CA ALA A 68 3.88 -3.81 9.95
C ALA A 68 4.06 -2.50 9.19
N ILE A 69 3.76 -2.47 7.88
CA ILE A 69 3.77 -1.23 7.12
C ILE A 69 2.79 -0.23 7.73
N CYS A 70 1.53 -0.64 7.91
CA CYS A 70 0.50 0.24 8.45
C CYS A 70 0.84 0.71 9.87
N VAL A 71 1.39 -0.15 10.73
CA VAL A 71 1.77 0.25 12.08
C VAL A 71 2.95 1.26 12.05
N ASP A 72 3.91 1.05 11.15
CA ASP A 72 5.11 1.88 10.97
C ASP A 72 4.72 3.30 10.60
N ILE A 73 4.02 3.46 9.46
CA ILE A 73 3.69 4.79 8.92
C ILE A 73 2.48 5.41 9.64
N LYS A 74 1.99 4.67 10.64
CA LYS A 74 1.02 4.86 11.65
C LYS A 74 -0.42 5.09 11.17
N ILE A 75 -1.09 3.98 10.89
CA ILE A 75 -2.40 3.86 10.30
C ILE A 75 -3.23 2.71 10.92
N CYS A 76 -2.63 1.73 11.60
CA CYS A 76 -3.37 0.56 12.07
C CYS A 76 -4.12 0.76 13.41
N LYS A 77 -3.50 0.43 14.54
CA LYS A 77 -4.03 0.66 15.88
C LYS A 77 -2.88 0.90 16.84
N GLU A 78 -2.18 1.97 16.55
CA GLU A 78 -1.12 2.47 17.39
C GLU A 78 -1.84 3.17 18.55
N GLY A 1 -8.84 2.20 14.61
CA GLY A 1 -8.93 2.99 13.37
C GLY A 1 -9.22 2.12 12.15
N TYR A 2 -10.26 2.45 11.36
CA TYR A 2 -10.60 1.76 10.10
C TYR A 2 -9.44 1.75 9.10
N PHE A 3 -8.52 2.72 9.23
CA PHE A 3 -7.30 2.77 8.46
C PHE A 3 -6.52 1.47 8.45
N CYS A 4 -6.44 0.72 9.55
CA CYS A 4 -5.59 -0.46 9.59
C CYS A 4 -5.96 -1.48 8.52
N GLU A 5 -7.19 -2.01 8.57
CA GLU A 5 -7.63 -3.09 7.68
C GLU A 5 -7.55 -2.57 6.24
N SER A 6 -8.09 -1.37 6.00
CA SER A 6 -8.01 -0.71 4.71
C SER A 6 -6.57 -0.71 4.18
N CYS A 7 -5.62 -0.20 4.96
CA CYS A 7 -4.22 -0.12 4.60
C CYS A 7 -3.62 -1.49 4.35
N ARG A 8 -3.83 -2.44 5.27
CA ARG A 8 -3.41 -3.82 5.20
C ARG A 8 -3.82 -4.40 3.84
N LYS A 9 -5.09 -4.28 3.49
CA LYS A 9 -5.64 -4.75 2.23
C LYS A 9 -5.03 -4.02 1.02
N ILE A 10 -4.83 -2.70 1.14
CA ILE A 10 -4.22 -1.86 0.11
C ILE A 10 -2.79 -2.32 -0.18
N ILE A 11 -1.94 -2.51 0.86
CA ILE A 11 -0.59 -3.07 0.67
C ILE A 11 -0.73 -4.47 0.09
N GLN A 12 -1.56 -5.35 0.66
CA GLN A 12 -1.66 -6.75 0.23
C GLN A 12 -1.94 -6.84 -1.27
N LYS A 13 -2.92 -6.09 -1.79
CA LYS A 13 -3.21 -6.14 -3.22
C LYS A 13 -2.05 -5.60 -4.06
N LEU A 14 -1.23 -4.68 -3.54
CA LEU A 14 -0.02 -4.21 -4.23
C LEU A 14 0.93 -5.39 -4.31
N GLU A 15 1.31 -5.89 -3.14
CA GLU A 15 2.28 -6.92 -2.84
C GLU A 15 2.03 -8.20 -3.64
N ASP A 16 0.78 -8.66 -3.65
CA ASP A 16 0.27 -9.79 -4.42
C ASP A 16 0.53 -9.62 -5.91
N MET A 17 0.24 -8.43 -6.46
CA MET A 17 0.32 -8.22 -7.89
C MET A 17 1.75 -7.94 -8.34
N VAL A 18 2.45 -7.02 -7.67
CA VAL A 18 3.83 -6.74 -8.05
C VAL A 18 4.70 -8.00 -7.86
N GLY A 19 4.34 -8.84 -6.88
CA GLY A 19 5.02 -10.06 -6.52
C GLY A 19 6.29 -9.80 -5.70
N PRO A 20 7.13 -10.82 -5.50
CA PRO A 20 8.39 -10.67 -4.79
C PRO A 20 9.38 -9.90 -5.67
N GLN A 21 10.42 -9.43 -5.00
CA GLN A 21 11.55 -8.65 -5.52
C GLN A 21 11.16 -7.71 -6.68
N PRO A 22 10.22 -6.77 -6.47
CA PRO A 22 9.81 -5.84 -7.50
C PRO A 22 10.85 -4.70 -7.62
N ASN A 23 10.51 -3.62 -8.34
CA ASN A 23 11.37 -2.46 -8.50
C ASN A 23 10.53 -1.19 -8.40
N GLU A 24 11.23 -0.11 -8.03
CA GLU A 24 10.76 1.23 -7.74
C GLU A 24 9.69 1.78 -8.68
N ASP A 25 9.81 1.55 -9.99
CA ASP A 25 8.79 1.97 -10.94
C ASP A 25 7.56 1.09 -10.80
N THR A 26 7.74 -0.22 -10.96
CA THR A 26 6.64 -1.16 -10.98
C THR A 26 5.81 -1.06 -9.70
N VAL A 27 6.42 -0.85 -8.54
CA VAL A 27 5.70 -0.62 -7.29
C VAL A 27 4.90 0.69 -7.37
N THR A 28 5.50 1.78 -7.87
CA THR A 28 4.83 3.06 -8.05
C THR A 28 3.61 2.92 -8.98
N GLN A 29 3.77 2.38 -10.18
CA GLN A 29 2.66 2.26 -11.13
C GLN A 29 1.63 1.25 -10.64
N ALA A 30 2.06 0.14 -10.01
CA ALA A 30 1.16 -0.81 -9.40
C ALA A 30 0.25 -0.09 -8.42
N ALA A 31 0.76 0.86 -7.62
CA ALA A 31 -0.02 1.56 -6.60
C ALA A 31 -1.10 2.47 -7.21
N SER A 32 -0.80 3.31 -8.19
CA SER A 32 -1.87 4.14 -8.76
C SER A 32 -3.01 3.29 -9.30
N GLN A 33 -2.71 2.09 -9.78
CA GLN A 33 -3.70 1.16 -10.27
C GLN A 33 -4.24 0.27 -9.14
N VAL A 34 -3.51 0.04 -8.04
CA VAL A 34 -3.93 -0.84 -6.95
C VAL A 34 -5.21 -0.23 -6.40
N CYS A 35 -5.20 1.11 -6.30
CA CYS A 35 -6.31 1.89 -5.84
C CYS A 35 -7.44 1.86 -6.84
N ASP A 36 -7.19 2.14 -8.13
CA ASP A 36 -8.29 1.96 -9.09
C ASP A 36 -8.95 0.56 -9.02
N LYS A 37 -8.13 -0.49 -8.91
CA LYS A 37 -8.56 -1.88 -8.98
C LYS A 37 -9.31 -2.23 -7.70
N LEU A 38 -8.83 -1.79 -6.53
CA LEU A 38 -9.53 -1.95 -5.27
C LEU A 38 -10.58 -0.84 -5.29
N LYS A 39 -11.69 -1.05 -6.03
CA LYS A 39 -12.69 -0.01 -6.17
C LYS A 39 -13.52 0.01 -4.89
N ILE A 40 -14.20 1.12 -4.63
CA ILE A 40 -14.96 1.44 -3.40
C ILE A 40 -13.86 1.94 -2.44
N LEU A 41 -12.80 1.16 -2.21
CA LEU A 41 -11.67 1.53 -1.36
C LEU A 41 -10.66 2.39 -2.14
N ARG A 42 -11.02 2.81 -3.35
CA ARG A 42 -10.33 3.72 -4.26
C ARG A 42 -10.14 5.06 -3.56
N GLY A 43 -11.15 5.54 -2.82
CA GLY A 43 -11.02 6.77 -2.06
C GLY A 43 -9.89 6.67 -1.04
N LEU A 44 -9.94 5.64 -0.19
CA LEU A 44 -9.01 5.46 0.92
C LEU A 44 -7.60 5.30 0.34
N CYS A 45 -7.40 4.35 -0.58
CA CYS A 45 -6.16 4.13 -1.29
C CYS A 45 -5.65 5.38 -1.99
N LYS A 46 -6.46 6.13 -2.75
CA LYS A 46 -5.98 7.37 -3.36
C LYS A 46 -5.51 8.34 -2.27
N LYS A 47 -6.18 8.46 -1.11
CA LYS A 47 -5.63 9.28 -0.02
C LYS A 47 -4.29 8.70 0.41
N ILE A 48 -4.17 7.40 0.64
CA ILE A 48 -2.93 6.75 1.11
C ILE A 48 -1.80 7.13 0.17
N MET A 49 -2.01 7.08 -1.15
CA MET A 49 -0.95 7.40 -2.10
C MET A 49 -0.70 8.92 -2.17
N ARG A 50 -1.72 9.77 -2.25
CA ARG A 50 -1.53 11.23 -2.21
C ARG A 50 -0.72 11.65 -0.99
N SER A 51 -0.99 10.98 0.13
CA SER A 51 -0.38 11.23 1.42
C SER A 51 1.01 10.59 1.54
N PHE A 52 1.25 9.37 1.01
CA PHE A 52 2.50 8.66 1.23
C PHE A 52 2.93 7.70 0.08
N LEU A 53 2.75 7.99 -1.21
CA LEU A 53 3.05 7.01 -2.29
C LEU A 53 4.50 6.57 -2.23
N ARG A 54 5.43 7.54 -2.32
CA ARG A 54 6.87 7.28 -2.26
C ARG A 54 7.25 6.40 -1.06
N ARG A 55 6.61 6.57 0.11
CA ARG A 55 6.85 5.74 1.27
C ARG A 55 6.29 4.33 1.07
N ILE A 56 5.09 4.17 0.52
CA ILE A 56 4.54 2.83 0.23
C ILE A 56 5.52 2.07 -0.68
N SER A 57 6.28 2.76 -1.55
CA SER A 57 7.21 2.07 -2.42
C SER A 57 8.35 1.50 -1.58
N TRP A 58 9.02 2.31 -0.74
CA TRP A 58 10.04 1.86 0.20
C TRP A 58 9.53 0.66 1.00
N ASP A 59 8.33 0.77 1.56
CA ASP A 59 7.68 -0.32 2.27
C ASP A 59 7.61 -1.64 1.51
N ILE A 60 7.08 -1.68 0.29
CA ILE A 60 7.12 -2.91 -0.51
C ILE A 60 8.57 -3.34 -0.78
N LEU A 61 9.42 -2.44 -1.27
CA LEU A 61 10.80 -2.74 -1.69
C LEU A 61 11.64 -3.33 -0.55
N THR A 62 11.45 -2.90 0.69
CA THR A 62 12.13 -3.47 1.86
C THR A 62 11.48 -4.78 2.33
N GLY A 63 10.61 -5.38 1.50
CA GLY A 63 9.78 -6.55 1.73
C GLY A 63 9.19 -6.54 3.13
N LYS A 64 8.60 -5.42 3.55
CA LYS A 64 8.09 -5.30 4.90
C LYS A 64 6.66 -5.82 4.81
N LYS A 65 6.19 -6.52 5.84
CA LYS A 65 4.87 -7.15 5.75
C LYS A 65 3.77 -6.08 5.81
N PRO A 66 2.54 -6.36 5.32
CA PRO A 66 1.47 -5.37 5.19
C PRO A 66 1.00 -4.77 6.51
N GLN A 67 0.54 -5.63 7.43
CA GLN A 67 -0.03 -5.14 8.68
C GLN A 67 1.01 -4.34 9.48
N ALA A 68 2.30 -4.67 9.34
CA ALA A 68 3.40 -3.95 9.98
C ALA A 68 3.70 -2.67 9.21
N ILE A 69 3.70 -2.66 7.87
CA ILE A 69 3.84 -1.44 7.05
C ILE A 69 2.85 -0.39 7.54
N CYS A 70 1.61 -0.80 7.70
CA CYS A 70 0.60 0.11 8.19
C CYS A 70 0.93 0.63 9.59
N VAL A 71 1.39 -0.16 10.57
CA VAL A 71 1.73 0.44 11.88
C VAL A 71 3.01 1.31 11.77
N ASP A 72 3.98 0.91 10.94
CA ASP A 72 5.26 1.56 10.62
C ASP A 72 5.13 3.05 10.29
N ILE A 73 4.30 3.42 9.31
CA ILE A 73 4.02 4.83 9.01
C ILE A 73 2.80 5.37 9.78
N LYS A 74 2.19 4.53 10.61
CA LYS A 74 1.11 4.79 11.54
C LYS A 74 -0.21 5.03 10.81
N ILE A 75 -0.79 3.92 10.41
CA ILE A 75 -2.04 3.72 9.70
C ILE A 75 -2.73 2.46 10.28
N CYS A 76 -1.98 1.50 10.85
CA CYS A 76 -2.54 0.35 11.55
C CYS A 76 -2.24 0.47 13.05
N LYS A 77 -2.82 -0.44 13.84
CA LYS A 77 -2.82 -0.46 15.31
C LYS A 77 -3.29 0.91 15.79
N GLU A 78 -4.03 1.60 14.92
CA GLU A 78 -4.68 2.83 15.20
C GLU A 78 -6.08 2.44 15.71
N GLY A 1 -8.15 2.06 14.12
CA GLY A 1 -9.32 2.44 13.30
C GLY A 1 -9.50 1.48 12.13
N TYR A 2 -10.59 1.59 11.34
CA TYR A 2 -10.80 0.77 10.14
C TYR A 2 -9.58 0.81 9.21
N PHE A 3 -8.88 1.97 9.20
CA PHE A 3 -7.63 2.20 8.50
C PHE A 3 -6.66 1.02 8.58
N CYS A 4 -6.56 0.30 9.70
CA CYS A 4 -5.68 -0.86 9.81
C CYS A 4 -6.00 -1.91 8.74
N GLU A 5 -7.27 -2.32 8.65
CA GLU A 5 -7.76 -3.25 7.65
C GLU A 5 -7.58 -2.63 6.27
N SER A 6 -8.00 -1.37 6.09
CA SER A 6 -7.90 -0.68 4.82
C SER A 6 -6.46 -0.75 4.29
N CYS A 7 -5.51 -0.37 5.13
CA CYS A 7 -4.08 -0.37 4.90
C CYS A 7 -3.60 -1.78 4.58
N ARG A 8 -3.94 -2.77 5.42
CA ARG A 8 -3.57 -4.16 5.18
C ARG A 8 -4.04 -4.59 3.80
N LYS A 9 -5.28 -4.27 3.42
CA LYS A 9 -5.84 -4.60 2.11
C LYS A 9 -5.05 -3.88 1.01
N ILE A 10 -4.81 -2.57 1.14
CA ILE A 10 -4.14 -1.74 0.13
C ILE A 10 -2.72 -2.25 -0.11
N ILE A 11 -1.93 -2.47 0.95
CA ILE A 11 -0.59 -3.02 0.84
C ILE A 11 -0.66 -4.41 0.20
N GLN A 12 -1.43 -5.33 0.77
CA GLN A 12 -1.47 -6.71 0.30
C GLN A 12 -1.91 -6.79 -1.15
N LYS A 13 -2.86 -5.98 -1.59
CA LYS A 13 -3.26 -6.07 -2.99
C LYS A 13 -2.15 -5.51 -3.89
N LEU A 14 -1.32 -4.57 -3.42
CA LEU A 14 -0.20 -4.06 -4.23
C LEU A 14 0.83 -5.20 -4.32
N GLU A 15 1.11 -5.86 -3.21
CA GLU A 15 2.00 -7.01 -3.06
C GLU A 15 1.56 -8.08 -4.07
N ASP A 16 0.27 -8.46 -4.06
CA ASP A 16 -0.41 -9.36 -5.02
C ASP A 16 -0.31 -8.93 -6.48
N MET A 17 -0.20 -7.63 -6.75
CA MET A 17 -0.02 -7.12 -8.10
C MET A 17 1.41 -7.19 -8.56
N VAL A 18 2.31 -6.49 -7.87
CA VAL A 18 3.69 -6.39 -8.30
C VAL A 18 4.33 -7.79 -8.32
N GLY A 19 3.96 -8.64 -7.35
CA GLY A 19 4.48 -9.98 -7.22
C GLY A 19 5.87 -9.95 -6.58
N PRO A 20 6.85 -10.75 -7.06
CA PRO A 20 8.17 -10.85 -6.46
C PRO A 20 8.99 -9.56 -6.64
N GLN A 21 10.21 -9.60 -6.09
CA GLN A 21 11.26 -8.58 -6.02
C GLN A 21 11.09 -7.44 -7.05
N PRO A 22 10.34 -6.38 -6.70
CA PRO A 22 10.01 -5.32 -7.63
C PRO A 22 11.06 -4.19 -7.61
N ASN A 23 10.76 -3.08 -8.30
CA ASN A 23 11.57 -1.86 -8.31
C ASN A 23 10.64 -0.65 -8.24
N GLU A 24 11.21 0.49 -7.83
CA GLU A 24 10.54 1.77 -7.56
C GLU A 24 9.46 2.16 -8.59
N ASP A 25 9.71 1.96 -9.88
CA ASP A 25 8.73 2.27 -10.92
C ASP A 25 7.59 1.27 -10.85
N THR A 26 7.91 -0.02 -10.96
CA THR A 26 6.92 -1.07 -11.05
C THR A 26 6.01 -1.06 -9.82
N VAL A 27 6.51 -0.73 -8.62
CA VAL A 27 5.67 -0.57 -7.44
C VAL A 27 4.78 0.68 -7.60
N THR A 28 5.32 1.80 -8.08
CA THR A 28 4.58 3.04 -8.31
C THR A 28 3.44 2.83 -9.32
N GLN A 29 3.69 2.20 -10.47
CA GLN A 29 2.63 1.96 -11.44
C GLN A 29 1.64 0.94 -10.86
N ALA A 30 2.12 -0.18 -10.31
CA ALA A 30 1.26 -1.20 -9.70
C ALA A 30 0.38 -0.59 -8.62
N ALA A 31 0.83 0.40 -7.87
CA ALA A 31 0.06 1.16 -6.90
C ALA A 31 -1.03 2.00 -7.60
N SER A 32 -0.71 2.74 -8.65
CA SER A 32 -1.76 3.47 -9.37
C SER A 32 -2.88 2.54 -9.84
N GLN A 33 -2.56 1.28 -10.15
CA GLN A 33 -3.55 0.27 -10.46
C GLN A 33 -4.01 -0.44 -9.19
N VAL A 34 -3.32 -0.42 -8.04
CA VAL A 34 -3.75 -1.06 -6.81
C VAL A 34 -5.06 -0.40 -6.39
N CYS A 35 -5.11 0.93 -6.55
CA CYS A 35 -6.29 1.71 -6.29
C CYS A 35 -7.32 1.35 -7.36
N ASP A 36 -6.97 1.33 -8.65
CA ASP A 36 -7.97 0.83 -9.62
C ASP A 36 -8.58 -0.55 -9.27
N LYS A 37 -7.76 -1.53 -8.87
CA LYS A 37 -8.15 -2.93 -8.65
C LYS A 37 -8.94 -2.97 -7.36
N LEU A 38 -8.52 -2.27 -6.31
CA LEU A 38 -9.29 -2.12 -5.09
C LEU A 38 -10.29 -1.01 -5.33
N LYS A 39 -11.41 -1.32 -6.02
CA LYS A 39 -12.47 -0.32 -6.16
C LYS A 39 -13.23 -0.31 -4.83
N ILE A 40 -14.03 0.72 -4.59
CA ILE A 40 -14.73 1.03 -3.33
C ILE A 40 -13.65 1.72 -2.50
N LEU A 41 -12.55 1.01 -2.17
CA LEU A 41 -11.48 1.52 -1.32
C LEU A 41 -10.47 2.38 -2.11
N ARG A 42 -10.78 2.70 -3.38
CA ARG A 42 -9.99 3.51 -4.31
C ARG A 42 -9.77 4.90 -3.74
N GLY A 43 -10.77 5.48 -3.08
CA GLY A 43 -10.64 6.77 -2.42
C GLY A 43 -9.57 6.72 -1.34
N LEU A 44 -9.66 5.74 -0.42
CA LEU A 44 -8.75 5.64 0.72
C LEU A 44 -7.35 5.39 0.20
N CYS A 45 -7.16 4.41 -0.70
CA CYS A 45 -5.93 4.12 -1.40
C CYS A 45 -5.31 5.39 -1.97
N LYS A 46 -6.02 6.14 -2.80
CA LYS A 46 -5.47 7.37 -3.36
C LYS A 46 -5.10 8.38 -2.27
N LYS A 47 -5.88 8.52 -1.19
CA LYS A 47 -5.48 9.37 -0.07
C LYS A 47 -4.19 8.87 0.58
N ILE A 48 -3.99 7.55 0.74
CA ILE A 48 -2.76 6.98 1.26
C ILE A 48 -1.62 7.44 0.34
N MET A 49 -1.70 7.19 -0.96
CA MET A 49 -0.64 7.53 -1.90
C MET A 49 -0.39 9.04 -1.87
N ARG A 50 -1.39 9.92 -1.83
CA ARG A 50 -1.14 11.37 -1.72
C ARG A 50 -0.27 11.73 -0.52
N SER A 51 -0.46 11.01 0.57
CA SER A 51 0.18 11.23 1.86
C SER A 51 1.47 10.39 2.06
N PHE A 52 1.69 9.33 1.28
CA PHE A 52 2.79 8.39 1.47
C PHE A 52 3.18 7.68 0.16
N LEU A 53 3.20 8.32 -1.02
CA LEU A 53 3.42 7.60 -2.28
C LEU A 53 4.76 6.86 -2.30
N ARG A 54 5.89 7.58 -2.25
CA ARG A 54 7.21 6.95 -2.33
C ARG A 54 7.41 6.06 -1.09
N ARG A 55 6.72 6.36 0.02
CA ARG A 55 6.74 5.52 1.19
C ARG A 55 6.13 4.15 0.91
N ILE A 56 4.97 4.06 0.26
CA ILE A 56 4.39 2.76 -0.08
C ILE A 56 5.36 1.99 -0.99
N SER A 57 6.18 2.70 -1.78
CA SER A 57 7.18 2.05 -2.59
C SER A 57 8.25 1.46 -1.67
N TRP A 58 8.90 2.25 -0.79
CA TRP A 58 9.86 1.75 0.21
C TRP A 58 9.30 0.52 0.94
N ASP A 59 8.07 0.63 1.42
CA ASP A 59 7.36 -0.41 2.14
C ASP A 59 7.36 -1.75 1.37
N ILE A 60 6.82 -1.79 0.16
CA ILE A 60 6.86 -2.97 -0.70
C ILE A 60 8.31 -3.36 -1.07
N LEU A 61 9.20 -2.41 -1.40
CA LEU A 61 10.58 -2.68 -1.83
C LEU A 61 11.37 -3.43 -0.75
N THR A 62 11.18 -3.05 0.52
CA THR A 62 11.79 -3.73 1.65
C THR A 62 11.03 -5.01 2.03
N GLY A 63 10.07 -5.45 1.20
CA GLY A 63 9.14 -6.54 1.41
C GLY A 63 8.64 -6.55 2.84
N LYS A 64 8.21 -5.38 3.34
CA LYS A 64 7.86 -5.28 4.73
C LYS A 64 6.40 -5.69 4.79
N LYS A 65 6.03 -6.39 5.85
CA LYS A 65 4.69 -6.95 5.93
C LYS A 65 3.64 -5.86 6.17
N PRO A 66 2.36 -6.11 5.84
CA PRO A 66 1.29 -5.12 5.88
C PRO A 66 0.99 -4.61 7.28
N GLN A 67 0.68 -5.50 8.22
CA GLN A 67 0.31 -5.09 9.56
C GLN A 67 1.46 -4.32 10.24
N ALA A 68 2.71 -4.55 9.80
CA ALA A 68 3.85 -3.79 10.28
C ALA A 68 3.86 -2.44 9.57
N ILE A 69 3.69 -2.38 8.24
CA ILE A 69 3.64 -1.12 7.49
C ILE A 69 2.63 -0.13 8.11
N CYS A 70 1.42 -0.57 8.41
CA CYS A 70 0.40 0.29 8.99
C CYS A 70 0.88 0.85 10.34
N VAL A 71 1.50 0.07 11.21
CA VAL A 71 1.98 0.61 12.49
C VAL A 71 3.19 1.53 12.25
N ASP A 72 4.12 1.12 11.39
CA ASP A 72 5.33 1.82 10.94
C ASP A 72 5.10 3.26 10.48
N ILE A 73 4.18 3.52 9.53
CA ILE A 73 3.84 4.89 9.13
C ILE A 73 2.66 5.50 9.91
N LYS A 74 2.12 4.74 10.85
CA LYS A 74 1.10 5.07 11.84
C LYS A 74 -0.28 5.20 11.19
N ILE A 75 -0.98 4.08 11.05
CA ILE A 75 -2.25 3.95 10.33
C ILE A 75 -3.27 3.04 11.07
N CYS A 76 -2.81 2.07 11.87
CA CYS A 76 -3.63 1.05 12.51
C CYS A 76 -4.26 1.54 13.83
N LYS A 77 -3.55 1.34 14.94
CA LYS A 77 -3.88 1.82 16.27
C LYS A 77 -2.57 1.76 17.04
N GLU A 78 -1.75 2.75 16.75
CA GLU A 78 -0.50 3.01 17.42
C GLU A 78 -0.89 3.60 18.78
N GLY A 1 -7.79 2.62 14.05
CA GLY A 1 -9.12 2.83 13.43
C GLY A 1 -9.40 1.77 12.36
N TYR A 2 -10.53 1.87 11.63
CA TYR A 2 -10.80 0.99 10.47
C TYR A 2 -9.59 0.95 9.54
N PHE A 3 -8.90 2.10 9.42
CA PHE A 3 -7.65 2.28 8.70
C PHE A 3 -6.67 1.11 8.78
N CYS A 4 -6.52 0.42 9.92
CA CYS A 4 -5.61 -0.73 10.00
C CYS A 4 -6.02 -1.83 9.02
N GLU A 5 -7.30 -2.23 9.05
CA GLU A 5 -7.89 -3.21 8.15
C GLU A 5 -7.75 -2.68 6.72
N SER A 6 -8.15 -1.42 6.49
CA SER A 6 -8.08 -0.78 5.19
C SER A 6 -6.67 -0.96 4.63
N CYS A 7 -5.68 -0.44 5.34
CA CYS A 7 -4.27 -0.46 5.02
C CYS A 7 -3.78 -1.88 4.77
N ARG A 8 -4.15 -2.84 5.62
CA ARG A 8 -3.76 -4.23 5.41
C ARG A 8 -4.28 -4.67 4.05
N LYS A 9 -5.56 -4.47 3.74
CA LYS A 9 -6.15 -4.80 2.46
C LYS A 9 -5.39 -4.14 1.32
N ILE A 10 -5.02 -2.87 1.47
CA ILE A 10 -4.39 -2.07 0.43
C ILE A 10 -3.04 -2.69 0.11
N ILE A 11 -2.16 -2.82 1.12
CA ILE A 11 -0.84 -3.39 0.90
C ILE A 11 -1.00 -4.84 0.43
N GLN A 12 -1.87 -5.68 1.01
CA GLN A 12 -1.97 -7.09 0.63
C GLN A 12 -2.24 -7.22 -0.88
N LYS A 13 -3.21 -6.48 -1.44
CA LYS A 13 -3.46 -6.57 -2.87
C LYS A 13 -2.30 -6.01 -3.69
N LEU A 14 -1.53 -5.04 -3.18
CA LEU A 14 -0.36 -4.50 -3.88
C LEU A 14 0.80 -5.49 -3.87
N GLU A 15 1.04 -6.12 -2.73
CA GLU A 15 2.06 -7.12 -2.46
C GLU A 15 1.83 -8.29 -3.41
N ASP A 16 0.61 -8.81 -3.43
CA ASP A 16 0.12 -9.85 -4.34
C ASP A 16 0.31 -9.42 -5.80
N MET A 17 -0.05 -8.18 -6.14
CA MET A 17 0.01 -7.68 -7.50
C MET A 17 1.44 -7.54 -8.00
N VAL A 18 2.27 -6.74 -7.33
CA VAL A 18 3.60 -6.46 -7.84
C VAL A 18 4.40 -7.77 -7.90
N GLY A 19 4.18 -8.66 -6.92
CA GLY A 19 4.80 -9.97 -6.88
C GLY A 19 6.25 -9.85 -6.38
N PRO A 20 7.20 -10.60 -6.96
CA PRO A 20 8.58 -10.62 -6.51
C PRO A 20 9.32 -9.33 -6.91
N GLN A 21 10.52 -9.20 -6.35
CA GLN A 21 11.57 -8.19 -6.52
C GLN A 21 11.15 -7.02 -7.42
N PRO A 22 10.31 -6.08 -6.92
CA PRO A 22 9.83 -4.96 -7.72
C PRO A 22 10.89 -3.86 -7.75
N ASN A 23 10.57 -2.74 -8.43
CA ASN A 23 11.39 -1.54 -8.46
C ASN A 23 10.47 -0.33 -8.34
N GLU A 24 11.06 0.80 -7.97
CA GLU A 24 10.44 2.09 -7.69
C GLU A 24 9.33 2.51 -8.67
N ASP A 25 9.51 2.29 -9.97
CA ASP A 25 8.45 2.58 -10.96
C ASP A 25 7.33 1.57 -10.79
N THR A 26 7.66 0.28 -10.89
CA THR A 26 6.68 -0.78 -10.88
C THR A 26 5.81 -0.71 -9.62
N VAL A 27 6.36 -0.35 -8.45
CA VAL A 27 5.53 -0.15 -7.27
C VAL A 27 4.62 1.06 -7.48
N THR A 28 5.15 2.20 -7.96
CA THR A 28 4.38 3.41 -8.21
C THR A 28 3.20 3.13 -9.15
N GLN A 29 3.43 2.52 -10.31
CA GLN A 29 2.37 2.24 -11.27
C GLN A 29 1.43 1.17 -10.71
N ALA A 30 1.97 0.05 -10.22
CA ALA A 30 1.15 -1.07 -9.74
C ALA A 30 0.26 -0.60 -8.59
N ALA A 31 0.73 0.27 -7.70
CA ALA A 31 -0.01 0.80 -6.58
C ALA A 31 -1.02 1.87 -7.00
N SER A 32 -0.65 2.86 -7.80
CA SER A 32 -1.64 3.87 -8.20
C SER A 32 -2.83 3.21 -8.89
N GLN A 33 -2.59 2.10 -9.60
CA GLN A 33 -3.61 1.27 -10.21
C GLN A 33 -4.11 0.14 -9.29
N VAL A 34 -3.40 -0.24 -8.21
CA VAL A 34 -3.90 -1.22 -7.23
C VAL A 34 -5.16 -0.59 -6.67
N CYS A 35 -5.09 0.72 -6.42
CA CYS A 35 -6.15 1.50 -5.86
C CYS A 35 -7.28 1.59 -6.85
N ASP A 36 -6.94 1.98 -8.07
CA ASP A 36 -7.91 2.15 -9.14
C ASP A 36 -8.80 0.90 -9.31
N LYS A 37 -8.15 -0.26 -9.22
CA LYS A 37 -8.67 -1.62 -9.35
C LYS A 37 -9.47 -2.02 -8.09
N LEU A 38 -9.01 -1.62 -6.90
CA LEU A 38 -9.67 -1.85 -5.63
C LEU A 38 -10.89 -0.94 -5.60
N LYS A 39 -12.06 -1.46 -5.96
CA LYS A 39 -13.27 -0.64 -6.01
C LYS A 39 -13.73 -0.48 -4.57
N ILE A 40 -14.53 0.56 -4.30
CA ILE A 40 -15.00 1.00 -2.98
C ILE A 40 -13.80 1.71 -2.32
N LEU A 41 -12.68 1.01 -2.13
CA LEU A 41 -11.51 1.51 -1.41
C LEU A 41 -10.60 2.38 -2.30
N ARG A 42 -11.02 2.73 -3.52
CA ARG A 42 -10.24 3.48 -4.51
C ARG A 42 -9.82 4.83 -3.94
N GLY A 43 -10.76 5.58 -3.34
CA GLY A 43 -10.47 6.88 -2.76
C GLY A 43 -9.44 6.78 -1.63
N LEU A 44 -9.62 5.82 -0.72
CA LEU A 44 -8.81 5.66 0.48
C LEU A 44 -7.38 5.34 0.04
N CYS A 45 -7.25 4.36 -0.86
CA CYS A 45 -6.00 3.97 -1.47
C CYS A 45 -5.35 5.14 -2.19
N LYS A 46 -6.00 5.77 -3.18
CA LYS A 46 -5.41 6.87 -3.93
C LYS A 46 -4.95 8.00 -3.00
N LYS A 47 -5.69 8.33 -1.92
CA LYS A 47 -5.18 9.30 -0.95
C LYS A 47 -3.89 8.78 -0.33
N ILE A 48 -3.87 7.58 0.25
CA ILE A 48 -2.68 7.03 0.91
C ILE A 48 -1.49 7.08 -0.05
N MET A 49 -1.66 6.57 -1.28
CA MET A 49 -0.59 6.55 -2.27
C MET A 49 -0.11 7.96 -2.58
N ARG A 50 -0.96 8.93 -2.89
CA ARG A 50 -0.44 10.28 -3.19
C ARG A 50 0.26 10.87 -1.97
N SER A 51 -0.34 10.70 -0.80
CA SER A 51 0.10 11.27 0.46
C SER A 51 1.43 10.69 0.94
N PHE A 52 1.73 9.42 0.65
CA PHE A 52 2.90 8.72 1.17
C PHE A 52 3.52 7.80 0.11
N LEU A 53 3.62 8.22 -1.16
CA LEU A 53 4.05 7.35 -2.25
C LEU A 53 5.45 6.80 -1.97
N ARG A 54 6.44 7.68 -1.78
CA ARG A 54 7.83 7.34 -1.49
C ARG A 54 7.86 6.32 -0.33
N ARG A 55 7.01 6.50 0.70
CA ARG A 55 6.94 5.56 1.79
C ARG A 55 6.45 4.20 1.29
N ILE A 56 5.29 4.12 0.63
CA ILE A 56 4.75 2.82 0.23
C ILE A 56 5.72 2.09 -0.68
N SER A 57 6.49 2.83 -1.49
CA SER A 57 7.49 2.21 -2.34
C SER A 57 8.61 1.63 -1.47
N TRP A 58 9.19 2.40 -0.52
CA TRP A 58 10.18 1.86 0.43
C TRP A 58 9.66 0.59 1.09
N ASP A 59 8.44 0.65 1.64
CA ASP A 59 7.79 -0.48 2.30
C ASP A 59 7.75 -1.74 1.45
N ILE A 60 7.23 -1.68 0.22
CA ILE A 60 7.28 -2.79 -0.72
C ILE A 60 8.71 -3.20 -1.07
N LEU A 61 9.60 -2.24 -1.40
CA LEU A 61 10.98 -2.51 -1.84
C LEU A 61 11.77 -3.24 -0.75
N THR A 62 11.52 -2.95 0.53
CA THR A 62 12.12 -3.64 1.67
C THR A 62 11.38 -4.94 2.02
N GLY A 63 10.45 -5.37 1.17
CA GLY A 63 9.53 -6.50 1.33
C GLY A 63 8.98 -6.59 2.74
N LYS A 64 8.49 -5.48 3.30
CA LYS A 64 7.99 -5.48 4.66
C LYS A 64 6.52 -5.86 4.59
N LYS A 65 6.03 -6.62 5.57
CA LYS A 65 4.65 -7.11 5.54
C LYS A 65 3.59 -6.02 5.80
N PRO A 66 2.33 -6.23 5.37
CA PRO A 66 1.24 -5.27 5.40
C PRO A 66 0.87 -4.79 6.80
N GLN A 67 0.47 -5.69 7.70
CA GLN A 67 0.04 -5.28 9.02
C GLN A 67 1.16 -4.58 9.81
N ALA A 68 2.43 -4.81 9.45
CA ALA A 68 3.53 -4.09 10.03
C ALA A 68 3.62 -2.70 9.38
N ILE A 69 3.48 -2.61 8.04
CA ILE A 69 3.43 -1.34 7.30
C ILE A 69 2.44 -0.35 7.94
N CYS A 70 1.22 -0.80 8.25
CA CYS A 70 0.21 0.06 8.83
C CYS A 70 0.63 0.66 10.18
N VAL A 71 1.30 -0.11 11.04
CA VAL A 71 1.84 0.41 12.30
C VAL A 71 3.02 1.35 12.00
N ASP A 72 3.95 0.91 11.14
CA ASP A 72 5.18 1.54 10.68
C ASP A 72 5.04 2.99 10.19
N ILE A 73 4.07 3.29 9.32
CA ILE A 73 3.80 4.69 8.91
C ILE A 73 2.75 5.42 9.73
N LYS A 74 2.11 4.72 10.66
CA LYS A 74 1.17 5.18 11.65
C LYS A 74 -0.23 5.37 11.06
N ILE A 75 -0.97 4.26 10.95
CA ILE A 75 -2.29 4.17 10.33
C ILE A 75 -3.21 3.21 11.12
N CYS A 76 -2.64 2.28 11.89
CA CYS A 76 -3.35 1.22 12.60
C CYS A 76 -3.90 1.70 13.95
N LYS A 77 -3.14 1.53 15.04
CA LYS A 77 -3.39 2.01 16.39
C LYS A 77 -2.09 1.90 17.17
N GLU A 78 -1.22 2.85 16.91
CA GLU A 78 0.03 3.09 17.57
C GLU A 78 -0.39 4.02 18.70
N GLY A 1 -9.75 1.31 14.40
CA GLY A 1 -10.49 1.93 13.28
C GLY A 1 -10.23 1.16 11.99
N TYR A 2 -11.15 1.26 11.01
CA TYR A 2 -11.10 0.53 9.73
C TYR A 2 -9.81 0.76 8.93
N PHE A 3 -9.11 1.88 9.18
CA PHE A 3 -7.80 2.18 8.60
C PHE A 3 -6.84 0.99 8.59
N CYS A 4 -6.66 0.29 9.71
CA CYS A 4 -5.68 -0.78 9.80
C CYS A 4 -5.98 -1.89 8.78
N GLU A 5 -7.23 -2.35 8.74
CA GLU A 5 -7.69 -3.39 7.80
C GLU A 5 -7.54 -2.87 6.37
N SER A 6 -8.05 -1.65 6.11
CA SER A 6 -7.97 -1.01 4.81
C SER A 6 -6.54 -1.03 4.30
N CYS A 7 -5.61 -0.54 5.12
CA CYS A 7 -4.19 -0.48 4.84
C CYS A 7 -3.63 -1.87 4.57
N ARG A 8 -3.93 -2.85 5.42
CA ARG A 8 -3.47 -4.21 5.21
C ARG A 8 -3.94 -4.68 3.83
N LYS A 9 -5.23 -4.58 3.53
CA LYS A 9 -5.82 -5.01 2.26
C LYS A 9 -5.20 -4.27 1.08
N ILE A 10 -4.97 -2.96 1.21
CA ILE A 10 -4.36 -2.10 0.18
C ILE A 10 -2.97 -2.66 -0.16
N ILE A 11 -2.10 -2.81 0.84
CA ILE A 11 -0.77 -3.35 0.60
C ILE A 11 -0.90 -4.77 0.07
N GLN A 12 -1.68 -5.67 0.71
CA GLN A 12 -1.77 -7.07 0.32
C GLN A 12 -2.13 -7.21 -1.15
N LYS A 13 -3.15 -6.49 -1.64
CA LYS A 13 -3.55 -6.63 -3.03
C LYS A 13 -2.45 -6.13 -3.97
N LEU A 14 -1.63 -5.16 -3.57
CA LEU A 14 -0.49 -4.71 -4.36
C LEU A 14 0.59 -5.78 -4.36
N GLU A 15 0.98 -6.21 -3.17
CA GLU A 15 2.03 -7.17 -2.85
C GLU A 15 1.82 -8.45 -3.65
N ASP A 16 0.58 -8.94 -3.68
CA ASP A 16 0.13 -10.07 -4.48
C ASP A 16 0.36 -9.86 -5.98
N MET A 17 0.08 -8.65 -6.48
CA MET A 17 0.16 -8.38 -7.91
C MET A 17 1.59 -8.12 -8.35
N VAL A 18 2.30 -7.16 -7.74
CA VAL A 18 3.67 -6.89 -8.16
C VAL A 18 4.54 -8.15 -7.95
N GLY A 19 4.25 -8.91 -6.89
CA GLY A 19 5.00 -10.08 -6.49
C GLY A 19 6.29 -9.68 -5.74
N PRO A 20 7.27 -10.58 -5.63
CA PRO A 20 8.52 -10.30 -4.95
C PRO A 20 9.42 -9.39 -5.80
N GLN A 21 10.47 -8.93 -5.14
CA GLN A 21 11.57 -8.07 -5.61
C GLN A 21 11.19 -7.14 -6.79
N PRO A 22 10.23 -6.22 -6.61
CA PRO A 22 9.83 -5.27 -7.64
C PRO A 22 10.83 -4.10 -7.71
N ASN A 23 10.46 -3.05 -8.44
CA ASN A 23 11.25 -1.83 -8.65
C ASN A 23 10.30 -0.64 -8.56
N GLU A 24 10.79 0.45 -8.00
CA GLU A 24 10.06 1.67 -7.67
C GLU A 24 9.03 2.16 -8.70
N ASP A 25 9.33 2.11 -10.01
CA ASP A 25 8.35 2.54 -11.01
C ASP A 25 7.16 1.59 -10.97
N THR A 26 7.42 0.29 -11.15
CA THR A 26 6.38 -0.73 -11.19
C THR A 26 5.56 -0.68 -9.90
N VAL A 27 6.18 -0.43 -8.75
CA VAL A 27 5.46 -0.24 -7.50
C VAL A 27 4.57 1.01 -7.60
N THR A 28 5.09 2.14 -8.07
CA THR A 28 4.35 3.38 -8.23
C THR A 28 3.12 3.16 -9.13
N GLN A 29 3.28 2.58 -10.33
CA GLN A 29 2.17 2.37 -11.23
C GLN A 29 1.22 1.31 -10.67
N ALA A 30 1.73 0.14 -10.29
CA ALA A 30 0.91 -0.97 -9.82
C ALA A 30 0.15 -0.61 -8.55
N ALA A 31 0.71 0.22 -7.66
CA ALA A 31 0.06 0.64 -6.42
C ALA A 31 -0.92 1.78 -6.68
N SER A 32 -0.56 2.83 -7.42
CA SER A 32 -1.56 3.86 -7.76
C SER A 32 -2.75 3.26 -8.49
N GLN A 33 -2.53 2.18 -9.24
CA GLN A 33 -3.59 1.42 -9.88
C GLN A 33 -4.13 0.31 -8.97
N VAL A 34 -3.43 -0.15 -7.91
CA VAL A 34 -3.98 -1.13 -6.96
C VAL A 34 -5.25 -0.50 -6.39
N CYS A 35 -5.17 0.80 -6.11
CA CYS A 35 -6.22 1.59 -5.55
C CYS A 35 -7.33 1.72 -6.57
N ASP A 36 -6.95 2.09 -7.78
CA ASP A 36 -7.88 2.27 -8.89
C ASP A 36 -8.76 1.03 -9.08
N LYS A 37 -8.11 -0.14 -9.04
CA LYS A 37 -8.61 -1.49 -9.26
C LYS A 37 -9.43 -1.95 -8.05
N LEU A 38 -9.01 -1.60 -6.83
CA LEU A 38 -9.73 -1.84 -5.58
C LEU A 38 -10.86 -0.82 -5.60
N LYS A 39 -12.02 -1.20 -6.17
CA LYS A 39 -13.09 -0.22 -6.35
C LYS A 39 -13.76 -0.05 -4.99
N ILE A 40 -14.45 1.08 -4.81
CA ILE A 40 -15.08 1.56 -3.57
C ILE A 40 -13.93 2.08 -2.69
N LEU A 41 -12.93 1.25 -2.38
CA LEU A 41 -11.85 1.57 -1.46
C LEU A 41 -10.71 2.36 -2.15
N ARG A 42 -10.97 2.78 -3.40
CA ARG A 42 -10.17 3.65 -4.28
C ARG A 42 -10.01 4.98 -3.56
N GLY A 43 -11.06 5.51 -2.90
CA GLY A 43 -11.02 6.77 -2.19
C GLY A 43 -10.00 6.82 -1.04
N LEU A 44 -9.75 5.70 -0.34
CA LEU A 44 -8.75 5.68 0.72
C LEU A 44 -7.37 5.50 0.10
N CYS A 45 -7.15 4.38 -0.60
CA CYS A 45 -5.93 4.03 -1.26
C CYS A 45 -5.36 5.18 -2.12
N LYS A 46 -6.11 5.73 -3.07
CA LYS A 46 -5.61 6.81 -3.94
C LYS A 46 -5.09 7.97 -3.09
N LYS A 47 -5.78 8.31 -1.99
CA LYS A 47 -5.36 9.40 -1.12
C LYS A 47 -4.06 9.02 -0.39
N ILE A 48 -3.96 7.80 0.16
CA ILE A 48 -2.75 7.30 0.80
C ILE A 48 -1.56 7.41 -0.16
N MET A 49 -1.73 6.96 -1.42
CA MET A 49 -0.67 7.02 -2.42
C MET A 49 -0.20 8.45 -2.64
N ARG A 50 -1.10 9.42 -2.84
CA ARG A 50 -0.68 10.83 -3.00
C ARG A 50 0.06 11.27 -1.73
N SER A 51 -0.44 10.90 -0.55
CA SER A 51 0.08 11.33 0.73
C SER A 51 1.52 10.85 0.96
N PHE A 52 1.79 9.55 0.78
CA PHE A 52 3.08 8.96 1.12
C PHE A 52 3.59 8.01 0.02
N LEU A 53 3.66 8.45 -1.25
CA LEU A 53 4.01 7.57 -2.36
C LEU A 53 5.38 6.92 -2.13
N ARG A 54 6.43 7.74 -1.97
CA ARG A 54 7.79 7.23 -1.73
C ARG A 54 7.85 6.29 -0.52
N ARG A 55 7.00 6.45 0.50
CA ARG A 55 6.98 5.50 1.59
C ARG A 55 6.44 4.16 1.07
N ILE A 56 5.31 4.11 0.35
CA ILE A 56 4.79 2.85 -0.17
C ILE A 56 5.83 2.15 -1.07
N SER A 57 6.72 2.91 -1.73
CA SER A 57 7.81 2.30 -2.48
C SER A 57 8.79 1.63 -1.51
N TRP A 58 9.37 2.37 -0.55
CA TRP A 58 10.23 1.82 0.50
C TRP A 58 9.60 0.57 1.13
N ASP A 59 8.33 0.65 1.51
CA ASP A 59 7.59 -0.41 2.18
C ASP A 59 7.73 -1.73 1.43
N ILE A 60 7.29 -1.72 0.17
CA ILE A 60 7.34 -2.86 -0.74
C ILE A 60 8.79 -3.28 -0.97
N LEU A 61 9.68 -2.36 -1.35
CA LEU A 61 11.08 -2.67 -1.71
C LEU A 61 11.84 -3.31 -0.54
N THR A 62 11.60 -2.89 0.70
CA THR A 62 12.19 -3.52 1.89
C THR A 62 11.44 -4.80 2.31
N GLY A 63 10.56 -5.31 1.45
CA GLY A 63 9.66 -6.43 1.64
C GLY A 63 9.02 -6.44 3.03
N LYS A 64 8.48 -5.30 3.48
CA LYS A 64 7.98 -5.24 4.85
C LYS A 64 6.55 -5.72 4.77
N LYS A 65 6.10 -6.44 5.80
CA LYS A 65 4.78 -7.05 5.73
C LYS A 65 3.70 -5.97 5.85
N PRO A 66 2.47 -6.23 5.39
CA PRO A 66 1.39 -5.25 5.31
C PRO A 66 0.97 -4.72 6.67
N GLN A 67 0.58 -5.61 7.58
CA GLN A 67 0.12 -5.19 8.89
C GLN A 67 1.22 -4.44 9.65
N ALA A 68 2.50 -4.71 9.38
CA ALA A 68 3.63 -4.01 9.99
C ALA A 68 3.82 -2.65 9.30
N ILE A 69 3.61 -2.55 7.98
CA ILE A 69 3.66 -1.29 7.24
C ILE A 69 2.68 -0.30 7.89
N CYS A 70 1.42 -0.70 8.06
CA CYS A 70 0.38 0.07 8.73
C CYS A 70 0.81 0.51 10.13
N VAL A 71 1.52 -0.30 10.92
CA VAL A 71 2.03 0.21 12.19
C VAL A 71 3.12 1.27 11.91
N ASP A 72 4.12 0.97 11.07
CA ASP A 72 5.28 1.84 10.80
C ASP A 72 4.92 3.25 10.35
N ILE A 73 4.03 3.38 9.37
CA ILE A 73 3.55 4.69 8.87
C ILE A 73 2.34 5.23 9.65
N LYS A 74 1.96 4.54 10.72
CA LYS A 74 0.96 4.82 11.73
C LYS A 74 -0.44 4.97 11.17
N ILE A 75 -1.09 3.83 11.03
CA ILE A 75 -2.40 3.65 10.40
C ILE A 75 -3.26 2.76 11.32
N CYS A 76 -2.62 2.02 12.23
CA CYS A 76 -3.26 1.03 13.08
C CYS A 76 -3.33 1.53 14.53
N LYS A 77 -3.43 0.61 15.48
CA LYS A 77 -3.38 0.82 16.92
C LYS A 77 -2.06 0.24 17.33
N GLU A 78 -0.99 1.01 17.16
CA GLU A 78 0.31 0.61 17.67
C GLU A 78 0.05 0.31 19.14
N GLY A 1 -8.55 1.19 14.93
CA GLY A 1 -9.52 1.76 13.96
C GLY A 1 -9.56 0.93 12.69
N TYR A 2 -10.67 1.04 11.93
CA TYR A 2 -10.88 0.50 10.57
C TYR A 2 -9.64 0.58 9.69
N PHE A 3 -8.92 1.71 9.76
CA PHE A 3 -7.68 1.95 9.05
C PHE A 3 -6.73 0.75 8.94
N CYS A 4 -6.46 -0.01 10.00
CA CYS A 4 -5.48 -1.09 9.88
C CYS A 4 -5.91 -2.14 8.84
N GLU A 5 -7.18 -2.54 8.84
CA GLU A 5 -7.70 -3.57 7.95
C GLU A 5 -7.49 -3.08 6.51
N SER A 6 -8.11 -1.96 6.17
CA SER A 6 -8.06 -1.47 4.82
C SER A 6 -6.64 -1.08 4.39
N CYS A 7 -5.84 -0.49 5.26
CA CYS A 7 -4.43 -0.23 4.98
C CYS A 7 -3.72 -1.53 4.62
N ARG A 8 -3.89 -2.59 5.42
CA ARG A 8 -3.33 -3.91 5.14
C ARG A 8 -3.79 -4.35 3.75
N LYS A 9 -5.09 -4.32 3.47
CA LYS A 9 -5.68 -4.69 2.19
C LYS A 9 -5.07 -3.91 1.03
N ILE A 10 -4.87 -2.60 1.19
CA ILE A 10 -4.31 -1.72 0.17
C ILE A 10 -2.90 -2.19 -0.18
N ILE A 11 -2.02 -2.42 0.82
CA ILE A 11 -0.71 -2.99 0.50
C ILE A 11 -0.87 -4.39 -0.08
N GLN A 12 -1.64 -5.29 0.54
CA GLN A 12 -1.73 -6.70 0.11
C GLN A 12 -2.04 -6.81 -1.37
N LYS A 13 -3.04 -6.07 -1.87
CA LYS A 13 -3.38 -6.17 -3.29
C LYS A 13 -2.26 -5.61 -4.16
N LEU A 14 -1.49 -4.63 -3.68
CA LEU A 14 -0.40 -4.02 -4.43
C LEU A 14 0.74 -5.05 -4.49
N GLU A 15 1.12 -5.56 -3.32
CA GLU A 15 2.16 -6.53 -3.02
C GLU A 15 1.99 -7.77 -3.89
N ASP A 16 0.77 -8.30 -3.94
CA ASP A 16 0.33 -9.40 -4.80
C ASP A 16 0.60 -9.08 -6.28
N MET A 17 0.19 -7.90 -6.74
CA MET A 17 0.31 -7.52 -8.13
C MET A 17 1.77 -7.26 -8.53
N VAL A 18 2.46 -6.36 -7.83
CA VAL A 18 3.84 -6.02 -8.12
C VAL A 18 4.77 -7.23 -7.96
N GLY A 19 4.40 -8.16 -7.07
CA GLY A 19 5.17 -9.33 -6.68
C GLY A 19 6.18 -8.99 -5.58
N PRO A 20 6.82 -10.01 -4.98
CA PRO A 20 7.71 -9.84 -3.83
C PRO A 20 9.11 -9.27 -4.09
N GLN A 21 9.49 -9.03 -5.34
CA GLN A 21 10.75 -8.38 -5.70
C GLN A 21 10.52 -7.31 -6.78
N PRO A 22 9.94 -6.15 -6.43
CA PRO A 22 9.65 -5.09 -7.38
C PRO A 22 10.74 -4.00 -7.39
N ASN A 23 10.47 -2.90 -8.10
CA ASN A 23 11.28 -1.68 -8.16
C ASN A 23 10.31 -0.49 -8.12
N GLU A 24 10.80 0.66 -7.63
CA GLU A 24 10.06 1.91 -7.37
C GLU A 24 9.02 2.30 -8.44
N ASP A 25 9.35 2.14 -9.73
CA ASP A 25 8.40 2.48 -10.79
C ASP A 25 7.29 1.45 -10.80
N THR A 26 7.62 0.17 -10.89
CA THR A 26 6.64 -0.91 -10.96
C THR A 26 5.70 -0.85 -9.75
N VAL A 27 6.20 -0.53 -8.55
CA VAL A 27 5.34 -0.32 -7.38
C VAL A 27 4.38 0.85 -7.65
N THR A 28 4.87 1.96 -8.18
CA THR A 28 4.07 3.13 -8.51
C THR A 28 3.00 2.81 -9.57
N GLN A 29 3.34 2.20 -10.70
CA GLN A 29 2.35 1.88 -11.72
C GLN A 29 1.39 0.79 -11.22
N ALA A 30 1.89 -0.25 -10.53
CA ALA A 30 1.04 -1.27 -9.92
C ALA A 30 0.07 -0.63 -8.94
N ALA A 31 0.49 0.38 -8.16
CA ALA A 31 -0.35 1.17 -7.26
C ALA A 31 -1.41 1.94 -8.07
N SER A 32 -1.06 2.64 -9.16
CA SER A 32 -2.06 3.31 -9.98
C SER A 32 -3.21 2.35 -10.35
N GLN A 33 -2.91 1.05 -10.49
CA GLN A 33 -3.89 0.01 -10.71
C GLN A 33 -4.41 -0.53 -9.38
N VAL A 34 -3.65 -0.52 -8.28
CA VAL A 34 -4.09 -1.11 -7.02
C VAL A 34 -5.35 -0.35 -6.62
N CYS A 35 -5.32 0.98 -6.76
CA CYS A 35 -6.44 1.84 -6.44
C CYS A 35 -7.58 1.67 -7.44
N ASP A 36 -7.34 1.68 -8.76
CA ASP A 36 -8.44 1.36 -9.67
C ASP A 36 -9.15 0.04 -9.35
N LYS A 37 -8.36 -0.99 -9.12
CA LYS A 37 -8.82 -2.36 -8.94
C LYS A 37 -9.50 -2.48 -7.58
N LEU A 38 -8.97 -1.85 -6.53
CA LEU A 38 -9.64 -1.79 -5.24
C LEU A 38 -10.68 -0.68 -5.39
N LYS A 39 -11.80 -0.96 -6.04
CA LYS A 39 -12.90 0.01 -6.10
C LYS A 39 -13.62 -0.06 -4.75
N ILE A 40 -14.44 0.96 -4.45
CA ILE A 40 -15.13 1.19 -3.16
C ILE A 40 -14.05 1.84 -2.30
N LEU A 41 -12.91 1.15 -2.09
CA LEU A 41 -11.79 1.59 -1.28
C LEU A 41 -10.84 2.53 -2.07
N ARG A 42 -11.29 2.96 -3.25
CA ARG A 42 -10.57 3.75 -4.25
C ARG A 42 -10.12 5.07 -3.63
N GLY A 43 -10.98 5.69 -2.82
CA GLY A 43 -10.71 6.94 -2.13
C GLY A 43 -9.52 6.79 -1.18
N LEU A 44 -9.61 5.85 -0.22
CA LEU A 44 -8.56 5.70 0.79
C LEU A 44 -7.25 5.38 0.11
N CYS A 45 -7.23 4.41 -0.82
CA CYS A 45 -6.05 4.06 -1.59
C CYS A 45 -5.39 5.29 -2.21
N LYS A 46 -6.13 6.10 -2.99
CA LYS A 46 -5.53 7.30 -3.59
C LYS A 46 -4.99 8.24 -2.52
N LYS A 47 -5.67 8.42 -1.37
CA LYS A 47 -5.13 9.22 -0.27
C LYS A 47 -3.83 8.61 0.25
N ILE A 48 -3.73 7.30 0.47
CA ILE A 48 -2.52 6.65 0.97
C ILE A 48 -1.38 7.02 0.03
N MET A 49 -1.51 6.72 -1.26
CA MET A 49 -0.48 6.96 -2.25
C MET A 49 -0.14 8.45 -2.32
N ARG A 50 -1.09 9.37 -2.50
CA ARG A 50 -0.74 10.80 -2.66
C ARG A 50 0.03 11.28 -1.43
N SER A 51 -0.39 10.85 -0.25
CA SER A 51 0.17 11.29 1.02
C SER A 51 1.50 10.61 1.36
N PHE A 52 1.74 9.37 0.92
CA PHE A 52 2.92 8.60 1.33
C PHE A 52 3.47 7.68 0.22
N LEU A 53 3.50 8.07 -1.05
CA LEU A 53 3.88 7.14 -2.13
C LEU A 53 5.27 6.54 -1.95
N ARG A 54 6.33 7.34 -1.87
CA ARG A 54 7.67 6.76 -1.71
C ARG A 54 7.78 5.96 -0.40
N ARG A 55 6.97 6.20 0.63
CA ARG A 55 6.99 5.35 1.79
C ARG A 55 6.47 3.98 1.31
N ILE A 56 5.30 3.91 0.66
CA ILE A 56 4.74 2.62 0.23
C ILE A 56 5.73 1.89 -0.69
N SER A 57 6.56 2.61 -1.44
CA SER A 57 7.61 2.01 -2.25
C SER A 57 8.69 1.40 -1.33
N TRP A 58 9.34 2.19 -0.45
CA TRP A 58 10.30 1.71 0.55
C TRP A 58 9.76 0.45 1.23
N ASP A 59 8.50 0.51 1.66
CA ASP A 59 7.80 -0.58 2.31
C ASP A 59 7.87 -1.86 1.50
N ILE A 60 7.37 -1.87 0.26
CA ILE A 60 7.40 -3.08 -0.54
C ILE A 60 8.87 -3.49 -0.77
N LEU A 61 9.73 -2.54 -1.13
CA LEU A 61 11.14 -2.78 -1.49
C LEU A 61 11.94 -3.41 -0.34
N THR A 62 11.63 -3.08 0.91
CA THR A 62 12.24 -3.70 2.09
C THR A 62 11.48 -4.96 2.52
N GLY A 63 10.65 -5.50 1.63
CA GLY A 63 9.73 -6.61 1.81
C GLY A 63 9.05 -6.59 3.16
N LYS A 64 8.51 -5.44 3.58
CA LYS A 64 7.97 -5.34 4.93
C LYS A 64 6.53 -5.81 4.81
N LYS A 65 6.04 -6.51 5.82
CA LYS A 65 4.68 -7.06 5.71
C LYS A 65 3.65 -5.93 5.83
N PRO A 66 2.43 -6.12 5.33
CA PRO A 66 1.40 -5.08 5.25
C PRO A 66 0.95 -4.57 6.61
N GLN A 67 0.60 -5.49 7.51
CA GLN A 67 0.13 -5.10 8.83
C GLN A 67 1.21 -4.33 9.60
N ALA A 68 2.50 -4.65 9.37
CA ALA A 68 3.61 -3.95 10.00
C ALA A 68 3.87 -2.62 9.29
N ILE A 69 3.69 -2.53 7.98
CA ILE A 69 3.78 -1.28 7.23
C ILE A 69 2.82 -0.25 7.84
N CYS A 70 1.55 -0.63 8.03
CA CYS A 70 0.52 0.20 8.64
C CYS A 70 0.92 0.64 10.05
N VAL A 71 1.56 -0.20 10.88
CA VAL A 71 2.06 0.26 12.18
C VAL A 71 3.14 1.33 11.95
N ASP A 72 4.15 1.04 11.11
CA ASP A 72 5.35 1.87 10.86
C ASP A 72 4.97 3.28 10.39
N ILE A 73 4.07 3.38 9.40
CA ILE A 73 3.66 4.67 8.85
C ILE A 73 2.52 5.34 9.65
N LYS A 74 2.09 4.70 10.74
CA LYS A 74 1.15 5.17 11.75
C LYS A 74 -0.29 5.24 11.22
N ILE A 75 -0.86 4.07 10.98
CA ILE A 75 -2.22 3.86 10.47
C ILE A 75 -2.91 2.69 11.21
N CYS A 76 -2.15 1.76 11.80
CA CYS A 76 -2.70 0.60 12.48
C CYS A 76 -3.05 0.93 13.95
N LYS A 77 -3.14 -0.10 14.79
CA LYS A 77 -3.30 -0.04 16.23
C LYS A 77 -1.85 0.00 16.66
N GLU A 78 -1.26 1.18 16.61
CA GLU A 78 0.08 1.48 17.10
C GLU A 78 0.25 0.75 18.43
N GLY A 1 -9.00 1.21 14.74
CA GLY A 1 -9.26 2.09 13.59
C GLY A 1 -9.57 1.30 12.32
N TYR A 2 -10.63 1.68 11.58
CA TYR A 2 -10.99 1.12 10.27
C TYR A 2 -9.81 1.18 9.28
N PHE A 3 -8.95 2.17 9.46
CA PHE A 3 -7.71 2.34 8.75
C PHE A 3 -6.84 1.10 8.68
N CYS A 4 -6.71 0.28 9.74
CA CYS A 4 -5.77 -0.84 9.69
C CYS A 4 -6.13 -1.80 8.56
N GLU A 5 -7.32 -2.41 8.61
CA GLU A 5 -7.82 -3.37 7.64
C GLU A 5 -7.70 -2.76 6.24
N SER A 6 -8.19 -1.53 6.08
CA SER A 6 -8.11 -0.80 4.83
C SER A 6 -6.67 -0.73 4.30
N CYS A 7 -5.73 -0.24 5.09
CA CYS A 7 -4.32 -0.12 4.73
C CYS A 7 -3.71 -1.48 4.43
N ARG A 8 -3.95 -2.46 5.30
CA ARG A 8 -3.50 -3.83 5.17
C ARG A 8 -3.93 -4.35 3.82
N LYS A 9 -5.21 -4.19 3.46
CA LYS A 9 -5.74 -4.60 2.17
C LYS A 9 -5.07 -3.85 1.03
N ILE A 10 -4.86 -2.53 1.16
CA ILE A 10 -4.19 -1.70 0.15
C ILE A 10 -2.79 -2.26 -0.13
N ILE A 11 -1.97 -2.46 0.90
CA ILE A 11 -0.64 -3.07 0.76
C ILE A 11 -0.76 -4.46 0.16
N GLN A 12 -1.58 -5.34 0.75
CA GLN A 12 -1.70 -6.74 0.32
C GLN A 12 -2.09 -6.84 -1.14
N LYS A 13 -2.97 -5.95 -1.63
CA LYS A 13 -3.38 -6.00 -3.01
C LYS A 13 -2.23 -5.52 -3.92
N LEU A 14 -1.32 -4.64 -3.46
CA LEU A 14 -0.13 -4.23 -4.21
C LEU A 14 0.81 -5.42 -4.28
N GLU A 15 1.07 -6.02 -3.13
CA GLU A 15 1.93 -7.17 -2.91
C GLU A 15 1.50 -8.28 -3.89
N ASP A 16 0.20 -8.58 -3.94
CA ASP A 16 -0.43 -9.50 -4.90
C ASP A 16 -0.22 -9.12 -6.37
N MET A 17 -0.14 -7.83 -6.68
CA MET A 17 0.04 -7.38 -8.05
C MET A 17 1.49 -7.45 -8.47
N VAL A 18 2.38 -6.70 -7.80
CA VAL A 18 3.78 -6.69 -8.20
C VAL A 18 4.40 -8.09 -8.06
N GLY A 19 4.03 -8.81 -6.99
CA GLY A 19 4.63 -10.09 -6.67
C GLY A 19 6.00 -9.85 -6.02
N PRO A 20 7.04 -10.64 -6.35
CA PRO A 20 8.35 -10.60 -5.72
C PRO A 20 9.14 -9.32 -6.06
N GLN A 21 10.35 -9.25 -5.49
CA GLN A 21 11.40 -8.22 -5.55
C GLN A 21 11.20 -7.20 -6.69
N PRO A 22 10.46 -6.11 -6.45
CA PRO A 22 10.10 -5.14 -7.47
C PRO A 22 11.06 -3.94 -7.49
N ASN A 23 10.66 -2.88 -8.18
CA ASN A 23 11.38 -1.61 -8.31
C ASN A 23 10.35 -0.48 -8.20
N GLU A 24 10.79 0.62 -7.57
CA GLU A 24 10.01 1.80 -7.20
C GLU A 24 9.00 2.30 -8.25
N ASP A 25 9.37 2.31 -9.54
CA ASP A 25 8.44 2.78 -10.57
C ASP A 25 7.29 1.80 -10.70
N THR A 26 7.59 0.52 -10.89
CA THR A 26 6.57 -0.53 -11.02
C THR A 26 5.66 -0.52 -9.80
N VAL A 27 6.19 -0.29 -8.60
CA VAL A 27 5.37 -0.14 -7.39
C VAL A 27 4.44 1.07 -7.53
N THR A 28 4.93 2.22 -8.01
CA THR A 28 4.16 3.43 -8.23
C THR A 28 3.03 3.19 -9.25
N GLN A 29 3.33 2.65 -10.44
CA GLN A 29 2.31 2.44 -11.46
C GLN A 29 1.35 1.34 -11.03
N ALA A 30 1.85 0.23 -10.46
CA ALA A 30 1.02 -0.84 -9.91
C ALA A 30 0.07 -0.25 -8.88
N ALA A 31 0.54 0.61 -7.97
CA ALA A 31 -0.27 1.29 -6.97
C ALA A 31 -1.38 2.13 -7.61
N SER A 32 -1.10 2.95 -8.62
CA SER A 32 -2.19 3.70 -9.26
C SER A 32 -3.36 2.78 -9.66
N GLN A 33 -3.07 1.53 -10.00
CA GLN A 33 -4.07 0.51 -10.28
C GLN A 33 -4.39 -0.37 -9.07
N VAL A 34 -3.58 -0.45 -8.01
CA VAL A 34 -3.93 -1.18 -6.79
C VAL A 34 -5.18 -0.51 -6.23
N CYS A 35 -5.19 0.82 -6.31
CA CYS A 35 -6.31 1.62 -5.89
C CYS A 35 -7.45 1.36 -6.86
N ASP A 36 -7.23 1.46 -8.18
CA ASP A 36 -8.34 1.06 -9.07
C ASP A 36 -8.92 -0.34 -8.79
N LYS A 37 -8.07 -1.33 -8.44
CA LYS A 37 -8.44 -2.74 -8.27
C LYS A 37 -9.25 -2.83 -6.99
N LEU A 38 -8.82 -2.17 -5.91
CA LEU A 38 -9.63 -2.10 -4.70
C LEU A 38 -10.64 -0.98 -4.96
N LYS A 39 -11.70 -1.26 -5.72
CA LYS A 39 -12.73 -0.24 -5.96
C LYS A 39 -13.62 -0.17 -4.73
N ILE A 40 -14.40 0.92 -4.60
CA ILE A 40 -15.23 1.30 -3.45
C ILE A 40 -14.21 1.95 -2.48
N LEU A 41 -13.16 1.22 -2.10
CA LEU A 41 -12.06 1.66 -1.24
C LEU A 41 -10.99 2.43 -2.05
N ARG A 42 -11.34 2.78 -3.30
CA ARG A 42 -10.52 3.42 -4.34
C ARG A 42 -9.97 4.74 -3.83
N GLY A 43 -10.82 5.51 -3.14
CA GLY A 43 -10.51 6.80 -2.56
C GLY A 43 -9.40 6.74 -1.53
N LEU A 44 -9.51 5.85 -0.53
CA LEU A 44 -8.57 5.82 0.58
C LEU A 44 -7.17 5.51 0.06
N CYS A 45 -7.06 4.49 -0.81
CA CYS A 45 -5.84 4.15 -1.49
C CYS A 45 -5.26 5.37 -2.22
N LYS A 46 -5.98 6.00 -3.15
CA LYS A 46 -5.44 7.15 -3.87
C LYS A 46 -4.99 8.27 -2.93
N LYS A 47 -5.72 8.55 -1.84
CA LYS A 47 -5.26 9.52 -0.84
C LYS A 47 -3.93 9.05 -0.25
N ILE A 48 -3.86 7.84 0.29
CA ILE A 48 -2.65 7.30 0.94
C ILE A 48 -1.48 7.40 -0.04
N MET A 49 -1.66 6.99 -1.30
CA MET A 49 -0.61 7.05 -2.31
C MET A 49 -0.13 8.48 -2.53
N ARG A 50 -1.00 9.48 -2.72
CA ARG A 50 -0.52 10.86 -2.84
C ARG A 50 0.22 11.29 -1.58
N SER A 51 -0.40 11.01 -0.44
CA SER A 51 0.06 11.44 0.87
C SER A 51 1.43 10.87 1.23
N PHE A 52 1.73 9.60 0.91
CA PHE A 52 2.96 8.93 1.33
C PHE A 52 3.47 7.98 0.23
N LEU A 53 3.62 8.44 -1.01
CA LEU A 53 3.98 7.54 -2.13
C LEU A 53 5.30 6.83 -1.85
N ARG A 54 6.39 7.57 -1.65
CA ARG A 54 7.69 6.92 -1.50
C ARG A 54 7.76 6.07 -0.23
N ARG A 55 6.90 6.27 0.78
CA ARG A 55 6.88 5.36 1.91
C ARG A 55 6.42 3.99 1.39
N ILE A 56 5.31 3.92 0.64
CA ILE A 56 4.79 2.65 0.12
C ILE A 56 5.82 1.96 -0.78
N SER A 57 6.71 2.72 -1.43
CA SER A 57 7.79 2.15 -2.22
C SER A 57 8.77 1.45 -1.27
N TRP A 58 9.40 2.17 -0.32
CA TRP A 58 10.28 1.58 0.69
C TRP A 58 9.64 0.35 1.33
N ASP A 59 8.38 0.46 1.76
CA ASP A 59 7.62 -0.61 2.40
C ASP A 59 7.67 -1.91 1.62
N ILE A 60 7.23 -1.87 0.36
CA ILE A 60 7.28 -3.00 -0.55
C ILE A 60 8.73 -3.44 -0.79
N LEU A 61 9.65 -2.52 -1.12
CA LEU A 61 11.05 -2.82 -1.47
C LEU A 61 11.77 -3.54 -0.33
N THR A 62 11.54 -3.15 0.92
CA THR A 62 12.11 -3.82 2.10
C THR A 62 11.34 -5.09 2.48
N GLY A 63 10.44 -5.56 1.61
CA GLY A 63 9.53 -6.68 1.80
C GLY A 63 8.93 -6.70 3.19
N LYS A 64 8.41 -5.57 3.69
CA LYS A 64 7.95 -5.52 5.06
C LYS A 64 6.50 -5.98 5.01
N LYS A 65 6.07 -6.71 6.03
CA LYS A 65 4.71 -7.29 6.01
C LYS A 65 3.67 -6.18 6.19
N PRO A 66 2.41 -6.39 5.77
CA PRO A 66 1.36 -5.38 5.77
C PRO A 66 1.02 -4.82 7.15
N GLN A 67 0.80 -5.66 8.16
CA GLN A 67 0.47 -5.17 9.50
C GLN A 67 1.58 -4.23 9.97
N ALA A 68 2.85 -4.58 9.72
CA ALA A 68 3.97 -3.78 10.20
C ALA A 68 4.17 -2.55 9.33
N ILE A 69 3.94 -2.62 8.01
CA ILE A 69 3.99 -1.45 7.14
C ILE A 69 3.03 -0.40 7.68
N CYS A 70 1.75 -0.77 7.79
CA CYS A 70 0.70 0.12 8.20
C CYS A 70 0.95 0.66 9.60
N VAL A 71 1.46 -0.09 10.58
CA VAL A 71 1.77 0.56 11.86
C VAL A 71 2.99 1.51 11.71
N ASP A 72 4.00 1.19 10.90
CA ASP A 72 5.20 2.02 10.72
C ASP A 72 4.83 3.42 10.20
N ILE A 73 4.01 3.46 9.15
CA ILE A 73 3.48 4.69 8.58
C ILE A 73 2.26 5.23 9.35
N LYS A 74 1.82 4.46 10.35
CA LYS A 74 0.82 4.61 11.37
C LYS A 74 -0.55 4.87 10.78
N ILE A 75 -1.15 3.77 10.36
CA ILE A 75 -2.48 3.56 9.82
C ILE A 75 -3.03 2.24 10.40
N CYS A 76 -2.18 1.33 10.91
CA CYS A 76 -2.61 0.12 11.60
C CYS A 76 -2.28 0.22 13.08
N LYS A 77 -2.71 -0.80 13.85
CA LYS A 77 -2.66 -0.90 15.32
C LYS A 77 -3.31 0.36 15.88
N GLU A 78 -4.18 0.96 15.06
CA GLU A 78 -5.00 2.05 15.44
C GLU A 78 -6.29 1.41 15.93
N GLY A 1 -8.98 1.27 14.78
CA GLY A 1 -9.12 2.07 13.55
C GLY A 1 -9.43 1.21 12.33
N TYR A 2 -10.53 1.51 11.60
CA TYR A 2 -10.89 0.91 10.31
C TYR A 2 -9.76 0.99 9.28
N PHE A 3 -8.90 1.99 9.41
CA PHE A 3 -7.69 2.17 8.63
C PHE A 3 -6.81 0.91 8.59
N CYS A 4 -6.66 0.15 9.67
CA CYS A 4 -5.72 -0.97 9.68
C CYS A 4 -6.02 -1.97 8.57
N GLU A 5 -7.20 -2.60 8.60
CA GLU A 5 -7.53 -3.67 7.66
C GLU A 5 -7.52 -3.07 6.25
N SER A 6 -8.19 -1.93 6.07
CA SER A 6 -8.22 -1.21 4.80
C SER A 6 -6.81 -1.02 4.21
N CYS A 7 -5.87 -0.53 5.02
CA CYS A 7 -4.47 -0.35 4.66
C CYS A 7 -3.82 -1.68 4.31
N ARG A 8 -3.97 -2.69 5.17
CA ARG A 8 -3.49 -4.04 4.91
C ARG A 8 -4.01 -4.52 3.56
N LYS A 9 -5.29 -4.37 3.26
CA LYS A 9 -5.91 -4.81 2.01
C LYS A 9 -5.31 -4.06 0.83
N ILE A 10 -5.11 -2.74 0.94
CA ILE A 10 -4.44 -1.91 -0.06
C ILE A 10 -3.08 -2.51 -0.36
N ILE A 11 -2.21 -2.64 0.65
CA ILE A 11 -0.88 -3.17 0.41
C ILE A 11 -0.95 -4.59 -0.11
N GLN A 12 -1.77 -5.48 0.45
CA GLN A 12 -1.79 -6.90 0.07
C GLN A 12 -2.04 -7.07 -1.43
N LYS A 13 -3.06 -6.41 -1.99
CA LYS A 13 -3.31 -6.56 -3.42
C LYS A 13 -2.17 -5.95 -4.25
N LEU A 14 -1.49 -4.94 -3.72
CA LEU A 14 -0.36 -4.29 -4.38
C LEU A 14 0.80 -5.30 -4.40
N GLU A 15 1.14 -5.82 -3.23
CA GLU A 15 2.22 -6.74 -2.86
C GLU A 15 2.13 -8.01 -3.69
N ASP A 16 0.93 -8.59 -3.75
CA ASP A 16 0.57 -9.74 -4.58
C ASP A 16 0.87 -9.47 -6.05
N MET A 17 0.39 -8.33 -6.58
CA MET A 17 0.54 -8.03 -8.00
C MET A 17 1.97 -7.69 -8.37
N VAL A 18 2.61 -6.77 -7.63
CA VAL A 18 3.98 -6.37 -7.89
C VAL A 18 4.94 -7.57 -7.73
N GLY A 19 4.59 -8.52 -6.86
CA GLY A 19 5.36 -9.69 -6.53
C GLY A 19 6.42 -9.40 -5.46
N PRO A 20 7.12 -10.44 -4.97
CA PRO A 20 8.07 -10.32 -3.86
C PRO A 20 9.46 -9.78 -4.19
N GLN A 21 9.73 -9.49 -5.45
CA GLN A 21 10.97 -8.86 -5.93
C GLN A 21 10.63 -7.76 -6.95
N PRO A 22 10.03 -6.64 -6.52
CA PRO A 22 9.66 -5.56 -7.41
C PRO A 22 10.77 -4.50 -7.53
N ASN A 23 10.50 -3.45 -8.29
CA ASN A 23 11.35 -2.27 -8.46
C ASN A 23 10.42 -1.05 -8.45
N GLU A 24 10.95 0.10 -8.03
CA GLU A 24 10.26 1.37 -7.79
C GLU A 24 9.19 1.76 -8.82
N ASP A 25 9.43 1.56 -10.11
CA ASP A 25 8.43 1.87 -11.14
C ASP A 25 7.28 0.89 -11.02
N THR A 26 7.57 -0.41 -11.07
CA THR A 26 6.59 -1.47 -11.02
C THR A 26 5.70 -1.31 -9.78
N VAL A 27 6.27 -0.92 -8.63
CA VAL A 27 5.47 -0.61 -7.45
C VAL A 27 4.54 0.56 -7.74
N THR A 28 5.06 1.66 -8.29
CA THR A 28 4.30 2.86 -8.62
C THR A 28 3.14 2.56 -9.59
N GLN A 29 3.37 1.82 -10.68
CA GLN A 29 2.30 1.47 -11.61
C GLN A 29 1.33 0.47 -10.95
N ALA A 30 1.83 -0.59 -10.31
CA ALA A 30 1.00 -1.58 -9.64
C ALA A 30 0.12 -0.94 -8.57
N ALA A 31 0.59 0.09 -7.87
CA ALA A 31 -0.11 0.86 -6.83
C ALA A 31 -1.10 1.86 -7.43
N SER A 32 -0.71 2.66 -8.42
CA SER A 32 -1.68 3.53 -9.09
C SER A 32 -2.85 2.71 -9.62
N GLN A 33 -2.61 1.44 -9.97
CA GLN A 33 -3.66 0.51 -10.35
C GLN A 33 -4.21 -0.19 -9.12
N VAL A 34 -3.47 -0.37 -8.02
CA VAL A 34 -3.95 -1.14 -6.87
C VAL A 34 -5.20 -0.41 -6.37
N CYS A 35 -5.13 0.93 -6.37
CA CYS A 35 -6.21 1.78 -5.93
C CYS A 35 -7.37 1.71 -6.90
N ASP A 36 -7.16 1.95 -8.20
CA ASP A 36 -8.29 1.78 -9.13
C ASP A 36 -8.99 0.43 -9.04
N LYS A 37 -8.20 -0.65 -8.93
CA LYS A 37 -8.67 -2.02 -8.96
C LYS A 37 -9.40 -2.33 -7.66
N LEU A 38 -8.89 -1.89 -6.51
CA LEU A 38 -9.60 -2.03 -5.25
C LEU A 38 -10.60 -0.88 -5.24
N LYS A 39 -11.71 -1.02 -5.97
CA LYS A 39 -12.66 0.07 -6.12
C LYS A 39 -13.51 0.17 -4.84
N ILE A 40 -14.18 1.30 -4.65
CA ILE A 40 -14.93 1.71 -3.45
C ILE A 40 -13.85 2.21 -2.49
N LEU A 41 -12.90 1.36 -2.09
CA LEU A 41 -11.85 1.69 -1.13
C LEU A 41 -10.66 2.39 -1.84
N ARG A 42 -10.87 2.75 -3.11
CA ARG A 42 -10.00 3.51 -4.01
C ARG A 42 -9.70 4.88 -3.40
N GLY A 43 -10.68 5.49 -2.73
CA GLY A 43 -10.52 6.78 -2.07
C GLY A 43 -9.41 6.75 -1.03
N LEU A 44 -9.44 5.79 -0.10
CA LEU A 44 -8.44 5.70 0.96
C LEU A 44 -7.06 5.49 0.36
N CYS A 45 -6.94 4.55 -0.58
CA CYS A 45 -5.71 4.29 -1.31
C CYS A 45 -5.15 5.57 -1.93
N LYS A 46 -5.97 6.37 -2.65
CA LYS A 46 -5.46 7.64 -3.20
C LYS A 46 -5.08 8.61 -2.08
N LYS A 47 -5.83 8.71 -0.97
CA LYS A 47 -5.47 9.60 0.13
C LYS A 47 -4.08 9.26 0.65
N ILE A 48 -3.84 7.98 1.00
CA ILE A 48 -2.57 7.51 1.51
C ILE A 48 -1.48 7.85 0.50
N MET A 49 -1.63 7.45 -0.77
CA MET A 49 -0.61 7.65 -1.79
C MET A 49 -0.43 9.12 -2.16
N ARG A 50 -1.39 10.03 -1.94
CA ARG A 50 -1.12 11.45 -2.17
C ARG A 50 -0.22 11.96 -1.05
N SER A 51 -0.54 11.55 0.17
CA SER A 51 0.11 11.99 1.39
C SER A 51 1.55 11.46 1.48
N PHE A 52 1.75 10.15 1.29
CA PHE A 52 3.03 9.47 1.47
C PHE A 52 3.27 8.51 0.31
N LEU A 53 3.39 9.03 -0.92
CA LEU A 53 3.49 8.20 -2.12
C LEU A 53 4.68 7.24 -2.04
N ARG A 54 5.91 7.77 -2.12
CA ARG A 54 7.10 6.92 -2.19
C ARG A 54 7.33 6.14 -0.89
N ARG A 55 6.67 6.49 0.22
CA ARG A 55 6.75 5.69 1.42
C ARG A 55 6.18 4.32 1.11
N ILE A 56 4.99 4.22 0.50
CA ILE A 56 4.40 2.89 0.27
C ILE A 56 5.33 2.05 -0.62
N SER A 57 6.08 2.68 -1.53
CA SER A 57 7.07 1.99 -2.31
C SER A 57 8.27 1.56 -1.46
N TRP A 58 8.88 2.42 -0.64
CA TRP A 58 9.95 2.02 0.31
C TRP A 58 9.50 0.79 1.11
N ASP A 59 8.31 0.87 1.67
CA ASP A 59 7.67 -0.19 2.42
C ASP A 59 7.67 -1.52 1.67
N ILE A 60 7.20 -1.52 0.41
CA ILE A 60 7.23 -2.66 -0.49
C ILE A 60 8.68 -3.11 -0.76
N LEU A 61 9.55 -2.20 -1.21
CA LEU A 61 10.93 -2.47 -1.63
C LEU A 61 11.78 -3.04 -0.49
N THR A 62 11.52 -2.66 0.76
CA THR A 62 12.17 -3.24 1.93
C THR A 62 11.52 -4.57 2.35
N GLY A 63 10.67 -5.14 1.50
CA GLY A 63 9.84 -6.32 1.70
C GLY A 63 9.23 -6.33 3.10
N LYS A 64 8.63 -5.22 3.53
CA LYS A 64 8.05 -5.20 4.86
C LYS A 64 6.63 -5.70 4.66
N LYS A 65 6.12 -6.47 5.62
CA LYS A 65 4.75 -7.00 5.51
C LYS A 65 3.68 -5.93 5.73
N PRO A 66 2.44 -6.13 5.25
CA PRO A 66 1.36 -5.14 5.25
C PRO A 66 0.98 -4.67 6.65
N GLN A 67 0.68 -5.59 7.58
CA GLN A 67 0.25 -5.23 8.93
C GLN A 67 1.29 -4.30 9.56
N ALA A 68 2.58 -4.61 9.35
CA ALA A 68 3.65 -3.85 9.94
C ALA A 68 3.86 -2.55 9.16
N ILE A 69 3.74 -2.52 7.82
CA ILE A 69 3.81 -1.27 7.04
C ILE A 69 2.79 -0.26 7.58
N CYS A 70 1.56 -0.72 7.75
CA CYS A 70 0.53 0.12 8.27
C CYS A 70 0.85 0.57 9.70
N VAL A 71 1.37 -0.23 10.64
CA VAL A 71 1.68 0.37 11.96
C VAL A 71 2.93 1.29 11.84
N ASP A 72 3.91 0.94 11.00
CA ASP A 72 5.14 1.66 10.66
C ASP A 72 4.91 3.13 10.28
N ILE A 73 4.07 3.40 9.27
CA ILE A 73 3.68 4.80 8.94
C ILE A 73 2.42 5.24 9.70
N LYS A 74 1.92 4.37 10.59
CA LYS A 74 0.86 4.46 11.55
C LYS A 74 -0.49 4.78 10.92
N ILE A 75 -1.10 3.69 10.48
CA ILE A 75 -2.39 3.47 9.84
C ILE A 75 -3.00 2.17 10.41
N CYS A 76 -2.18 1.25 10.96
CA CYS A 76 -2.66 0.05 11.65
C CYS A 76 -2.36 0.17 13.13
N LYS A 77 -2.87 -0.79 13.92
CA LYS A 77 -2.85 -0.83 15.39
C LYS A 77 -3.41 0.50 15.89
N GLU A 78 -4.19 1.15 15.05
CA GLU A 78 -4.92 2.33 15.38
C GLU A 78 -6.27 1.84 15.91
N GLY A 1 -7.72 1.73 14.16
CA GLY A 1 -9.01 2.08 13.53
C GLY A 1 -9.30 1.19 12.33
N TYR A 2 -10.44 1.39 11.65
CA TYR A 2 -10.77 0.77 10.34
C TYR A 2 -9.58 0.86 9.37
N PHE A 3 -8.87 1.99 9.45
CA PHE A 3 -7.64 2.24 8.75
C PHE A 3 -6.66 1.07 8.74
N CYS A 4 -6.47 0.33 9.85
CA CYS A 4 -5.52 -0.78 9.88
C CYS A 4 -5.89 -1.85 8.84
N GLU A 5 -7.14 -2.32 8.88
CA GLU A 5 -7.66 -3.34 7.99
C GLU A 5 -7.49 -2.86 6.56
N SER A 6 -8.08 -1.71 6.22
CA SER A 6 -8.07 -1.23 4.86
C SER A 6 -6.65 -0.92 4.37
N CYS A 7 -5.78 -0.34 5.21
CA CYS A 7 -4.37 -0.12 4.89
C CYS A 7 -3.72 -1.46 4.55
N ARG A 8 -3.90 -2.48 5.40
CA ARG A 8 -3.35 -3.81 5.18
C ARG A 8 -3.85 -4.32 3.84
N LYS A 9 -5.17 -4.37 3.63
CA LYS A 9 -5.82 -4.84 2.42
C LYS A 9 -5.28 -4.14 1.17
N ILE A 10 -5.10 -2.82 1.25
CA ILE A 10 -4.58 -1.99 0.17
C ILE A 10 -3.19 -2.51 -0.23
N ILE A 11 -2.23 -2.55 0.70
CA ILE A 11 -0.92 -3.08 0.33
C ILE A 11 -1.03 -4.57 -0.03
N GLN A 12 -1.83 -5.43 0.62
CA GLN A 12 -1.84 -6.87 0.31
C GLN A 12 -2.07 -7.13 -1.18
N LYS A 13 -3.07 -6.50 -1.81
CA LYS A 13 -3.27 -6.66 -3.24
C LYS A 13 -2.16 -5.96 -4.05
N LEU A 14 -1.56 -4.88 -3.53
CA LEU A 14 -0.43 -4.22 -4.19
C LEU A 14 0.73 -5.22 -4.28
N GLU A 15 1.12 -5.78 -3.13
CA GLU A 15 2.20 -6.71 -2.84
C GLU A 15 2.05 -7.95 -3.71
N ASP A 16 0.85 -8.54 -3.71
CA ASP A 16 0.43 -9.66 -4.55
C ASP A 16 0.60 -9.39 -6.05
N MET A 17 0.25 -8.20 -6.52
CA MET A 17 0.35 -7.88 -7.95
C MET A 17 1.78 -7.51 -8.36
N VAL A 18 2.45 -6.62 -7.61
CA VAL A 18 3.80 -6.21 -7.96
C VAL A 18 4.73 -7.44 -7.92
N GLY A 19 4.45 -8.39 -7.02
CA GLY A 19 5.14 -9.66 -6.91
C GLY A 19 6.48 -9.51 -6.20
N PRO A 20 7.34 -10.55 -6.26
CA PRO A 20 8.67 -10.50 -5.70
C PRO A 20 9.57 -9.60 -6.55
N GLN A 21 10.70 -9.27 -5.95
CA GLN A 21 11.75 -8.36 -6.41
C GLN A 21 11.23 -7.21 -7.29
N PRO A 22 10.30 -6.37 -6.79
CA PRO A 22 9.78 -5.24 -7.54
C PRO A 22 10.81 -4.09 -7.56
N ASN A 23 10.50 -3.00 -8.25
CA ASN A 23 11.29 -1.78 -8.26
C ASN A 23 10.35 -0.57 -8.20
N GLU A 24 10.87 0.58 -7.82
CA GLU A 24 10.19 1.85 -7.59
C GLU A 24 9.11 2.20 -8.64
N ASP A 25 9.38 1.97 -9.93
CA ASP A 25 8.38 2.21 -10.98
C ASP A 25 7.25 1.21 -10.84
N THR A 26 7.58 -0.07 -10.80
CA THR A 26 6.60 -1.13 -10.79
C THR A 26 5.70 -0.96 -9.55
N VAL A 27 6.24 -0.51 -8.41
CA VAL A 27 5.40 -0.20 -7.25
C VAL A 27 4.50 1.00 -7.58
N THR A 28 5.04 2.07 -8.18
CA THR A 28 4.30 3.27 -8.55
C THR A 28 3.11 2.93 -9.46
N GLN A 29 3.30 2.14 -10.51
CA GLN A 29 2.20 1.72 -11.37
C GLN A 29 1.27 0.77 -10.59
N ALA A 30 1.79 -0.33 -10.04
CA ALA A 30 0.99 -1.35 -9.37
C ALA A 30 0.15 -0.75 -8.25
N ALA A 31 0.63 0.27 -7.53
CA ALA A 31 -0.07 0.99 -6.48
C ALA A 31 -1.03 2.06 -7.02
N SER A 32 -0.61 2.92 -7.94
CA SER A 32 -1.55 3.91 -8.49
C SER A 32 -2.76 3.19 -9.12
N GLN A 33 -2.54 1.95 -9.60
CA GLN A 33 -3.55 1.06 -10.11
C GLN A 33 -4.12 0.20 -8.98
N VAL A 34 -3.41 -0.10 -7.87
CA VAL A 34 -3.93 -0.97 -6.79
C VAL A 34 -5.22 -0.32 -6.32
N CYS A 35 -5.13 1.00 -6.12
CA CYS A 35 -6.20 1.80 -5.63
C CYS A 35 -7.29 1.86 -6.67
N ASP A 36 -6.91 2.24 -7.89
CA ASP A 36 -7.85 2.42 -8.97
C ASP A 36 -8.75 1.16 -9.16
N LYS A 37 -8.12 -0.03 -9.08
CA LYS A 37 -8.68 -1.35 -9.34
C LYS A 37 -9.60 -1.81 -8.21
N LEU A 38 -9.23 -1.65 -6.94
CA LEU A 38 -10.14 -1.94 -5.83
C LEU A 38 -11.20 -0.84 -5.77
N LYS A 39 -12.38 -1.10 -6.34
CA LYS A 39 -13.44 -0.09 -6.37
C LYS A 39 -14.09 -0.05 -4.99
N ILE A 40 -14.86 1.01 -4.70
CA ILE A 40 -15.47 1.35 -3.40
C ILE A 40 -14.33 1.89 -2.55
N LEU A 41 -13.33 1.06 -2.24
CA LEU A 41 -12.24 1.38 -1.33
C LEU A 41 -11.12 2.15 -2.06
N ARG A 42 -11.40 2.56 -3.32
CA ARG A 42 -10.49 3.28 -4.21
C ARG A 42 -10.07 4.58 -3.54
N GLY A 43 -11.04 5.38 -3.06
CA GLY A 43 -10.78 6.70 -2.51
C GLY A 43 -9.71 6.68 -1.43
N LEU A 44 -9.81 5.74 -0.49
CA LEU A 44 -8.94 5.65 0.67
C LEU A 44 -7.51 5.41 0.17
N CYS A 45 -7.33 4.37 -0.65
CA CYS A 45 -6.08 4.07 -1.30
C CYS A 45 -5.51 5.24 -2.11
N LYS A 46 -6.27 5.87 -3.02
CA LYS A 46 -5.72 6.96 -3.83
C LYS A 46 -5.19 8.07 -2.89
N LYS A 47 -5.87 8.37 -1.78
CA LYS A 47 -5.40 9.36 -0.82
C LYS A 47 -4.11 8.84 -0.17
N ILE A 48 -4.08 7.58 0.27
CA ILE A 48 -2.91 6.96 0.93
C ILE A 48 -1.71 7.13 0.02
N MET A 49 -1.80 6.76 -1.25
CA MET A 49 -0.67 6.83 -2.16
C MET A 49 -0.28 8.28 -2.43
N ARG A 50 -1.22 9.20 -2.70
CA ARG A 50 -0.82 10.61 -2.92
C ARG A 50 -0.07 11.16 -1.71
N SER A 51 -0.49 10.74 -0.53
CA SER A 51 0.03 11.15 0.75
C SER A 51 1.37 10.51 1.08
N PHE A 52 1.58 9.21 0.82
CA PHE A 52 2.78 8.50 1.24
C PHE A 52 3.30 7.44 0.25
N LEU A 53 3.24 7.65 -1.07
CA LEU A 53 3.60 6.59 -2.04
C LEU A 53 5.02 6.09 -1.80
N ARG A 54 6.04 6.97 -1.88
CA ARG A 54 7.41 6.51 -1.69
C ARG A 54 7.62 5.81 -0.34
N ARG A 55 6.83 6.08 0.73
CA ARG A 55 6.95 5.30 1.95
C ARG A 55 6.51 3.87 1.62
N ILE A 56 5.32 3.67 1.04
CA ILE A 56 4.85 2.33 0.70
C ILE A 56 5.85 1.64 -0.23
N SER A 57 6.55 2.38 -1.08
CA SER A 57 7.56 1.82 -1.96
C SER A 57 8.76 1.33 -1.14
N TRP A 58 9.32 2.14 -0.21
CA TRP A 58 10.38 1.67 0.68
C TRP A 58 9.99 0.32 1.31
N ASP A 59 8.79 0.23 1.89
CA ASP A 59 8.27 -1.02 2.43
C ASP A 59 8.34 -2.16 1.43
N ILE A 60 7.78 -1.98 0.24
CA ILE A 60 7.70 -2.99 -0.79
C ILE A 60 9.12 -3.42 -1.22
N LEU A 61 10.03 -2.47 -1.45
CA LEU A 61 11.43 -2.72 -1.82
C LEU A 61 12.15 -3.50 -0.72
N THR A 62 11.87 -3.21 0.56
CA THR A 62 12.40 -3.97 1.71
C THR A 62 11.50 -5.16 2.07
N GLY A 63 10.54 -5.49 1.20
CA GLY A 63 9.47 -6.47 1.32
C GLY A 63 8.94 -6.61 2.75
N LYS A 64 8.62 -5.50 3.43
CA LYS A 64 8.14 -5.60 4.79
C LYS A 64 6.64 -5.76 4.64
N LYS A 65 6.05 -6.60 5.50
CA LYS A 65 4.65 -6.93 5.33
C LYS A 65 3.71 -5.77 5.68
N PRO A 66 2.48 -5.78 5.15
CA PRO A 66 1.48 -4.73 5.24
C PRO A 66 1.05 -4.37 6.66
N GLN A 67 0.72 -5.34 7.49
CA GLN A 67 0.28 -5.00 8.84
C GLN A 67 1.40 -4.27 9.61
N ALA A 68 2.67 -4.52 9.26
CA ALA A 68 3.79 -3.78 9.84
C ALA A 68 3.95 -2.40 9.16
N ILE A 69 3.60 -2.27 7.87
CA ILE A 69 3.61 -0.97 7.18
C ILE A 69 2.69 -0.01 7.92
N CYS A 70 1.43 -0.39 8.12
CA CYS A 70 0.40 0.46 8.70
C CYS A 70 0.79 0.95 10.09
N VAL A 71 1.43 0.12 10.92
CA VAL A 71 1.92 0.58 12.21
C VAL A 71 3.06 1.59 11.98
N ASP A 72 4.05 1.27 11.15
CA ASP A 72 5.24 2.10 10.90
C ASP A 72 4.88 3.51 10.45
N ILE A 73 3.99 3.62 9.47
CA ILE A 73 3.62 4.91 8.90
C ILE A 73 2.50 5.61 9.70
N LYS A 74 2.03 4.96 10.76
CA LYS A 74 1.09 5.35 11.80
C LYS A 74 -0.34 5.51 11.30
N ILE A 75 -0.99 4.37 11.08
CA ILE A 75 -2.33 4.20 10.51
C ILE A 75 -3.11 3.07 11.21
N CYS A 76 -2.46 2.14 11.91
CA CYS A 76 -3.13 0.96 12.46
C CYS A 76 -3.79 1.26 13.82
N LYS A 77 -3.04 1.11 14.92
CA LYS A 77 -3.47 1.48 16.27
C LYS A 77 -2.23 1.83 17.08
N GLU A 78 -1.66 2.96 16.74
CA GLU A 78 -0.55 3.54 17.48
C GLU A 78 -1.22 4.43 18.52
N GLY A 1 -10.80 4.92 13.23
CA GLY A 1 -10.48 3.49 13.02
C GLY A 1 -10.80 3.08 11.60
N TYR A 2 -11.12 1.79 11.36
CA TYR A 2 -11.33 1.15 10.06
C TYR A 2 -10.07 1.09 9.18
N PHE A 3 -9.29 2.17 9.14
CA PHE A 3 -8.05 2.32 8.39
C PHE A 3 -7.13 1.10 8.42
N CYS A 4 -6.99 0.40 9.56
CA CYS A 4 -6.09 -0.74 9.64
C CYS A 4 -6.48 -1.85 8.65
N GLU A 5 -7.77 -2.23 8.62
CA GLU A 5 -8.31 -3.22 7.68
C GLU A 5 -7.96 -2.76 6.28
N SER A 6 -8.38 -1.53 5.96
CA SER A 6 -8.24 -0.99 4.63
C SER A 6 -6.78 -0.98 4.19
N CYS A 7 -5.89 -0.42 5.00
CA CYS A 7 -4.47 -0.33 4.74
C CYS A 7 -3.88 -1.72 4.54
N ARG A 8 -4.20 -2.67 5.41
CA ARG A 8 -3.71 -4.03 5.25
C ARG A 8 -4.18 -4.59 3.92
N LYS A 9 -5.49 -4.50 3.59
CA LYS A 9 -6.03 -4.98 2.32
C LYS A 9 -5.33 -4.31 1.13
N ILE A 10 -5.12 -2.99 1.21
CA ILE A 10 -4.47 -2.18 0.18
C ILE A 10 -3.08 -2.75 -0.08
N ILE A 11 -2.23 -2.88 0.93
CA ILE A 11 -0.92 -3.48 0.73
C ILE A 11 -1.08 -4.93 0.26
N GLN A 12 -1.94 -5.75 0.85
CA GLN A 12 -2.01 -7.17 0.51
C GLN A 12 -2.26 -7.39 -0.98
N LYS A 13 -3.21 -6.71 -1.63
CA LYS A 13 -3.35 -6.89 -3.08
C LYS A 13 -2.20 -6.22 -3.85
N LEU A 14 -1.59 -5.16 -3.32
CA LEU A 14 -0.44 -4.53 -3.97
C LEU A 14 0.75 -5.49 -3.98
N GLU A 15 1.05 -6.10 -2.84
CA GLU A 15 2.08 -7.08 -2.55
C GLU A 15 1.92 -8.27 -3.49
N ASP A 16 0.71 -8.83 -3.55
CA ASP A 16 0.30 -9.89 -4.48
C ASP A 16 0.60 -9.48 -5.93
N MET A 17 0.14 -8.31 -6.37
CA MET A 17 0.28 -7.91 -7.77
C MET A 17 1.73 -7.63 -8.13
N VAL A 18 2.41 -6.78 -7.35
CA VAL A 18 3.77 -6.38 -7.66
C VAL A 18 4.70 -7.60 -7.64
N GLY A 19 4.41 -8.56 -6.76
CA GLY A 19 5.11 -9.83 -6.70
C GLY A 19 6.46 -9.71 -6.00
N PRO A 20 7.27 -10.78 -5.99
CA PRO A 20 8.52 -10.85 -5.25
C PRO A 20 9.73 -10.17 -5.90
N GLN A 21 9.56 -9.53 -7.06
CA GLN A 21 10.64 -8.88 -7.81
C GLN A 21 10.19 -7.49 -8.31
N PRO A 22 9.90 -6.54 -7.42
CA PRO A 22 9.50 -5.19 -7.80
C PRO A 22 10.73 -4.28 -7.94
N ASN A 23 10.48 -3.02 -8.30
CA ASN A 23 11.44 -1.92 -8.38
C ASN A 23 10.62 -0.64 -8.18
N GLU A 24 11.29 0.47 -7.83
CA GLU A 24 10.70 1.79 -7.54
C GLU A 24 9.57 2.20 -8.50
N ASP A 25 9.72 1.95 -9.81
CA ASP A 25 8.63 2.20 -10.76
C ASP A 25 7.51 1.20 -10.54
N THR A 26 7.83 -0.08 -10.60
CA THR A 26 6.83 -1.14 -10.54
C THR A 26 5.96 -1.02 -9.29
N VAL A 27 6.49 -0.63 -8.13
CA VAL A 27 5.64 -0.42 -6.97
C VAL A 27 4.78 0.83 -7.20
N THR A 28 5.36 1.93 -7.67
CA THR A 28 4.67 3.19 -7.95
C THR A 28 3.51 2.97 -8.91
N GLN A 29 3.71 2.31 -10.05
CA GLN A 29 2.65 2.06 -11.01
C GLN A 29 1.65 1.04 -10.44
N ALA A 30 2.13 -0.07 -9.86
CA ALA A 30 1.24 -1.12 -9.36
C ALA A 30 0.33 -0.57 -8.27
N ALA A 31 0.79 0.34 -7.41
CA ALA A 31 0.05 0.94 -6.30
C ALA A 31 -0.87 2.06 -6.81
N SER A 32 -0.39 2.99 -7.64
CA SER A 32 -1.28 3.99 -8.24
C SER A 32 -2.45 3.30 -8.97
N GLN A 33 -2.23 2.06 -9.42
CA GLN A 33 -3.22 1.20 -10.00
C GLN A 33 -3.94 0.40 -8.93
N VAL A 34 -3.30 -0.05 -7.85
CA VAL A 34 -3.93 -0.92 -6.87
C VAL A 34 -5.14 -0.19 -6.33
N CYS A 35 -4.99 1.11 -6.11
CA CYS A 35 -6.05 1.92 -5.59
C CYS A 35 -7.15 2.07 -6.62
N ASP A 36 -6.82 2.54 -7.83
CA ASP A 36 -7.83 2.72 -8.85
C ASP A 36 -8.68 1.44 -9.05
N LYS A 37 -7.99 0.31 -9.07
CA LYS A 37 -8.46 -1.05 -9.36
C LYS A 37 -9.27 -1.63 -8.21
N LEU A 38 -8.89 -1.38 -6.95
CA LEU A 38 -9.66 -1.79 -5.78
C LEU A 38 -10.87 -0.84 -5.74
N LYS A 39 -12.02 -1.25 -6.28
CA LYS A 39 -13.16 -0.33 -6.39
C LYS A 39 -13.80 -0.22 -5.00
N ILE A 40 -14.55 0.86 -4.77
CA ILE A 40 -15.16 1.25 -3.49
C ILE A 40 -14.03 1.76 -2.58
N LEU A 41 -13.04 0.92 -2.30
CA LEU A 41 -11.96 1.20 -1.35
C LEU A 41 -10.84 2.05 -2.01
N ARG A 42 -11.11 2.54 -3.24
CA ARG A 42 -10.26 3.37 -4.08
C ARG A 42 -9.92 4.67 -3.36
N GLY A 43 -10.90 5.29 -2.69
CA GLY A 43 -10.69 6.54 -1.99
C GLY A 43 -9.65 6.42 -0.88
N LEU A 44 -9.75 5.36 -0.05
CA LEU A 44 -8.90 5.20 1.12
C LEU A 44 -7.44 5.05 0.66
N CYS A 45 -7.21 4.15 -0.30
CA CYS A 45 -5.96 3.92 -0.97
C CYS A 45 -5.40 5.19 -1.62
N LYS A 46 -6.13 5.85 -2.53
CA LYS A 46 -5.65 7.09 -3.17
C LYS A 46 -5.27 8.13 -2.11
N LYS A 47 -6.02 8.28 -1.02
CA LYS A 47 -5.64 9.17 0.08
C LYS A 47 -4.29 8.77 0.70
N ILE A 48 -3.99 7.47 0.86
CA ILE A 48 -2.66 7.03 1.32
C ILE A 48 -1.64 7.52 0.30
N MET A 49 -1.79 7.15 -0.98
CA MET A 49 -0.79 7.44 -2.01
C MET A 49 -0.55 8.95 -2.15
N ARG A 50 -1.59 9.79 -2.03
CA ARG A 50 -1.47 11.26 -2.07
C ARG A 50 -0.35 11.72 -1.14
N SER A 51 -0.31 11.18 0.08
CA SER A 51 0.61 11.66 1.09
C SER A 51 1.82 10.73 1.30
N PHE A 52 1.79 9.48 0.83
CA PHE A 52 2.83 8.50 1.11
C PHE A 52 3.15 7.60 -0.12
N LEU A 53 3.16 8.12 -1.36
CA LEU A 53 3.33 7.23 -2.53
C LEU A 53 4.69 6.52 -2.44
N ARG A 54 5.80 7.26 -2.43
CA ARG A 54 7.12 6.61 -2.44
C ARG A 54 7.39 5.89 -1.11
N ARG A 55 6.63 6.16 -0.03
CA ARG A 55 6.77 5.38 1.19
C ARG A 55 6.31 3.96 0.85
N ILE A 56 5.15 3.79 0.22
CA ILE A 56 4.66 2.49 -0.22
C ILE A 56 5.69 1.78 -1.12
N SER A 57 6.53 2.52 -1.83
CA SER A 57 7.61 1.95 -2.62
C SER A 57 8.66 1.37 -1.66
N TRP A 58 9.28 2.19 -0.79
CA TRP A 58 10.21 1.73 0.25
C TRP A 58 9.67 0.50 0.98
N ASP A 59 8.40 0.54 1.40
CA ASP A 59 7.74 -0.54 2.13
C ASP A 59 7.93 -1.88 1.43
N ILE A 60 7.44 -1.99 0.19
CA ILE A 60 7.60 -3.19 -0.63
C ILE A 60 9.08 -3.48 -0.91
N LEU A 61 9.87 -2.49 -1.34
CA LEU A 61 11.27 -2.66 -1.72
C LEU A 61 12.08 -3.27 -0.56
N THR A 62 11.82 -2.86 0.68
CA THR A 62 12.47 -3.41 1.86
C THR A 62 11.66 -4.59 2.43
N GLY A 63 10.93 -5.31 1.58
CA GLY A 63 10.11 -6.49 1.85
C GLY A 63 9.36 -6.43 3.17
N LYS A 64 8.67 -5.32 3.46
CA LYS A 64 8.05 -5.18 4.77
C LYS A 64 6.67 -5.81 4.66
N LYS A 65 6.25 -6.49 5.72
CA LYS A 65 4.91 -7.09 5.75
C LYS A 65 3.82 -6.02 5.87
N PRO A 66 2.56 -6.28 5.49
CA PRO A 66 1.48 -5.29 5.45
C PRO A 66 1.14 -4.74 6.81
N GLN A 67 0.96 -5.61 7.80
CA GLN A 67 0.55 -5.23 9.14
C GLN A 67 1.60 -4.29 9.76
N ALA A 68 2.88 -4.49 9.43
CA ALA A 68 3.97 -3.64 9.89
C ALA A 68 4.01 -2.34 9.07
N ILE A 69 3.78 -2.41 7.75
CA ILE A 69 3.78 -1.23 6.89
C ILE A 69 2.83 -0.17 7.44
N CYS A 70 1.56 -0.54 7.66
CA CYS A 70 0.52 0.37 8.16
C CYS A 70 0.92 0.97 9.50
N VAL A 71 1.54 0.19 10.39
CA VAL A 71 2.01 0.67 11.68
C VAL A 71 3.15 1.70 11.53
N ASP A 72 4.11 1.45 10.63
CA ASP A 72 5.24 2.35 10.38
C ASP A 72 4.74 3.71 9.90
N ILE A 73 3.92 3.70 8.84
CA ILE A 73 3.43 4.94 8.22
C ILE A 73 2.26 5.56 9.02
N LYS A 74 1.87 4.88 10.10
CA LYS A 74 0.93 5.19 11.14
C LYS A 74 -0.50 5.39 10.65
N ILE A 75 -1.20 4.27 10.46
CA ILE A 75 -2.54 4.19 9.88
C ILE A 75 -3.43 3.15 10.58
N CYS A 76 -2.87 2.17 11.29
CA CYS A 76 -3.65 1.07 11.86
C CYS A 76 -4.30 1.44 13.19
N LYS A 77 -3.47 1.71 14.18
CA LYS A 77 -3.63 1.98 15.60
C LYS A 77 -2.40 1.36 16.23
N GLU A 78 -1.35 2.15 16.14
CA GLU A 78 -0.05 1.97 16.72
C GLU A 78 -0.29 2.18 18.21
N GLY A 1 -7.36 1.91 14.22
CA GLY A 1 -8.64 2.31 13.60
C GLY A 1 -9.00 1.37 12.45
N TYR A 2 -10.17 1.56 11.80
CA TYR A 2 -10.56 0.87 10.55
C TYR A 2 -9.43 0.94 9.51
N PHE A 3 -8.68 2.04 9.54
CA PHE A 3 -7.49 2.24 8.75
C PHE A 3 -6.55 1.04 8.73
N CYS A 4 -6.35 0.30 9.84
CA CYS A 4 -5.44 -0.83 9.82
C CYS A 4 -5.91 -1.90 8.82
N GLU A 5 -7.19 -2.27 8.89
CA GLU A 5 -7.81 -3.25 8.00
C GLU A 5 -7.71 -2.74 6.56
N SER A 6 -8.15 -1.51 6.34
CA SER A 6 -8.13 -0.87 5.03
C SER A 6 -6.71 -0.89 4.44
N CYS A 7 -5.73 -0.42 5.19
CA CYS A 7 -4.33 -0.33 4.82
C CYS A 7 -3.77 -1.72 4.52
N ARG A 8 -4.04 -2.72 5.39
CA ARG A 8 -3.62 -4.10 5.15
C ARG A 8 -4.14 -4.53 3.80
N LYS A 9 -5.45 -4.40 3.55
CA LYS A 9 -6.07 -4.84 2.30
C LYS A 9 -5.48 -4.12 1.09
N ILE A 10 -5.24 -2.80 1.20
CA ILE A 10 -4.61 -2.01 0.15
C ILE A 10 -3.24 -2.58 -0.20
N ILE A 11 -2.33 -2.70 0.78
CA ILE A 11 -1.02 -3.26 0.49
C ILE A 11 -1.14 -4.72 0.04
N GLN A 12 -1.97 -5.58 0.65
CA GLN A 12 -2.01 -7.00 0.28
C GLN A 12 -2.31 -7.18 -1.20
N LYS A 13 -3.24 -6.41 -1.76
CA LYS A 13 -3.52 -6.52 -3.19
C LYS A 13 -2.39 -5.93 -4.03
N LEU A 14 -1.66 -4.94 -3.52
CA LEU A 14 -0.50 -4.35 -4.20
C LEU A 14 0.68 -5.33 -4.21
N GLU A 15 0.94 -5.96 -3.07
CA GLU A 15 1.98 -6.93 -2.78
C GLU A 15 1.81 -8.11 -3.75
N ASP A 16 0.60 -8.67 -3.79
CA ASP A 16 0.20 -9.73 -4.74
C ASP A 16 0.40 -9.31 -6.19
N MET A 17 0.12 -8.06 -6.53
CA MET A 17 0.19 -7.60 -7.91
C MET A 17 1.61 -7.30 -8.35
N VAL A 18 2.33 -6.45 -7.61
CA VAL A 18 3.69 -6.09 -7.99
C VAL A 18 4.58 -7.35 -7.98
N GLY A 19 4.31 -8.28 -7.06
CA GLY A 19 5.03 -9.53 -6.92
C GLY A 19 6.36 -9.32 -6.19
N PRO A 20 7.28 -10.32 -6.24
CA PRO A 20 8.57 -10.23 -5.58
C PRO A 20 9.49 -9.27 -6.34
N GLN A 21 10.55 -8.91 -5.63
CA GLN A 21 11.63 -7.99 -6.02
C GLN A 21 11.16 -6.86 -6.97
N PRO A 22 10.18 -6.02 -6.55
CA PRO A 22 9.71 -4.90 -7.36
C PRO A 22 10.71 -3.73 -7.26
N ASN A 23 10.37 -2.60 -7.89
CA ASN A 23 11.13 -1.35 -7.80
C ASN A 23 10.14 -0.18 -7.67
N GLU A 24 10.63 0.97 -7.21
CA GLU A 24 9.91 2.21 -6.96
C GLU A 24 8.89 2.58 -8.03
N ASP A 25 9.20 2.41 -9.31
CA ASP A 25 8.24 2.70 -10.39
C ASP A 25 7.17 1.64 -10.38
N THR A 26 7.54 0.37 -10.47
CA THR A 26 6.59 -0.71 -10.61
C THR A 26 5.62 -0.72 -9.43
N VAL A 27 6.07 -0.39 -8.21
CA VAL A 27 5.17 -0.25 -7.05
C VAL A 27 4.22 0.93 -7.30
N THR A 28 4.72 2.09 -7.75
CA THR A 28 3.92 3.27 -8.05
C THR A 28 2.85 2.96 -9.09
N GLN A 29 3.21 2.39 -10.24
CA GLN A 29 2.24 2.13 -11.31
C GLN A 29 1.29 1.03 -10.85
N ALA A 30 1.78 -0.09 -10.30
CA ALA A 30 0.93 -1.18 -9.85
C ALA A 30 -0.08 -0.67 -8.83
N ALA A 31 0.31 0.24 -7.94
CA ALA A 31 -0.56 0.90 -6.98
C ALA A 31 -1.59 1.77 -7.71
N SER A 32 -1.21 2.60 -8.68
CA SER A 32 -2.19 3.41 -9.40
C SER A 32 -3.34 2.55 -9.94
N GLN A 33 -3.07 1.30 -10.31
CA GLN A 33 -4.08 0.32 -10.71
C GLN A 33 -4.61 -0.44 -9.50
N VAL A 34 -3.85 -0.65 -8.42
CA VAL A 34 -4.31 -1.42 -7.26
C VAL A 34 -5.52 -0.68 -6.71
N CYS A 35 -5.45 0.65 -6.71
CA CYS A 35 -6.51 1.53 -6.28
C CYS A 35 -7.67 1.46 -7.25
N ASP A 36 -7.44 1.57 -8.57
CA ASP A 36 -8.57 1.36 -9.50
C ASP A 36 -9.32 0.04 -9.24
N LYS A 37 -8.55 -1.04 -9.04
CA LYS A 37 -9.04 -2.41 -8.93
C LYS A 37 -9.73 -2.59 -7.58
N LEU A 38 -9.16 -2.06 -6.50
CA LEU A 38 -9.80 -2.04 -5.20
C LEU A 38 -10.76 -0.85 -5.28
N LYS A 39 -11.91 -1.04 -5.94
CA LYS A 39 -12.91 0.02 -6.03
C LYS A 39 -13.67 0.07 -4.70
N ILE A 40 -14.40 1.15 -4.45
CA ILE A 40 -15.09 1.50 -3.19
C ILE A 40 -13.95 2.10 -2.33
N LEU A 41 -12.88 1.34 -2.10
CA LEU A 41 -11.71 1.74 -1.32
C LEU A 41 -10.71 2.56 -2.18
N ARG A 42 -11.15 2.94 -3.38
CA ARG A 42 -10.44 3.67 -4.44
C ARG A 42 -9.95 5.00 -3.91
N GLY A 43 -10.84 5.74 -3.23
CA GLY A 43 -10.54 7.03 -2.63
C GLY A 43 -9.45 6.92 -1.58
N LEU A 44 -9.55 5.93 -0.68
CA LEU A 44 -8.61 5.81 0.43
C LEU A 44 -7.24 5.49 -0.14
N CYS A 45 -7.15 4.44 -0.96
CA CYS A 45 -5.94 4.02 -1.65
C CYS A 45 -5.26 5.21 -2.34
N LYS A 46 -5.94 5.93 -3.24
CA LYS A 46 -5.30 7.04 -3.95
C LYS A 46 -4.83 8.13 -2.98
N LYS A 47 -5.60 8.46 -1.92
CA LYS A 47 -5.13 9.41 -0.91
C LYS A 47 -3.88 8.88 -0.21
N ILE A 48 -3.86 7.63 0.27
CA ILE A 48 -2.76 6.98 0.97
C ILE A 48 -1.50 7.10 0.10
N MET A 49 -1.59 6.65 -1.15
CA MET A 49 -0.49 6.66 -2.10
C MET A 49 0.00 8.08 -2.32
N ARG A 50 -0.83 9.08 -2.59
CA ARG A 50 -0.30 10.44 -2.80
C ARG A 50 0.41 10.88 -1.51
N SER A 51 -0.23 10.70 -0.35
CA SER A 51 0.25 11.17 0.93
C SER A 51 1.62 10.58 1.26
N PHE A 52 1.80 9.27 1.15
CA PHE A 52 2.99 8.55 1.57
C PHE A 52 3.55 7.70 0.41
N LEU A 53 3.73 8.30 -0.77
CA LEU A 53 4.11 7.57 -1.98
C LEU A 53 5.42 6.82 -1.79
N ARG A 54 6.55 7.52 -1.61
CA ARG A 54 7.83 6.83 -1.54
C ARG A 54 7.94 5.97 -0.27
N ARG A 55 7.07 6.18 0.74
CA ARG A 55 7.06 5.29 1.89
C ARG A 55 6.57 3.93 1.38
N ILE A 56 5.43 3.85 0.67
CA ILE A 56 4.92 2.57 0.20
C ILE A 56 5.95 1.86 -0.69
N SER A 57 6.82 2.62 -1.38
CA SER A 57 7.91 2.03 -2.13
C SER A 57 8.93 1.44 -1.14
N TRP A 58 9.55 2.23 -0.25
CA TRP A 58 10.52 1.73 0.75
C TRP A 58 10.00 0.46 1.41
N ASP A 59 8.76 0.51 1.88
CA ASP A 59 8.10 -0.60 2.53
C ASP A 59 8.20 -1.88 1.72
N ILE A 60 7.62 -1.86 0.53
CA ILE A 60 7.58 -2.96 -0.41
C ILE A 60 8.98 -3.39 -0.88
N LEU A 61 9.88 -2.44 -1.16
CA LEU A 61 11.29 -2.67 -1.50
C LEU A 61 11.98 -3.47 -0.39
N THR A 62 11.78 -3.09 0.87
CA THR A 62 12.32 -3.81 2.03
C THR A 62 11.48 -5.05 2.37
N GLY A 63 10.54 -5.44 1.50
CA GLY A 63 9.58 -6.51 1.64
C GLY A 63 8.97 -6.57 3.03
N LYS A 64 8.51 -5.43 3.57
CA LYS A 64 7.99 -5.43 4.93
C LYS A 64 6.52 -5.78 4.77
N LYS A 65 6.01 -6.55 5.72
CA LYS A 65 4.64 -7.08 5.60
C LYS A 65 3.59 -5.98 5.81
N PRO A 66 2.35 -6.15 5.33
CA PRO A 66 1.30 -5.12 5.35
C PRO A 66 0.97 -4.63 6.75
N GLN A 67 0.73 -5.55 7.70
CA GLN A 67 0.45 -5.18 9.09
C GLN A 67 1.57 -4.28 9.63
N ALA A 68 2.82 -4.60 9.31
CA ALA A 68 3.96 -3.88 9.84
C ALA A 68 4.14 -2.56 9.08
N ILE A 69 3.81 -2.50 7.78
CA ILE A 69 3.82 -1.27 7.01
C ILE A 69 2.88 -0.25 7.67
N CYS A 70 1.62 -0.62 7.83
CA CYS A 70 0.55 0.19 8.41
C CYS A 70 0.92 0.64 9.83
N VAL A 71 1.56 -0.20 10.63
CA VAL A 71 2.04 0.24 11.94
C VAL A 71 3.14 1.30 11.73
N ASP A 72 4.18 1.04 10.92
CA ASP A 72 5.35 1.93 10.74
C ASP A 72 4.96 3.33 10.27
N ILE A 73 4.12 3.40 9.24
CA ILE A 73 3.68 4.69 8.67
C ILE A 73 2.56 5.34 9.49
N LYS A 74 2.15 4.69 10.57
CA LYS A 74 1.21 5.09 11.61
C LYS A 74 -0.18 5.31 11.06
N ILE A 75 -0.76 4.19 10.63
CA ILE A 75 -2.11 4.06 10.09
C ILE A 75 -2.86 2.97 10.88
N CYS A 76 -2.18 2.06 11.59
CA CYS A 76 -2.84 0.94 12.23
C CYS A 76 -3.42 1.33 13.59
N LYS A 77 -2.61 1.24 14.65
CA LYS A 77 -2.87 1.67 16.02
C LYS A 77 -1.55 1.61 16.79
N GLU A 78 -0.60 2.45 16.38
CA GLU A 78 0.63 2.57 17.15
C GLU A 78 0.18 3.15 18.49
N GLY A 1 -7.60 1.29 14.30
CA GLY A 1 -8.33 2.15 13.34
C GLY A 1 -8.88 1.33 12.18
N TYR A 2 -10.03 1.73 11.59
CA TYR A 2 -10.55 1.18 10.31
C TYR A 2 -9.48 1.16 9.22
N PHE A 3 -8.64 2.21 9.22
CA PHE A 3 -7.49 2.31 8.35
C PHE A 3 -6.60 1.08 8.37
N CYS A 4 -6.38 0.43 9.51
CA CYS A 4 -5.43 -0.67 9.61
C CYS A 4 -5.76 -1.83 8.68
N GLU A 5 -6.95 -2.43 8.77
CA GLU A 5 -7.31 -3.56 7.91
C GLU A 5 -7.32 -3.06 6.46
N SER A 6 -7.98 -1.94 6.21
CA SER A 6 -8.04 -1.30 4.89
C SER A 6 -6.63 -1.17 4.27
N CYS A 7 -5.68 -0.58 5.00
CA CYS A 7 -4.28 -0.41 4.65
C CYS A 7 -3.62 -1.77 4.40
N ARG A 8 -3.82 -2.74 5.30
CA ARG A 8 -3.35 -4.11 5.10
C ARG A 8 -3.82 -4.63 3.76
N LYS A 9 -5.12 -4.53 3.46
CA LYS A 9 -5.72 -5.03 2.23
C LYS A 9 -5.18 -4.29 1.01
N ILE A 10 -4.99 -2.97 1.12
CA ILE A 10 -4.40 -2.10 0.12
C ILE A 10 -3.00 -2.57 -0.22
N ILE A 11 -2.12 -2.74 0.78
CA ILE A 11 -0.79 -3.30 0.55
C ILE A 11 -0.92 -4.70 -0.01
N GLN A 12 -1.77 -5.58 0.53
CA GLN A 12 -1.83 -6.97 0.11
C GLN A 12 -2.09 -7.11 -1.38
N LYS A 13 -3.09 -6.41 -1.96
CA LYS A 13 -3.30 -6.56 -3.40
C LYS A 13 -2.16 -5.94 -4.21
N LEU A 14 -1.47 -4.92 -3.69
CA LEU A 14 -0.29 -4.37 -4.36
C LEU A 14 0.83 -5.41 -4.36
N GLU A 15 1.12 -5.96 -3.20
CA GLU A 15 2.15 -6.94 -2.89
C GLU A 15 1.96 -8.18 -3.77
N ASP A 16 0.72 -8.69 -3.81
CA ASP A 16 0.25 -9.78 -4.68
C ASP A 16 0.56 -9.50 -6.15
N MET A 17 0.18 -8.33 -6.64
CA MET A 17 0.33 -8.05 -8.07
C MET A 17 1.77 -7.74 -8.45
N VAL A 18 2.43 -6.82 -7.74
CA VAL A 18 3.81 -6.48 -8.09
C VAL A 18 4.72 -7.72 -7.93
N GLY A 19 4.37 -8.60 -6.98
CA GLY A 19 5.07 -9.83 -6.68
C GLY A 19 6.32 -9.57 -5.83
N PRO A 20 7.14 -10.61 -5.59
CA PRO A 20 8.37 -10.48 -4.84
C PRO A 20 9.42 -9.75 -5.68
N GLN A 21 10.41 -9.24 -4.96
CA GLN A 21 11.53 -8.43 -5.43
C GLN A 21 11.15 -7.49 -6.59
N PRO A 22 10.19 -6.57 -6.38
CA PRO A 22 9.78 -5.62 -7.42
C PRO A 22 10.82 -4.49 -7.52
N ASN A 23 10.48 -3.42 -8.24
CA ASN A 23 11.34 -2.26 -8.46
C ASN A 23 10.47 -1.02 -8.33
N GLU A 24 11.11 0.05 -7.88
CA GLU A 24 10.58 1.36 -7.51
C GLU A 24 9.50 1.93 -8.43
N ASP A 25 9.64 1.80 -9.75
CA ASP A 25 8.62 2.30 -10.67
C ASP A 25 7.39 1.41 -10.60
N THR A 26 7.59 0.11 -10.81
CA THR A 26 6.49 -0.85 -10.90
C THR A 26 5.66 -0.80 -9.62
N VAL A 27 6.27 -0.66 -8.44
CA VAL A 27 5.51 -0.48 -7.22
C VAL A 27 4.72 0.83 -7.28
N THR A 28 5.34 1.95 -7.66
CA THR A 28 4.70 3.26 -7.76
C THR A 28 3.47 3.22 -8.70
N GLN A 29 3.61 2.68 -9.91
CA GLN A 29 2.51 2.58 -10.86
C GLN A 29 1.47 1.56 -10.37
N ALA A 30 1.90 0.35 -10.01
CA ALA A 30 0.99 -0.72 -9.60
C ALA A 30 0.22 -0.33 -8.35
N ALA A 31 0.75 0.52 -7.47
CA ALA A 31 0.09 1.00 -6.26
C ALA A 31 -0.90 2.12 -6.58
N SER A 32 -0.52 3.15 -7.32
CA SER A 32 -1.47 4.20 -7.66
C SER A 32 -2.68 3.62 -8.39
N GLN A 33 -2.48 2.55 -9.15
CA GLN A 33 -3.53 1.81 -9.81
C GLN A 33 -4.08 0.66 -8.94
N VAL A 34 -3.37 0.17 -7.89
CA VAL A 34 -3.91 -0.85 -6.97
C VAL A 34 -5.20 -0.26 -6.41
N CYS A 35 -5.12 1.02 -6.07
CA CYS A 35 -6.21 1.78 -5.50
C CYS A 35 -7.28 1.94 -6.54
N ASP A 36 -6.88 2.37 -7.72
CA ASP A 36 -7.81 2.58 -8.82
C ASP A 36 -8.68 1.33 -9.07
N LYS A 37 -8.04 0.16 -9.04
CA LYS A 37 -8.56 -1.17 -9.31
C LYS A 37 -9.44 -1.65 -8.16
N LEU A 38 -9.06 -1.36 -6.91
CA LEU A 38 -9.83 -1.73 -5.72
C LEU A 38 -11.04 -0.80 -5.70
N LYS A 39 -12.20 -1.29 -6.16
CA LYS A 39 -13.37 -0.41 -6.28
C LYS A 39 -13.96 -0.23 -4.89
N ILE A 40 -14.73 0.86 -4.70
CA ILE A 40 -15.28 1.33 -3.42
C ILE A 40 -14.13 1.87 -2.57
N LEU A 41 -13.12 1.05 -2.31
CA LEU A 41 -12.00 1.33 -1.42
C LEU A 41 -10.89 2.15 -2.12
N ARG A 42 -11.18 2.62 -3.35
CA ARG A 42 -10.37 3.51 -4.17
C ARG A 42 -10.10 4.82 -3.42
N GLY A 43 -11.09 5.35 -2.70
CA GLY A 43 -10.95 6.61 -1.99
C GLY A 43 -9.83 6.55 -0.95
N LEU A 44 -9.85 5.53 -0.09
CA LEU A 44 -8.92 5.40 1.03
C LEU A 44 -7.52 5.24 0.45
N CYS A 45 -7.33 4.20 -0.38
CA CYS A 45 -6.09 3.91 -1.05
C CYS A 45 -5.55 5.11 -1.83
N LYS A 46 -6.32 5.74 -2.73
CA LYS A 46 -5.80 6.90 -3.48
C LYS A 46 -5.34 8.00 -2.52
N LYS A 47 -6.03 8.27 -1.41
CA LYS A 47 -5.51 9.23 -0.43
C LYS A 47 -4.17 8.74 0.13
N ILE A 48 -4.05 7.48 0.56
CA ILE A 48 -2.83 6.91 1.15
C ILE A 48 -1.70 7.15 0.16
N MET A 49 -1.85 6.69 -1.08
CA MET A 49 -0.85 6.82 -2.13
C MET A 49 -0.54 8.29 -2.39
N ARG A 50 -1.53 9.16 -2.64
CA ARG A 50 -1.24 10.58 -2.93
C ARG A 50 -0.44 11.23 -1.80
N SER A 51 -0.68 10.79 -0.58
CA SER A 51 -0.04 11.32 0.62
C SER A 51 1.34 10.69 0.88
N PHE A 52 1.57 9.41 0.56
CA PHE A 52 2.80 8.71 0.91
C PHE A 52 3.29 7.72 -0.18
N LEU A 53 3.18 8.04 -1.48
CA LEU A 53 3.49 7.07 -2.55
C LEU A 53 4.92 6.52 -2.48
N ARG A 54 5.94 7.38 -2.52
CA ARG A 54 7.33 6.93 -2.41
C ARG A 54 7.57 6.11 -1.14
N ARG A 55 6.85 6.38 -0.02
CA ARG A 55 6.97 5.54 1.15
C ARG A 55 6.36 4.18 0.86
N ILE A 56 5.15 4.09 0.29
CA ILE A 56 4.56 2.79 0.01
C ILE A 56 5.49 1.95 -0.89
N SER A 57 6.27 2.59 -1.76
CA SER A 57 7.25 1.88 -2.57
C SER A 57 8.36 1.34 -1.67
N TRP A 58 9.04 2.19 -0.87
CA TRP A 58 10.03 1.75 0.13
C TRP A 58 9.51 0.56 0.94
N ASP A 59 8.29 0.68 1.44
CA ASP A 59 7.62 -0.35 2.21
C ASP A 59 7.65 -1.70 1.49
N ILE A 60 7.17 -1.79 0.24
CA ILE A 60 7.27 -3.05 -0.52
C ILE A 60 8.74 -3.44 -0.75
N LEU A 61 9.59 -2.50 -1.18
CA LEU A 61 10.98 -2.75 -1.55
C LEU A 61 11.80 -3.33 -0.39
N THR A 62 11.52 -2.92 0.86
CA THR A 62 12.14 -3.49 2.06
C THR A 62 11.46 -4.79 2.50
N GLY A 63 10.66 -5.41 1.61
CA GLY A 63 9.81 -6.57 1.80
C GLY A 63 9.12 -6.54 3.14
N LYS A 64 8.52 -5.39 3.50
CA LYS A 64 7.95 -5.28 4.83
C LYS A 64 6.52 -5.80 4.72
N LYS A 65 6.05 -6.50 5.74
CA LYS A 65 4.70 -7.06 5.71
C LYS A 65 3.62 -5.98 5.84
N PRO A 66 2.38 -6.24 5.40
CA PRO A 66 1.30 -5.26 5.34
C PRO A 66 0.87 -4.74 6.70
N GLN A 67 0.58 -5.63 7.66
CA GLN A 67 0.23 -5.25 9.02
C GLN A 67 1.32 -4.36 9.63
N ALA A 68 2.59 -4.64 9.30
CA ALA A 68 3.70 -3.92 9.87
C ALA A 68 3.81 -2.57 9.17
N ILE A 69 3.65 -2.50 7.84
CA ILE A 69 3.65 -1.25 7.07
C ILE A 69 2.65 -0.25 7.67
N CYS A 70 1.42 -0.67 7.92
CA CYS A 70 0.42 0.22 8.48
C CYS A 70 0.80 0.75 9.87
N VAL A 71 1.40 -0.05 10.76
CA VAL A 71 1.88 0.45 12.04
C VAL A 71 3.13 1.34 11.85
N ASP A 72 4.04 0.97 10.95
CA ASP A 72 5.29 1.62 10.55
C ASP A 72 5.16 3.09 10.18
N ILE A 73 4.34 3.45 9.19
CA ILE A 73 4.09 4.87 8.85
C ILE A 73 2.93 5.48 9.65
N LYS A 74 2.36 4.65 10.51
CA LYS A 74 1.36 4.83 11.52
C LYS A 74 0.04 5.36 10.95
N ILE A 75 -0.61 4.40 10.34
CA ILE A 75 -1.87 4.35 9.60
C ILE A 75 -2.80 3.37 10.32
N CYS A 76 -2.31 2.48 11.18
CA CYS A 76 -3.19 1.45 11.72
C CYS A 76 -4.03 1.99 12.89
N LYS A 77 -3.50 2.98 13.60
CA LYS A 77 -4.12 3.61 14.75
C LYS A 77 -4.41 2.62 15.84
N GLU A 78 -3.33 2.38 16.55
CA GLU A 78 -3.06 1.64 17.74
C GLU A 78 -3.94 2.32 18.78
N GLY A 1 -7.98 4.73 12.91
CA GLY A 1 -8.84 3.55 13.05
C GLY A 1 -9.62 3.27 11.77
N TYR A 2 -10.15 2.05 11.57
CA TYR A 2 -10.63 1.44 10.30
C TYR A 2 -9.50 1.30 9.27
N PHE A 3 -8.66 2.32 9.18
CA PHE A 3 -7.46 2.41 8.40
C PHE A 3 -6.61 1.14 8.44
N CYS A 4 -6.50 0.44 9.59
CA CYS A 4 -5.70 -0.77 9.66
C CYS A 4 -6.12 -1.79 8.61
N GLU A 5 -7.41 -2.19 8.62
CA GLU A 5 -7.91 -3.23 7.74
C GLU A 5 -7.76 -2.75 6.30
N SER A 6 -8.23 -1.51 6.04
CA SER A 6 -8.11 -0.89 4.73
C SER A 6 -6.68 -1.01 4.21
N CYS A 7 -5.70 -0.55 4.99
CA CYS A 7 -4.29 -0.55 4.67
C CYS A 7 -3.76 -1.97 4.46
N ARG A 8 -4.12 -2.90 5.35
CA ARG A 8 -3.67 -4.29 5.24
C ARG A 8 -4.12 -4.85 3.90
N LYS A 9 -5.40 -4.71 3.56
CA LYS A 9 -5.97 -5.16 2.30
C LYS A 9 -5.29 -4.46 1.12
N ILE A 10 -5.12 -3.14 1.20
CA ILE A 10 -4.51 -2.30 0.17
C ILE A 10 -3.09 -2.78 -0.13
N ILE A 11 -2.22 -2.90 0.88
CA ILE A 11 -0.88 -3.41 0.68
C ILE A 11 -0.95 -4.84 0.16
N GLN A 12 -1.71 -5.75 0.79
CA GLN A 12 -1.71 -7.15 0.40
C GLN A 12 -2.03 -7.35 -1.08
N LYS A 13 -3.09 -6.73 -1.64
CA LYS A 13 -3.34 -6.94 -3.07
C LYS A 13 -2.27 -6.27 -3.94
N LEU A 14 -1.65 -5.18 -3.48
CA LEU A 14 -0.54 -4.58 -4.23
C LEU A 14 0.64 -5.54 -4.25
N GLU A 15 1.05 -6.02 -3.08
CA GLU A 15 2.17 -6.91 -2.81
C GLU A 15 2.03 -8.18 -3.65
N ASP A 16 0.82 -8.75 -3.68
CA ASP A 16 0.42 -9.87 -4.51
C ASP A 16 0.66 -9.58 -5.99
N MET A 17 0.19 -8.45 -6.49
CA MET A 17 0.27 -8.16 -7.92
C MET A 17 1.68 -7.77 -8.34
N VAL A 18 2.31 -6.81 -7.66
CA VAL A 18 3.65 -6.37 -8.02
C VAL A 18 4.65 -7.54 -7.86
N GLY A 19 4.35 -8.47 -6.94
CA GLY A 19 5.13 -9.64 -6.62
C GLY A 19 6.26 -9.32 -5.64
N PRO A 20 7.04 -10.34 -5.23
CA PRO A 20 8.07 -10.19 -4.19
C PRO A 20 9.37 -9.54 -4.63
N GLN A 21 9.49 -9.18 -5.91
CA GLN A 21 10.71 -8.63 -6.51
C GLN A 21 10.38 -7.46 -7.45
N PRO A 22 9.75 -6.38 -6.96
CA PRO A 22 9.41 -5.24 -7.79
C PRO A 22 10.55 -4.21 -7.81
N ASN A 23 10.30 -3.03 -8.40
CA ASN A 23 11.20 -1.90 -8.40
C ASN A 23 10.36 -0.63 -8.18
N GLU A 24 11.02 0.45 -7.77
CA GLU A 24 10.47 1.77 -7.45
C GLU A 24 9.40 2.29 -8.44
N ASP A 25 9.58 2.09 -9.75
CA ASP A 25 8.58 2.48 -10.74
C ASP A 25 7.39 1.53 -10.66
N THR A 26 7.65 0.24 -10.81
CA THR A 26 6.58 -0.74 -10.89
C THR A 26 5.71 -0.70 -9.62
N VAL A 27 6.28 -0.43 -8.44
CA VAL A 27 5.47 -0.23 -7.24
C VAL A 27 4.64 1.04 -7.40
N THR A 28 5.24 2.15 -7.84
CA THR A 28 4.57 3.43 -8.03
C THR A 28 3.35 3.28 -8.96
N GLN A 29 3.54 2.71 -10.14
CA GLN A 29 2.44 2.54 -11.10
C GLN A 29 1.44 1.51 -10.57
N ALA A 30 1.91 0.32 -10.17
CA ALA A 30 1.03 -0.75 -9.76
C ALA A 30 0.21 -0.37 -8.55
N ALA A 31 0.74 0.43 -7.61
CA ALA A 31 0.03 0.84 -6.39
C ALA A 31 -0.93 1.98 -6.67
N SER A 32 -0.54 3.04 -7.37
CA SER A 32 -1.49 4.11 -7.68
C SER A 32 -2.71 3.58 -8.44
N GLN A 33 -2.51 2.53 -9.24
CA GLN A 33 -3.58 1.83 -9.91
C GLN A 33 -4.12 0.65 -9.08
N VAL A 34 -3.41 0.12 -8.07
CA VAL A 34 -3.96 -0.91 -7.18
C VAL A 34 -5.20 -0.31 -6.54
N CYS A 35 -5.09 0.98 -6.20
CA CYS A 35 -6.13 1.73 -5.58
C CYS A 35 -7.25 1.89 -6.58
N ASP A 36 -6.90 2.34 -7.80
CA ASP A 36 -7.90 2.48 -8.84
C ASP A 36 -8.74 1.20 -9.05
N LYS A 37 -8.05 0.05 -9.06
CA LYS A 37 -8.53 -1.31 -9.34
C LYS A 37 -9.35 -1.83 -8.15
N LEU A 38 -8.95 -1.51 -6.92
CA LEU A 38 -9.67 -1.79 -5.68
C LEU A 38 -10.80 -0.76 -5.59
N LYS A 39 -11.96 -1.05 -6.18
CA LYS A 39 -13.07 -0.08 -6.18
C LYS A 39 -13.73 -0.12 -4.81
N ILE A 40 -14.53 0.92 -4.51
CA ILE A 40 -15.17 1.21 -3.22
C ILE A 40 -14.06 1.82 -2.36
N LEU A 41 -12.96 1.09 -2.17
CA LEU A 41 -11.82 1.50 -1.36
C LEU A 41 -10.84 2.40 -2.16
N ARG A 42 -11.27 2.83 -3.36
CA ARG A 42 -10.53 3.60 -4.37
C ARG A 42 -10.04 4.89 -3.75
N GLY A 43 -10.95 5.67 -3.16
CA GLY A 43 -10.63 6.92 -2.49
C GLY A 43 -9.68 6.76 -1.30
N LEU A 44 -9.75 5.64 -0.56
CA LEU A 44 -8.98 5.45 0.66
C LEU A 44 -7.53 5.24 0.24
N CYS A 45 -7.28 4.19 -0.54
CA CYS A 45 -6.02 3.89 -1.15
C CYS A 45 -5.44 5.09 -1.89
N LYS A 46 -6.16 5.69 -2.86
CA LYS A 46 -5.61 6.81 -3.62
C LYS A 46 -5.20 7.96 -2.68
N LYS A 47 -5.96 8.27 -1.62
CA LYS A 47 -5.55 9.32 -0.68
C LYS A 47 -4.27 8.93 0.08
N ILE A 48 -4.09 7.68 0.50
CA ILE A 48 -2.85 7.21 1.11
C ILE A 48 -1.71 7.44 0.12
N MET A 49 -1.81 6.90 -1.09
CA MET A 49 -0.78 6.95 -2.11
C MET A 49 -0.45 8.41 -2.47
N ARG A 50 -1.43 9.32 -2.53
CA ARG A 50 -1.18 10.75 -2.76
C ARG A 50 -0.17 11.30 -1.75
N SER A 51 -0.36 10.99 -0.48
CA SER A 51 0.46 11.58 0.57
C SER A 51 1.67 10.74 0.98
N PHE A 52 1.74 9.46 0.60
CA PHE A 52 2.79 8.56 1.05
C PHE A 52 3.25 7.63 -0.09
N LEU A 53 3.35 8.13 -1.32
CA LEU A 53 3.65 7.29 -2.48
C LEU A 53 4.97 6.54 -2.28
N ARG A 54 6.10 7.26 -2.22
CA ARG A 54 7.39 6.57 -2.15
C ARG A 54 7.53 5.83 -0.81
N ARG A 55 6.75 6.15 0.24
CA ARG A 55 6.78 5.36 1.45
C ARG A 55 6.27 3.95 1.09
N ILE A 56 5.11 3.83 0.44
CA ILE A 56 4.57 2.53 0.06
C ILE A 56 5.57 1.78 -0.83
N SER A 57 6.38 2.48 -1.62
CA SER A 57 7.40 1.84 -2.42
C SER A 57 8.51 1.28 -1.53
N TRP A 58 9.15 2.10 -0.69
CA TRP A 58 10.14 1.64 0.30
C TRP A 58 9.61 0.41 1.05
N ASP A 59 8.36 0.48 1.51
CA ASP A 59 7.70 -0.61 2.22
C ASP A 59 7.82 -1.92 1.47
N ILE A 60 7.35 -1.97 0.21
CA ILE A 60 7.47 -3.18 -0.60
C ILE A 60 8.94 -3.54 -0.81
N LEU A 61 9.78 -2.56 -1.20
CA LEU A 61 11.18 -2.75 -1.56
C LEU A 61 12.02 -3.31 -0.40
N THR A 62 11.66 -3.01 0.85
CA THR A 62 12.30 -3.58 2.04
C THR A 62 11.58 -4.87 2.50
N GLY A 63 10.76 -5.45 1.63
CA GLY A 63 9.88 -6.59 1.85
C GLY A 63 9.22 -6.57 3.21
N LYS A 64 8.64 -5.44 3.63
CA LYS A 64 8.12 -5.36 4.98
C LYS A 64 6.69 -5.88 4.90
N LYS A 65 6.26 -6.59 5.93
CA LYS A 65 4.91 -7.16 5.92
C LYS A 65 3.85 -6.06 6.10
N PRO A 66 2.60 -6.28 5.69
CA PRO A 66 1.53 -5.28 5.68
C PRO A 66 1.24 -4.73 7.08
N GLN A 67 1.07 -5.63 8.05
CA GLN A 67 0.68 -5.28 9.40
C GLN A 67 1.71 -4.30 9.99
N ALA A 68 3.00 -4.52 9.71
CA ALA A 68 4.07 -3.66 10.18
C ALA A 68 4.16 -2.41 9.30
N ILE A 69 3.96 -2.51 7.98
CA ILE A 69 3.96 -1.35 7.09
C ILE A 69 2.99 -0.30 7.63
N CYS A 70 1.73 -0.69 7.80
CA CYS A 70 0.66 0.19 8.22
C CYS A 70 0.97 0.81 9.59
N VAL A 71 1.57 0.10 10.55
CA VAL A 71 1.97 0.79 11.78
C VAL A 71 3.13 1.76 11.55
N ASP A 72 4.17 1.39 10.77
CA ASP A 72 5.35 2.24 10.51
C ASP A 72 4.91 3.62 9.98
N ILE A 73 4.03 3.61 8.99
CA ILE A 73 3.51 4.83 8.38
C ILE A 73 2.30 5.43 9.13
N LYS A 74 1.87 4.77 10.21
CA LYS A 74 0.84 5.13 11.19
C LYS A 74 -0.56 5.19 10.59
N ILE A 75 -1.10 4.00 10.33
CA ILE A 75 -2.38 3.72 9.72
C ILE A 75 -3.06 2.50 10.39
N CYS A 76 -2.34 1.63 11.11
CA CYS A 76 -2.96 0.47 11.78
C CYS A 76 -3.14 0.65 13.28
N LYS A 77 -2.25 0.11 14.12
CA LYS A 77 -2.27 0.35 15.56
C LYS A 77 -1.47 1.65 15.70
N GLU A 78 -2.08 2.69 15.13
CA GLU A 78 -1.63 4.07 15.08
C GLU A 78 -1.10 4.51 16.45
#